data_5MHM
#
_entry.id   5MHM
#
_cell.length_a   56.912
_cell.length_b   80.715
_cell.length_c   103.190
_cell.angle_alpha   88.44
_cell.angle_beta   76.60
_cell.angle_gamma   81.79
#
_symmetry.space_group_name_H-M   'P 1'
#
loop_
_entity.id
_entity.type
_entity.pdbx_description
1 polymer 'Coagulation factor XIII A chain'
2 polymer 'inhibitor ZED1630'
3 non-polymer 'CALCIUM ION'
4 non-polymer GLYCEROL
5 non-polymer 'CHLORIDE ION'
6 non-polymer 'SULFATE ION'
7 water water
#
loop_
_entity_poly.entity_id
_entity_poly.type
_entity_poly.pdbx_seq_one_letter_code
_entity_poly.pdbx_strand_id
1 'polypeptide(L)'
;MHHHHHHSETSRTAFGGRRAVPPNNSNAAEDDLPTVELQGVVPRGVNLQEFLNVTSVHLFKERWDTNKVDHHTDKYENNK
LIVRRGQSFYVQIDFSRPYDPRRDLFRVEYVIGRYPQENKGTYIPVPIVSELQSGKWGAKIVMREDRSVRLSIQSSPKCI
VGKFRMYVAVWTPYGVLRTSRNPETDTYILFNPWCEDDAVYLDNEKEREEYVLNDIGVIFYGEVNDIKTRSWSYGQFEDG
ILDTCLYVMDRAQMDLSGRGNPIKVSRVGSAMVNAKDDEGVLVGSWDNIYAYGVPPSAWTGSVDILLEYRSSENPVRYGQ
CWVFAGVFNTFLRCLGIPARIVTNYFSAHDNDANLQMDIFLEEDGNVNSKLTKDSVWNYHCWNEAWMTRPDLPVGFGGWQ
AVDSTPQENSDGMYRCGPASVQAIKHGHVCFQFDAPFVFAEVNSDLIYITAKKDGTHVVENVDATHIGKLIVTKQIGGDG
MMDITDTYKFQEGQEEERLALETALMYGAKKPLNTEGVMKSRSNVDMDFEVENAVLGKDFKLSITFRNNSHNRYTITAYL
SANITFYTGVPKAEFKKETFDVTLEPLSFKKEAVLIQAGEYMGQLLEQASLHFFVTARINETRDVLAKQKSTVLTIPEII
IKVRGTQVVGSDMTVIVEFTNPLKETLRNVWVHLDGPGVTRPMKKMFREIRPNSTVQWEEVCRPWVSGHRKLIASMSSDS
LRHVYGELDVQIQRRPSM
;
A,B
2 'polypeptide(L)' (7NW)(1TX)(NLE)ILPW(NH2) H,O
#
# COMPACT_ATOMS: atom_id res chain seq x y z
N PRO A 22 14.63 -26.72 -55.26
CA PRO A 22 14.58 -25.36 -55.83
C PRO A 22 13.71 -24.45 -54.97
N PRO A 23 14.28 -23.37 -54.45
CA PRO A 23 13.62 -22.63 -53.37
C PRO A 23 12.29 -22.01 -53.80
N ASN A 24 11.26 -22.21 -52.99
CA ASN A 24 9.97 -21.56 -53.20
C ASN A 24 9.96 -20.29 -52.36
N ASN A 25 10.66 -19.26 -52.86
CA ASN A 25 10.90 -18.05 -52.09
C ASN A 25 10.30 -16.80 -52.73
N SER A 26 9.28 -16.93 -53.59
CA SER A 26 8.66 -15.75 -54.17
C SER A 26 7.14 -15.91 -54.19
N ASN A 27 6.46 -15.03 -53.47
CA ASN A 27 4.99 -14.97 -53.55
C ASN A 27 4.53 -14.54 -54.93
N ALA A 28 5.32 -13.70 -55.62
CA ALA A 28 4.90 -13.18 -56.91
C ALA A 28 4.89 -14.27 -57.99
N ALA A 29 5.84 -15.19 -57.95
CA ALA A 29 5.90 -16.28 -58.92
C ALA A 29 4.75 -17.26 -58.70
N GLU A 30 4.28 -17.86 -59.78
CA GLU A 30 3.20 -18.83 -59.68
C GLU A 30 3.41 -19.97 -60.67
N ASP A 31 2.94 -21.15 -60.29
CA ASP A 31 2.88 -22.27 -61.23
C ASP A 31 1.51 -22.31 -61.91
N ASP A 32 1.42 -23.11 -62.96
CA ASP A 32 0.24 -23.21 -63.79
C ASP A 32 -0.43 -24.54 -63.50
N LEU A 33 -1.56 -24.51 -62.77
CA LEU A 33 -2.25 -25.75 -62.41
C LEU A 33 -3.17 -26.17 -63.56
N PRO A 34 -3.12 -27.42 -64.00
CA PRO A 34 -3.98 -27.84 -65.11
C PRO A 34 -5.44 -27.81 -64.73
N THR A 35 -6.28 -27.53 -65.72
CA THR A 35 -7.71 -27.49 -65.53
C THR A 35 -8.35 -28.83 -65.85
N VAL A 36 -7.77 -29.62 -66.74
CA VAL A 36 -8.23 -30.97 -67.05
C VAL A 36 -7.08 -31.92 -66.72
N GLU A 37 -7.00 -32.34 -65.46
CA GLU A 37 -5.84 -33.08 -64.99
C GLU A 37 -6.09 -34.59 -65.13
N LEU A 38 -6.12 -35.04 -66.38
CA LEU A 38 -6.39 -36.43 -66.69
C LEU A 38 -5.22 -37.34 -66.29
N GLN A 39 -5.56 -38.57 -65.92
CA GLN A 39 -4.61 -39.55 -65.39
C GLN A 39 -4.72 -40.84 -66.19
N GLY A 40 -3.58 -41.41 -66.56
CA GLY A 40 -3.61 -42.63 -67.33
C GLY A 40 -4.01 -42.41 -68.78
N VAL A 41 -4.42 -43.49 -69.43
CA VAL A 41 -4.83 -43.48 -70.83
C VAL A 41 -6.34 -43.39 -70.92
N VAL A 42 -6.88 -42.20 -70.73
CA VAL A 42 -8.33 -41.99 -70.76
C VAL A 42 -8.85 -42.24 -72.18
N PRO A 43 -9.87 -43.08 -72.36
CA PRO A 43 -10.37 -43.36 -73.71
C PRO A 43 -11.00 -42.14 -74.39
N ARG A 44 -10.84 -42.07 -75.71
CA ARG A 44 -11.58 -41.07 -76.48
C ARG A 44 -13.07 -41.31 -76.27
N GLY A 45 -13.82 -40.22 -76.14
CA GLY A 45 -15.26 -40.33 -76.00
C GLY A 45 -15.74 -40.26 -74.56
N VAL A 46 -14.84 -40.08 -73.60
CA VAL A 46 -15.28 -39.86 -72.23
C VAL A 46 -16.22 -38.67 -72.20
N ASN A 47 -17.22 -38.72 -71.33
CA ASN A 47 -18.15 -37.61 -71.20
C ASN A 47 -17.98 -37.00 -69.81
N LEU A 48 -17.22 -35.91 -69.73
CA LEU A 48 -17.01 -35.24 -68.46
C LEU A 48 -18.20 -34.40 -68.00
N GLN A 49 -19.25 -34.25 -68.83
CA GLN A 49 -20.42 -33.50 -68.41
C GLN A 49 -21.12 -34.13 -67.20
N GLU A 50 -20.84 -35.41 -66.91
CA GLU A 50 -21.36 -36.08 -65.72
C GLU A 50 -21.00 -35.36 -64.44
N PHE A 51 -19.95 -34.56 -64.43
CA PHE A 51 -19.31 -34.09 -63.21
C PHE A 51 -19.57 -32.61 -62.98
N LEU A 52 -19.52 -32.18 -61.72
CA LEU A 52 -19.72 -30.78 -61.42
C LEU A 52 -18.70 -29.92 -62.15
N ASN A 53 -19.14 -28.76 -62.63
CA ASN A 53 -18.20 -27.71 -62.94
C ASN A 53 -18.68 -26.41 -62.26
N VAL A 54 -17.72 -25.54 -61.99
CA VAL A 54 -17.97 -24.32 -61.27
C VAL A 54 -18.38 -23.25 -62.27
N THR A 55 -19.54 -22.63 -62.04
CA THR A 55 -19.97 -21.51 -62.87
C THR A 55 -19.60 -20.17 -62.26
N SER A 56 -19.36 -20.12 -60.94
CA SER A 56 -19.05 -18.84 -60.32
C SER A 56 -18.59 -19.07 -58.89
N VAL A 57 -17.72 -18.18 -58.40
CA VAL A 57 -17.22 -18.21 -57.02
C VAL A 57 -17.41 -16.84 -56.41
N HIS A 58 -18.07 -16.77 -55.26
CA HIS A 58 -18.31 -15.51 -54.56
C HIS A 58 -17.52 -15.53 -53.25
N LEU A 59 -16.71 -14.49 -53.03
CA LEU A 59 -15.94 -14.38 -51.81
C LEU A 59 -16.54 -13.41 -50.80
N PHE A 60 -17.65 -12.77 -51.13
CA PHE A 60 -18.26 -11.77 -50.24
C PHE A 60 -17.19 -10.83 -49.71
N LYS A 61 -16.44 -10.22 -50.63
CA LYS A 61 -15.22 -9.52 -50.27
C LYS A 61 -15.37 -8.01 -50.23
N GLU A 62 -16.60 -7.49 -50.25
CA GLU A 62 -16.78 -6.05 -50.12
C GLU A 62 -16.34 -5.60 -48.74
N ARG A 63 -15.92 -4.35 -48.66
CA ARG A 63 -15.33 -3.86 -47.41
C ARG A 63 -16.39 -3.57 -46.35
N TRP A 64 -17.67 -3.55 -46.72
CA TRP A 64 -18.75 -3.44 -45.75
C TRP A 64 -19.28 -4.78 -45.25
N ASP A 65 -18.89 -5.89 -45.87
CA ASP A 65 -19.47 -7.19 -45.57
C ASP A 65 -18.74 -7.87 -44.41
N THR A 66 -19.30 -8.98 -43.92
CA THR A 66 -18.87 -9.51 -42.62
C THR A 66 -17.48 -10.12 -42.66
N ASN A 67 -17.04 -10.68 -43.79
CA ASN A 67 -15.68 -11.21 -43.83
C ASN A 67 -14.66 -10.14 -43.46
N LYS A 68 -14.60 -9.05 -44.24
CA LYS A 68 -13.57 -8.04 -43.99
C LYS A 68 -13.80 -7.33 -42.66
N VAL A 69 -15.04 -7.14 -42.24
CA VAL A 69 -15.27 -6.48 -40.97
C VAL A 69 -14.82 -7.36 -39.81
N ASP A 70 -15.28 -8.63 -39.80
CA ASP A 70 -14.97 -9.52 -38.69
C ASP A 70 -13.50 -9.89 -38.66
N HIS A 71 -12.82 -9.88 -39.81
CA HIS A 71 -11.40 -10.12 -39.85
C HIS A 71 -10.57 -8.85 -39.65
N HIS A 72 -11.21 -7.70 -39.42
CA HIS A 72 -10.48 -6.43 -39.26
C HIS A 72 -9.54 -6.17 -40.44
N THR A 73 -10.07 -6.37 -41.65
CA THR A 73 -9.29 -6.07 -42.87
C THR A 73 -10.07 -5.15 -43.80
N ASP A 74 -11.15 -4.54 -43.33
CA ASP A 74 -11.97 -3.64 -44.13
C ASP A 74 -11.27 -2.32 -44.48
N LYS A 75 -10.17 -1.99 -43.83
CA LYS A 75 -9.54 -0.71 -44.10
C LYS A 75 -8.55 -0.75 -45.24
N TYR A 76 -8.08 -1.94 -45.65
CA TYR A 76 -7.15 -1.99 -46.76
C TYR A 76 -7.82 -1.46 -48.01
N GLU A 77 -7.10 -0.58 -48.73
N GLU A 77 -7.09 -0.62 -48.76
CA GLU A 77 -7.50 -0.12 -50.07
CA GLU A 77 -7.54 -0.12 -50.06
C GLU A 77 -7.06 -1.19 -51.06
C GLU A 77 -7.13 -1.13 -51.13
N ASN A 78 -7.88 -2.23 -51.18
CA ASN A 78 -7.52 -3.41 -51.96
C ASN A 78 -8.82 -4.15 -52.18
N ASN A 79 -9.13 -4.48 -53.43
CA ASN A 79 -10.43 -5.06 -53.73
C ASN A 79 -10.49 -6.58 -53.59
N LYS A 80 -9.36 -7.25 -53.32
CA LYS A 80 -9.40 -8.70 -53.14
C LYS A 80 -9.78 -9.03 -51.70
N LEU A 81 -10.19 -10.28 -51.49
CA LEU A 81 -10.45 -10.79 -50.15
C LEU A 81 -9.17 -10.79 -49.31
N ILE A 82 -9.28 -10.24 -48.12
CA ILE A 82 -8.21 -10.24 -47.14
C ILE A 82 -8.77 -10.79 -45.84
N VAL A 83 -8.17 -11.86 -45.34
CA VAL A 83 -8.60 -12.49 -44.10
C VAL A 83 -7.37 -12.67 -43.22
N ARG A 84 -7.65 -13.00 -41.96
CA ARG A 84 -6.62 -13.32 -40.98
C ARG A 84 -6.70 -14.80 -40.63
N ARG A 85 -5.53 -15.41 -40.48
CA ARG A 85 -5.44 -16.86 -40.30
C ARG A 85 -6.07 -17.29 -38.98
N GLY A 86 -6.46 -18.57 -38.93
CA GLY A 86 -7.06 -19.16 -37.75
C GLY A 86 -8.49 -18.75 -37.50
N GLN A 87 -9.16 -18.15 -38.47
CA GLN A 87 -10.50 -17.62 -38.29
C GLN A 87 -11.32 -17.94 -39.53
N SER A 88 -12.59 -18.23 -39.35
CA SER A 88 -13.38 -18.69 -40.48
C SER A 88 -13.95 -17.51 -41.28
N PHE A 89 -14.21 -17.77 -42.56
CA PHE A 89 -14.80 -16.80 -43.47
C PHE A 89 -15.72 -17.54 -44.43
N TYR A 90 -16.65 -16.80 -45.03
CA TYR A 90 -17.68 -17.34 -45.91
C TYR A 90 -17.34 -17.15 -47.39
N VAL A 91 -17.56 -18.20 -48.18
CA VAL A 91 -17.57 -18.10 -49.64
C VAL A 91 -18.76 -18.89 -50.15
N GLN A 92 -19.04 -18.73 -51.45
CA GLN A 92 -20.14 -19.43 -52.09
C GLN A 92 -19.70 -19.90 -53.46
N ILE A 93 -19.94 -21.18 -53.75
CA ILE A 93 -19.60 -21.77 -55.03
C ILE A 93 -20.89 -22.12 -55.75
N ASP A 94 -21.06 -21.61 -56.96
CA ASP A 94 -22.17 -21.95 -57.83
C ASP A 94 -21.71 -23.02 -58.78
N PHE A 95 -22.43 -24.13 -58.82
CA PHE A 95 -22.10 -25.28 -59.64
C PHE A 95 -23.07 -25.40 -60.81
N SER A 96 -22.71 -26.29 -61.74
CA SER A 96 -23.53 -26.49 -62.94
C SER A 96 -24.85 -27.17 -62.62
N ARG A 97 -24.90 -28.00 -61.56
CA ARG A 97 -26.12 -28.59 -61.02
C ARG A 97 -25.94 -28.65 -59.50
N PRO A 98 -26.96 -28.96 -58.70
CA PRO A 98 -26.76 -28.95 -57.24
C PRO A 98 -25.76 -30.01 -56.80
N TYR A 99 -24.83 -29.60 -55.93
CA TYR A 99 -23.88 -30.53 -55.32
C TYR A 99 -24.63 -31.67 -54.65
N ASP A 100 -24.20 -32.90 -54.93
CA ASP A 100 -24.81 -34.10 -54.36
C ASP A 100 -23.70 -34.95 -53.76
N PRO A 101 -23.56 -34.98 -52.42
CA PRO A 101 -22.42 -35.66 -51.81
C PRO A 101 -22.40 -37.17 -52.04
N ARG A 102 -23.51 -37.79 -52.45
CA ARG A 102 -23.47 -39.21 -52.81
C ARG A 102 -22.65 -39.47 -54.07
N ARG A 103 -22.60 -38.50 -54.99
CA ARG A 103 -21.98 -38.74 -56.28
C ARG A 103 -20.86 -37.78 -56.61
N ASP A 104 -20.76 -36.66 -55.90
CA ASP A 104 -19.78 -35.62 -56.19
C ASP A 104 -18.78 -35.49 -55.05
N LEU A 105 -17.54 -35.13 -55.41
CA LEU A 105 -16.47 -34.90 -54.43
C LEU A 105 -15.61 -33.75 -54.92
N PHE A 106 -15.44 -32.71 -54.10
CA PHE A 106 -14.60 -31.59 -54.45
C PHE A 106 -13.90 -31.05 -53.21
N ARG A 107 -12.89 -30.21 -53.45
CA ARG A 107 -12.17 -29.50 -52.39
C ARG A 107 -11.76 -28.13 -52.92
N VAL A 108 -11.58 -27.18 -52.00
CA VAL A 108 -10.92 -25.93 -52.32
C VAL A 108 -9.41 -26.11 -52.22
N GLU A 109 -8.65 -25.35 -52.99
CA GLU A 109 -7.19 -25.33 -52.91
C GLU A 109 -6.68 -23.90 -52.78
N TYR A 110 -5.69 -23.68 -51.90
CA TYR A 110 -4.97 -22.42 -51.81
C TYR A 110 -3.51 -22.71 -52.12
N VAL A 111 -2.92 -21.91 -53.04
CA VAL A 111 -1.61 -22.21 -53.62
C VAL A 111 -0.77 -20.94 -53.65
N ILE A 112 0.52 -21.07 -53.35
CA ILE A 112 1.40 -19.89 -53.31
C ILE A 112 2.78 -20.27 -53.80
N GLY A 113 3.37 -19.42 -54.64
CA GLY A 113 4.73 -19.64 -55.13
C GLY A 113 4.75 -20.48 -56.39
N ARG A 114 5.94 -20.55 -56.98
CA ARG A 114 6.12 -21.31 -58.21
C ARG A 114 6.28 -22.80 -57.96
N TYR A 115 6.70 -23.21 -56.76
CA TYR A 115 6.95 -24.63 -56.47
C TYR A 115 6.19 -25.07 -55.22
N PRO A 116 4.86 -24.98 -55.24
CA PRO A 116 4.09 -25.33 -54.03
C PRO A 116 4.21 -26.82 -53.72
N GLN A 117 4.26 -27.10 -52.42
CA GLN A 117 4.35 -28.47 -51.92
C GLN A 117 3.47 -28.57 -50.69
N GLU A 118 2.67 -29.63 -50.62
CA GLU A 118 1.74 -29.75 -49.51
C GLU A 118 2.48 -29.89 -48.18
N ASN A 119 3.58 -30.66 -48.16
CA ASN A 119 4.32 -30.83 -46.91
C ASN A 119 5.12 -29.59 -46.50
N LYS A 120 5.11 -28.52 -47.29
CA LYS A 120 5.72 -27.26 -46.91
C LYS A 120 4.68 -26.18 -46.58
N GLY A 121 3.39 -26.52 -46.59
CA GLY A 121 2.35 -25.55 -46.35
C GLY A 121 2.02 -24.63 -47.52
N THR A 122 2.60 -24.86 -48.70
CA THR A 122 2.40 -23.96 -49.84
C THR A 122 1.40 -24.48 -50.88
N TYR A 123 1.00 -25.74 -50.80
CA TYR A 123 -0.21 -26.22 -51.46
C TYR A 123 -1.16 -26.67 -50.34
N ILE A 124 -2.32 -26.05 -50.25
CA ILE A 124 -3.23 -26.24 -49.12
C ILE A 124 -4.54 -26.81 -49.64
N PRO A 125 -4.73 -28.12 -49.53
CA PRO A 125 -6.04 -28.70 -49.85
C PRO A 125 -7.00 -28.43 -48.70
N VAL A 126 -8.20 -27.99 -49.02
CA VAL A 126 -9.22 -27.70 -48.01
C VAL A 126 -10.38 -28.68 -48.22
N PRO A 127 -10.44 -29.75 -47.44
CA PRO A 127 -11.52 -30.72 -47.60
C PRO A 127 -12.87 -30.15 -47.18
N ILE A 128 -13.94 -30.69 -47.79
CA ILE A 128 -15.29 -30.36 -47.36
C ILE A 128 -15.66 -31.35 -46.24
N VAL A 129 -15.87 -30.83 -45.02
CA VAL A 129 -16.01 -31.66 -43.83
C VAL A 129 -17.37 -31.43 -43.19
N SER A 130 -17.84 -32.43 -42.41
CA SER A 130 -19.09 -32.27 -41.66
C SER A 130 -18.96 -31.21 -40.57
N GLU A 131 -17.85 -31.21 -39.84
CA GLU A 131 -17.65 -30.23 -38.77
C GLU A 131 -16.23 -29.72 -38.81
N LEU A 132 -16.07 -28.40 -38.69
CA LEU A 132 -14.73 -27.82 -38.63
C LEU A 132 -14.00 -28.35 -37.40
N GLN A 133 -12.70 -28.61 -37.54
CA GLN A 133 -11.87 -29.09 -36.44
C GLN A 133 -10.93 -27.98 -36.00
N SER A 134 -10.81 -27.79 -34.68
CA SER A 134 -9.99 -26.70 -34.15
C SER A 134 -8.57 -26.75 -34.69
N GLY A 135 -8.11 -25.61 -35.20
CA GLY A 135 -6.75 -25.48 -35.68
C GLY A 135 -6.48 -26.02 -37.08
N LYS A 136 -7.47 -26.64 -37.72
CA LYS A 136 -7.24 -27.34 -38.97
C LYS A 136 -7.97 -26.69 -40.14
N TRP A 137 -7.34 -26.72 -41.31
CA TRP A 137 -7.98 -26.26 -42.53
C TRP A 137 -9.17 -27.16 -42.85
N GLY A 138 -10.29 -26.54 -43.16
CA GLY A 138 -11.46 -27.28 -43.58
C GLY A 138 -12.53 -26.31 -43.98
N ALA A 139 -13.52 -26.82 -44.70
CA ALA A 139 -14.63 -26.02 -45.18
C ALA A 139 -15.92 -26.77 -44.91
N LYS A 140 -16.85 -26.12 -44.23
CA LYS A 140 -18.13 -26.72 -43.89
C LYS A 140 -19.22 -26.06 -44.72
N ILE A 141 -20.09 -26.88 -45.32
CA ILE A 141 -21.25 -26.36 -46.04
C ILE A 141 -22.28 -25.90 -45.01
N VAL A 142 -22.61 -24.62 -45.06
CA VAL A 142 -23.57 -24.03 -44.12
C VAL A 142 -24.89 -23.64 -44.78
N MET A 143 -25.01 -23.77 -46.10
CA MET A 143 -26.26 -23.44 -46.77
C MET A 143 -26.22 -24.01 -48.18
N ARG A 144 -27.35 -24.57 -48.62
CA ARG A 144 -27.52 -25.05 -49.97
C ARG A 144 -28.80 -24.45 -50.52
N GLU A 145 -28.72 -23.81 -51.68
CA GLU A 145 -29.90 -23.26 -52.33
C GLU A 145 -29.70 -23.36 -53.83
N ASP A 146 -30.66 -23.99 -54.51
CA ASP A 146 -30.56 -24.27 -55.93
C ASP A 146 -29.21 -24.88 -56.27
N ARG A 147 -28.41 -24.19 -57.07
CA ARG A 147 -27.13 -24.72 -57.53
C ARG A 147 -25.95 -24.29 -56.69
N SER A 148 -26.18 -23.63 -55.56
CA SER A 148 -25.13 -22.99 -54.79
C SER A 148 -24.92 -23.68 -53.45
N VAL A 149 -23.66 -23.64 -52.99
CA VAL A 149 -23.33 -24.01 -51.62
C VAL A 149 -22.57 -22.86 -50.98
N ARG A 150 -22.92 -22.55 -49.73
CA ARG A 150 -22.17 -21.58 -48.96
C ARG A 150 -21.26 -22.32 -48.00
N LEU A 151 -19.98 -21.98 -48.02
CA LEU A 151 -18.97 -22.63 -47.22
C LEU A 151 -18.48 -21.71 -46.12
N SER A 152 -18.30 -22.27 -44.94
CA SER A 152 -17.50 -21.65 -43.89
C SER A 152 -16.12 -22.28 -43.98
N ILE A 153 -15.12 -21.49 -44.34
CA ILE A 153 -13.76 -21.98 -44.51
C ILE A 153 -12.96 -21.53 -43.31
N GLN A 154 -12.29 -22.48 -42.65
CA GLN A 154 -11.41 -22.21 -41.53
C GLN A 154 -9.98 -22.50 -41.96
N SER A 155 -9.06 -21.57 -41.64
CA SER A 155 -7.65 -21.73 -41.93
C SER A 155 -6.90 -22.07 -40.64
N SER A 156 -5.70 -22.63 -40.82
CA SER A 156 -4.83 -22.94 -39.70
C SER A 156 -4.24 -21.67 -39.11
N PRO A 157 -4.16 -21.56 -37.78
CA PRO A 157 -3.55 -20.38 -37.15
C PRO A 157 -2.03 -20.31 -37.33
N LYS A 158 -1.42 -21.33 -37.95
CA LYS A 158 -0.01 -21.30 -38.31
C LYS A 158 0.20 -21.09 -39.80
N CYS A 159 -0.85 -20.67 -40.52
CA CYS A 159 -0.78 -20.55 -41.97
C CYS A 159 0.31 -19.57 -42.42
N ILE A 160 0.93 -19.89 -43.55
CA ILE A 160 1.83 -18.95 -44.21
C ILE A 160 1.10 -17.65 -44.49
N VAL A 161 1.78 -16.52 -44.28
CA VAL A 161 1.19 -15.21 -44.55
C VAL A 161 1.57 -14.77 -45.96
N GLY A 162 0.58 -14.39 -46.75
CA GLY A 162 0.85 -14.01 -48.13
C GLY A 162 -0.42 -13.99 -48.95
N LYS A 163 -0.21 -13.87 -50.27
CA LYS A 163 -1.30 -13.78 -51.23
C LYS A 163 -1.42 -15.12 -51.94
N PHE A 164 -2.53 -15.82 -51.68
CA PHE A 164 -2.75 -17.17 -52.21
C PHE A 164 -3.66 -17.15 -53.43
N ARG A 165 -3.41 -18.09 -54.34
CA ARG A 165 -4.34 -18.37 -55.43
C ARG A 165 -5.38 -19.41 -55.02
N MET A 166 -6.63 -19.17 -55.39
CA MET A 166 -7.73 -20.04 -55.01
C MET A 166 -8.16 -20.90 -56.20
N TYR A 167 -8.44 -22.17 -55.95
CA TYR A 167 -9.00 -23.06 -56.97
C TYR A 167 -10.07 -23.93 -56.33
N VAL A 168 -11.00 -24.40 -57.17
CA VAL A 168 -11.95 -25.44 -56.81
C VAL A 168 -11.64 -26.66 -57.68
N ALA A 169 -11.40 -27.80 -57.04
CA ALA A 169 -10.98 -29.03 -57.70
C ALA A 169 -12.05 -30.08 -57.52
N VAL A 170 -12.60 -30.57 -58.64
CA VAL A 170 -13.61 -31.62 -58.64
C VAL A 170 -12.93 -32.93 -59.02
N TRP A 171 -13.13 -33.96 -58.19
CA TRP A 171 -12.51 -35.26 -58.39
C TRP A 171 -13.40 -36.20 -59.20
N THR A 172 -12.85 -36.84 -60.21
CA THR A 172 -13.55 -37.75 -61.10
C THR A 172 -12.75 -39.05 -61.24
N PRO A 173 -13.36 -40.10 -61.80
CA PRO A 173 -12.56 -41.32 -62.05
C PRO A 173 -11.42 -41.11 -63.02
N TYR A 174 -11.45 -40.05 -63.80
CA TYR A 174 -10.44 -39.82 -64.83
C TYR A 174 -9.37 -38.83 -64.39
N GLY A 175 -9.52 -38.24 -63.19
CA GLY A 175 -8.60 -37.26 -62.67
C GLY A 175 -9.38 -36.06 -62.19
N VAL A 176 -8.65 -34.98 -61.95
CA VAL A 176 -9.18 -33.76 -61.33
C VAL A 176 -9.57 -32.76 -62.41
N LEU A 177 -10.72 -32.11 -62.22
CA LEU A 177 -11.15 -31.00 -63.06
C LEU A 177 -11.13 -29.74 -62.19
N ARG A 178 -10.35 -28.75 -62.60
CA ARG A 178 -10.05 -27.61 -61.74
C ARG A 178 -10.43 -26.31 -62.43
N THR A 179 -10.82 -25.32 -61.64
CA THR A 179 -11.10 -24.00 -62.19
C THR A 179 -9.85 -23.34 -62.79
N SER A 180 -10.10 -22.47 -63.75
CA SER A 180 -9.03 -21.69 -64.38
C SER A 180 -8.46 -20.69 -63.39
N ARG A 181 -7.24 -20.24 -63.68
CA ARG A 181 -6.63 -19.11 -63.01
C ARG A 181 -7.59 -17.92 -62.99
N ASN A 182 -7.82 -17.37 -61.80
CA ASN A 182 -8.75 -16.26 -61.64
C ASN A 182 -8.16 -15.31 -60.61
N PRO A 183 -7.44 -14.28 -61.07
CA PRO A 183 -6.85 -13.33 -60.11
C PRO A 183 -7.87 -12.65 -59.22
N GLU A 184 -9.15 -12.63 -59.61
CA GLU A 184 -10.16 -11.96 -58.80
C GLU A 184 -10.51 -12.73 -57.52
N THR A 185 -10.12 -13.99 -57.42
CA THR A 185 -10.31 -14.72 -56.18
C THR A 185 -9.02 -14.89 -55.40
N ASP A 186 -7.91 -14.30 -55.86
CA ASP A 186 -6.69 -14.31 -55.05
C ASP A 186 -7.01 -13.78 -53.66
N THR A 187 -6.46 -14.45 -52.64
CA THR A 187 -6.86 -14.25 -51.26
C THR A 187 -5.64 -14.01 -50.40
N TYR A 188 -5.61 -12.87 -49.70
CA TYR A 188 -4.55 -12.57 -48.76
C TYR A 188 -4.90 -13.15 -47.40
N ILE A 189 -3.95 -13.83 -46.78
CA ILE A 189 -4.10 -14.36 -45.42
C ILE A 189 -3.01 -13.72 -44.56
N LEU A 190 -3.42 -13.03 -43.49
CA LEU A 190 -2.51 -12.25 -42.66
C LEU A 190 -2.42 -12.84 -41.25
N PHE A 191 -1.43 -12.36 -40.49
CA PHE A 191 -1.35 -12.64 -39.07
C PHE A 191 -2.62 -12.16 -38.37
N ASN A 192 -2.98 -12.84 -37.29
CA ASN A 192 -4.25 -12.60 -36.62
C ASN A 192 -4.08 -12.33 -35.13
N PRO A 193 -3.86 -11.08 -34.73
CA PRO A 193 -3.75 -10.76 -33.29
C PRO A 193 -5.03 -11.00 -32.50
N TRP A 194 -6.16 -11.27 -33.16
CA TRP A 194 -7.42 -11.57 -32.48
C TRP A 194 -7.60 -13.05 -32.20
N CYS A 195 -6.79 -13.92 -32.81
CA CYS A 195 -6.96 -15.36 -32.69
C CYS A 195 -6.10 -15.89 -31.54
N GLU A 196 -6.75 -16.52 -30.55
CA GLU A 196 -6.04 -16.94 -29.35
C GLU A 196 -5.00 -18.03 -29.63
N ASP A 197 -5.13 -18.78 -30.73
CA ASP A 197 -4.15 -19.77 -31.15
C ASP A 197 -3.04 -19.18 -32.02
N ASP A 198 -3.09 -17.91 -32.35
CA ASP A 198 -2.07 -17.30 -33.19
C ASP A 198 -0.89 -16.88 -32.32
N ALA A 199 0.33 -17.10 -32.83
CA ALA A 199 1.54 -16.61 -32.18
C ALA A 199 1.54 -15.13 -31.88
N VAL A 200 0.82 -14.31 -32.66
CA VAL A 200 0.80 -12.87 -32.43
C VAL A 200 -0.44 -12.45 -31.63
N TYR A 201 -1.14 -13.40 -31.00
CA TYR A 201 -2.33 -13.09 -30.23
C TYR A 201 -2.05 -12.02 -29.18
N LEU A 202 -2.87 -10.97 -29.17
CA LEU A 202 -2.83 -9.90 -28.18
C LEU A 202 -4.22 -9.78 -27.58
N ASP A 203 -4.36 -10.06 -26.28
CA ASP A 203 -5.70 -10.25 -25.71
C ASP A 203 -6.41 -8.95 -25.36
N ASN A 204 -5.87 -7.79 -25.70
CA ASN A 204 -6.42 -6.50 -25.28
C ASN A 204 -6.88 -5.74 -26.51
N GLU A 205 -8.18 -5.43 -26.59
CA GLU A 205 -8.72 -4.81 -27.81
C GLU A 205 -8.14 -3.43 -28.05
N LYS A 206 -7.97 -2.62 -26.99
CA LYS A 206 -7.40 -1.29 -27.18
C LYS A 206 -5.96 -1.37 -27.69
N GLU A 207 -5.19 -2.34 -27.22
CA GLU A 207 -3.84 -2.52 -27.74
C GLU A 207 -3.86 -3.01 -29.19
N ARG A 208 -4.86 -3.82 -29.57
CA ARG A 208 -4.91 -4.25 -30.96
C ARG A 208 -5.23 -3.08 -31.88
N GLU A 209 -6.14 -2.19 -31.47
CA GLU A 209 -6.46 -1.01 -32.28
C GLU A 209 -5.24 -0.13 -32.48
N GLU A 210 -4.46 0.09 -31.41
CA GLU A 210 -3.31 0.99 -31.51
C GLU A 210 -2.16 0.33 -32.26
N TYR A 211 -1.83 -0.92 -31.94
CA TYR A 211 -0.61 -1.55 -32.43
C TYR A 211 -0.82 -2.34 -33.73
N VAL A 212 -2.05 -2.45 -34.22
CA VAL A 212 -2.31 -3.11 -35.50
C VAL A 212 -3.05 -2.19 -36.46
N LEU A 213 -4.14 -1.56 -35.98
CA LEU A 213 -5.08 -0.84 -36.84
C LEU A 213 -4.80 0.65 -36.95
N ASN A 214 -4.04 1.25 -36.05
CA ASN A 214 -3.78 2.69 -36.15
C ASN A 214 -2.73 2.91 -37.23
N ASP A 215 -3.05 3.74 -38.23
CA ASP A 215 -2.11 3.97 -39.32
C ASP A 215 -1.36 5.30 -39.23
N ILE A 216 -1.51 6.04 -38.13
CA ILE A 216 -0.70 7.21 -37.84
C ILE A 216 -0.13 7.08 -36.44
N GLY A 217 0.94 7.82 -36.18
CA GLY A 217 1.57 7.72 -34.88
C GLY A 217 2.53 8.86 -34.65
N VAL A 218 3.25 8.77 -33.54
CA VAL A 218 4.20 9.80 -33.15
C VAL A 218 5.50 9.12 -32.73
N ILE A 219 6.61 9.70 -33.17
CA ILE A 219 7.94 9.22 -32.83
C ILE A 219 8.59 10.30 -31.99
N PHE A 220 9.03 9.94 -30.79
CA PHE A 220 9.64 10.91 -29.90
C PHE A 220 11.12 11.02 -30.21
N TYR A 221 11.64 12.23 -30.08
CA TYR A 221 13.04 12.46 -30.37
C TYR A 221 13.50 13.64 -29.52
N GLY A 222 14.63 14.25 -29.90
CA GLY A 222 15.17 15.38 -29.17
C GLY A 222 16.19 14.92 -28.15
N GLU A 223 16.04 15.38 -26.90
CA GLU A 223 16.91 15.04 -25.80
C GLU A 223 16.06 14.88 -24.55
N VAL A 224 16.57 14.15 -23.55
CA VAL A 224 15.82 13.80 -22.35
C VAL A 224 15.06 15.00 -21.79
N ASN A 225 15.72 16.14 -21.74
CA ASN A 225 15.15 17.33 -21.14
C ASN A 225 14.60 18.30 -22.17
N ASP A 226 14.45 17.87 -23.43
CA ASP A 226 13.84 18.65 -24.50
C ASP A 226 13.26 17.64 -25.49
N ILE A 227 12.15 17.04 -25.10
CA ILE A 227 11.54 15.96 -25.85
C ILE A 227 10.66 16.56 -26.94
N LYS A 228 10.88 16.10 -28.17
CA LYS A 228 10.13 16.55 -29.32
C LYS A 228 9.39 15.37 -29.93
N THR A 229 8.40 15.67 -30.77
CA THR A 229 7.54 14.66 -31.38
C THR A 229 7.48 14.90 -32.87
N ARG A 230 7.62 13.83 -33.63
CA ARG A 230 7.42 13.83 -35.06
C ARG A 230 6.20 12.97 -35.39
N SER A 231 5.19 13.57 -36.02
CA SER A 231 4.09 12.76 -36.52
C SER A 231 4.60 11.83 -37.62
N TRP A 232 3.94 10.69 -37.77
CA TRP A 232 4.36 9.75 -38.81
C TRP A 232 3.15 9.02 -39.35
N SER A 233 3.06 8.94 -40.67
CA SER A 233 1.97 8.24 -41.34
C SER A 233 2.47 6.85 -41.74
N TYR A 234 2.06 5.82 -40.98
CA TYR A 234 2.46 4.46 -41.34
C TYR A 234 1.74 4.02 -42.62
N GLY A 235 0.47 4.37 -42.74
CA GLY A 235 -0.27 4.12 -43.96
C GLY A 235 -0.32 2.67 -44.42
N GLN A 236 -0.38 1.71 -43.49
CA GLN A 236 -0.33 0.30 -43.88
C GLN A 236 -1.55 -0.14 -44.68
N PHE A 237 -2.63 0.64 -44.70
CA PHE A 237 -3.82 0.28 -45.45
C PHE A 237 -3.93 0.95 -46.81
N GLU A 238 -3.00 1.84 -47.16
CA GLU A 238 -3.08 2.52 -48.44
C GLU A 238 -2.77 1.59 -49.60
N ASP A 239 -3.41 1.88 -50.74
CA ASP A 239 -3.27 1.09 -51.95
C ASP A 239 -1.80 0.79 -52.28
N GLY A 240 -1.50 -0.49 -52.51
CA GLY A 240 -0.18 -0.93 -52.89
C GLY A 240 0.72 -1.33 -51.74
N ILE A 241 0.40 -0.95 -50.50
CA ILE A 241 1.36 -1.13 -49.42
C ILE A 241 1.47 -2.60 -48.99
N LEU A 242 0.33 -3.29 -48.83
CA LEU A 242 0.38 -4.72 -48.53
C LEU A 242 1.15 -5.50 -49.59
N ASP A 243 0.88 -5.22 -50.87
CA ASP A 243 1.60 -5.89 -51.94
C ASP A 243 3.11 -5.60 -51.85
N THR A 244 3.46 -4.36 -51.49
CA THR A 244 4.88 -4.02 -51.32
C THR A 244 5.53 -4.83 -50.20
N CYS A 245 4.80 -5.02 -49.09
CA CYS A 245 5.37 -5.80 -47.99
C CYS A 245 5.63 -7.24 -48.42
N LEU A 246 4.73 -7.81 -49.23
CA LEU A 246 5.01 -9.13 -49.78
C LEU A 246 6.21 -9.07 -50.72
N TYR A 247 6.31 -8.00 -51.51
CA TYR A 247 7.46 -7.79 -52.40
C TYR A 247 8.77 -7.72 -51.62
N VAL A 248 8.77 -7.03 -50.48
CA VAL A 248 9.98 -6.94 -49.66
C VAL A 248 10.48 -8.34 -49.30
N MET A 249 9.57 -9.23 -48.88
CA MET A 249 9.97 -10.59 -48.53
C MET A 249 10.45 -11.37 -49.76
N ASP A 250 9.84 -11.14 -50.92
CA ASP A 250 10.38 -11.75 -52.15
C ASP A 250 11.79 -11.24 -52.42
N ARG A 251 12.01 -9.93 -52.28
CA ARG A 251 13.34 -9.38 -52.52
C ARG A 251 14.33 -9.94 -51.52
N ALA A 252 13.88 -10.32 -50.33
CA ALA A 252 14.76 -10.99 -49.38
C ALA A 252 15.05 -12.44 -49.75
N GLN A 253 14.40 -12.97 -50.77
CA GLN A 253 14.46 -14.40 -51.07
C GLN A 253 14.05 -15.23 -49.84
N MET A 254 13.04 -14.75 -49.14
CA MET A 254 12.56 -15.44 -47.95
C MET A 254 11.68 -16.62 -48.35
N ASP A 255 12.11 -17.84 -47.98
CA ASP A 255 11.32 -19.04 -48.24
C ASP A 255 9.90 -18.89 -47.72
N LEU A 256 8.93 -19.18 -48.60
CA LEU A 256 7.53 -18.99 -48.23
C LEU A 256 7.17 -19.80 -46.98
N SER A 257 7.75 -21.00 -46.83
N SER A 257 7.75 -21.00 -46.83
CA SER A 257 7.39 -21.87 -45.72
CA SER A 257 7.38 -21.87 -45.71
C SER A 257 7.63 -21.23 -44.37
C SER A 257 7.64 -21.22 -44.36
N GLY A 258 8.51 -20.23 -44.30
CA GLY A 258 8.79 -19.52 -43.06
C GLY A 258 7.98 -18.27 -42.82
N ARG A 259 7.13 -17.86 -43.77
CA ARG A 259 6.43 -16.58 -43.67
C ARG A 259 5.22 -16.62 -42.75
N GLY A 260 4.90 -17.76 -42.15
CA GLY A 260 3.93 -17.81 -41.07
C GLY A 260 4.54 -17.67 -39.70
N ASN A 261 5.85 -17.50 -39.63
CA ASN A 261 6.55 -17.46 -38.35
C ASN A 261 6.95 -16.02 -38.06
N PRO A 262 6.33 -15.36 -37.08
CA PRO A 262 6.61 -13.93 -36.86
C PRO A 262 8.04 -13.66 -36.40
N ILE A 263 8.72 -14.65 -35.83
CA ILE A 263 10.14 -14.49 -35.53
C ILE A 263 10.93 -14.30 -36.82
N LYS A 264 10.66 -15.13 -37.83
CA LYS A 264 11.40 -15.05 -39.09
C LYS A 264 11.01 -13.82 -39.89
N VAL A 265 9.72 -13.47 -39.86
CA VAL A 265 9.25 -12.32 -40.61
C VAL A 265 9.85 -11.03 -40.04
N SER A 266 9.80 -10.86 -38.71
CA SER A 266 10.37 -9.64 -38.14
C SER A 266 11.88 -9.60 -38.29
N ARG A 267 12.57 -10.75 -38.22
CA ARG A 267 14.02 -10.71 -38.39
C ARG A 267 14.42 -10.41 -39.83
N VAL A 268 13.70 -10.98 -40.81
CA VAL A 268 13.93 -10.62 -42.21
C VAL A 268 13.63 -9.14 -42.41
N GLY A 269 12.56 -8.67 -41.78
CA GLY A 269 12.21 -7.26 -41.87
C GLY A 269 13.30 -6.35 -41.36
N SER A 270 13.98 -6.76 -40.28
CA SER A 270 15.03 -5.91 -39.72
CA SER A 270 15.03 -5.93 -39.71
C SER A 270 16.22 -5.80 -40.67
N ALA A 271 16.50 -6.85 -41.44
CA ALA A 271 17.52 -6.75 -42.48
C ALA A 271 17.03 -5.91 -43.64
N MET A 272 15.82 -6.20 -44.14
CA MET A 272 15.36 -5.72 -45.44
C MET A 272 14.96 -4.26 -45.45
N VAL A 273 14.56 -3.68 -44.32
CA VAL A 273 14.17 -2.27 -44.36
C VAL A 273 15.37 -1.37 -44.64
N ASN A 274 16.60 -1.83 -44.35
CA ASN A 274 17.81 -1.08 -44.72
C ASN A 274 18.46 -1.65 -45.97
N ALA A 275 19.17 -0.79 -46.69
CA ALA A 275 19.71 -1.15 -48.01
C ALA A 275 20.94 -2.05 -47.94
N LYS A 276 21.69 -2.03 -46.84
CA LYS A 276 22.92 -2.82 -46.74
C LYS A 276 22.64 -4.29 -46.98
N ASP A 277 23.58 -4.96 -47.69
CA ASP A 277 23.63 -6.41 -47.83
C ASP A 277 22.66 -6.98 -48.85
N ASP A 278 21.46 -6.41 -48.96
CA ASP A 278 20.35 -7.12 -49.58
C ASP A 278 19.51 -6.27 -50.52
N GLU A 279 19.97 -5.07 -50.89
CA GLU A 279 19.18 -4.17 -51.74
C GLU A 279 17.83 -3.84 -51.10
N GLY A 280 17.83 -3.70 -49.79
CA GLY A 280 16.63 -3.38 -49.03
C GLY A 280 16.14 -1.95 -49.27
N VAL A 281 15.16 -1.57 -48.42
CA VAL A 281 14.26 -0.47 -48.80
C VAL A 281 14.97 0.88 -48.76
N LEU A 282 15.75 1.14 -47.71
CA LEU A 282 16.16 2.51 -47.37
C LEU A 282 17.66 2.62 -47.17
N VAL A 283 18.28 3.60 -47.85
CA VAL A 283 19.71 3.85 -47.73
C VAL A 283 19.95 4.84 -46.58
N GLY A 284 20.74 4.43 -45.59
CA GLY A 284 21.06 5.30 -44.47
C GLY A 284 22.11 6.33 -44.85
N SER A 285 21.92 7.56 -44.36
CA SER A 285 22.93 8.59 -44.52
C SER A 285 22.84 9.61 -43.39
N TRP A 286 24.01 10.04 -42.92
CA TRP A 286 24.12 11.03 -41.86
C TRP A 286 25.03 12.18 -42.27
N ASP A 287 25.19 12.45 -43.57
CA ASP A 287 26.28 13.32 -44.01
C ASP A 287 25.88 14.78 -44.18
N ASN A 288 24.64 15.15 -43.89
CA ASN A 288 24.17 16.54 -43.92
C ASN A 288 24.12 17.10 -45.34
N ILE A 289 24.22 16.26 -46.37
CA ILE A 289 24.17 16.74 -47.75
C ILE A 289 23.13 15.97 -48.55
N TYR A 290 23.18 14.63 -48.47
CA TYR A 290 22.12 13.77 -49.03
C TYR A 290 22.01 13.98 -50.54
N ALA A 291 23.12 13.71 -51.22
CA ALA A 291 23.20 13.93 -52.66
C ALA A 291 22.24 13.01 -53.41
N TYR A 292 21.50 13.59 -54.35
CA TYR A 292 20.62 12.81 -55.24
C TYR A 292 19.63 11.96 -54.46
N GLY A 293 18.89 12.61 -53.57
CA GLY A 293 17.91 11.88 -52.79
C GLY A 293 17.09 12.82 -51.94
N VAL A 294 16.29 12.23 -51.08
CA VAL A 294 15.43 12.95 -50.14
C VAL A 294 16.16 13.01 -48.80
N PRO A 295 16.32 14.18 -48.19
CA PRO A 295 16.99 14.24 -46.88
C PRO A 295 16.15 13.52 -45.85
N PRO A 296 16.78 12.81 -44.91
CA PRO A 296 15.97 12.01 -43.95
C PRO A 296 14.91 12.82 -43.22
N SER A 297 15.16 14.08 -42.93
CA SER A 297 14.17 14.85 -42.19
C SER A 297 12.99 15.33 -43.04
N ALA A 298 12.98 15.08 -44.34
CA ALA A 298 11.86 15.51 -45.17
C ALA A 298 10.68 14.53 -45.20
N TRP A 299 10.90 13.25 -44.93
CA TRP A 299 9.80 12.31 -44.97
C TRP A 299 8.86 12.55 -43.80
N THR A 300 7.55 12.34 -44.04
CA THR A 300 6.54 12.44 -42.99
C THR A 300 5.74 11.15 -42.84
N GLY A 301 6.14 10.09 -43.52
CA GLY A 301 5.42 8.82 -43.45
C GLY A 301 6.16 7.79 -44.27
N SER A 302 5.60 6.59 -44.29
CA SER A 302 6.27 5.46 -44.94
C SER A 302 5.78 5.18 -46.35
N VAL A 303 4.64 5.74 -46.77
CA VAL A 303 3.99 5.25 -47.98
C VAL A 303 4.83 5.60 -49.22
N ASP A 304 5.22 6.87 -49.35
CA ASP A 304 6.02 7.30 -50.50
C ASP A 304 7.30 6.48 -50.62
N ILE A 305 7.97 6.22 -49.49
CA ILE A 305 9.19 5.40 -49.53
C ILE A 305 8.90 4.00 -50.05
N LEU A 306 7.86 3.35 -49.49
CA LEU A 306 7.62 1.95 -49.84
C LEU A 306 7.19 1.80 -51.29
N LEU A 307 6.28 2.68 -51.74
CA LEU A 307 5.80 2.64 -53.13
C LEU A 307 6.92 2.96 -54.13
N GLU A 308 7.86 3.84 -53.76
CA GLU A 308 9.00 4.09 -54.65
C GLU A 308 9.91 2.88 -54.71
N TYR A 309 10.12 2.19 -53.58
CA TYR A 309 10.91 0.96 -53.61
C TYR A 309 10.33 -0.03 -54.59
N ARG A 310 9.01 -0.26 -54.53
CA ARG A 310 8.39 -1.24 -55.43
C ARG A 310 8.46 -0.79 -56.88
N SER A 311 8.18 0.48 -57.17
CA SER A 311 8.17 0.91 -58.57
C SER A 311 9.57 0.98 -59.16
N SER A 312 10.53 1.54 -58.42
CA SER A 312 11.90 1.62 -58.93
C SER A 312 12.63 0.29 -58.84
N GLU A 313 12.17 -0.63 -57.96
CA GLU A 313 12.87 -1.88 -57.64
C GLU A 313 14.32 -1.64 -57.21
N ASN A 314 14.59 -0.48 -56.61
CA ASN A 314 15.89 -0.15 -56.02
C ASN A 314 15.75 0.59 -54.70
N PRO A 315 16.77 0.49 -53.81
CA PRO A 315 16.74 1.24 -52.54
C PRO A 315 16.42 2.72 -52.71
N VAL A 316 15.76 3.28 -51.70
CA VAL A 316 15.34 4.68 -51.66
C VAL A 316 16.31 5.45 -50.79
N ARG A 317 16.74 6.65 -51.24
CA ARG A 317 17.67 7.49 -50.49
C ARG A 317 16.88 8.71 -49.98
N TYR A 318 16.91 9.06 -48.68
CA TYR A 318 17.72 8.46 -47.62
C TYR A 318 16.95 8.37 -46.29
N GLY A 319 17.45 7.59 -45.32
CA GLY A 319 16.82 7.52 -44.03
C GLY A 319 17.83 7.60 -42.90
N GLN A 320 17.29 7.83 -41.69
CA GLN A 320 18.02 7.63 -40.44
C GLN A 320 17.09 6.91 -39.48
N CYS A 321 17.46 6.81 -38.20
CA CYS A 321 16.81 5.88 -37.28
C CYS A 321 15.28 5.98 -37.30
N TRP A 322 14.70 7.19 -37.17
CA TRP A 322 13.25 7.28 -37.08
C TRP A 322 12.54 6.94 -38.40
N VAL A 323 13.20 7.16 -39.54
CA VAL A 323 12.63 6.79 -40.83
C VAL A 323 12.66 5.28 -41.02
N PHE A 324 13.78 4.65 -40.67
CA PHE A 324 13.82 3.18 -40.67
C PHE A 324 12.71 2.62 -39.79
N ALA A 325 12.59 3.14 -38.57
CA ALA A 325 11.58 2.64 -37.62
C ALA A 325 10.18 2.84 -38.17
N GLY A 326 9.92 4.01 -38.78
CA GLY A 326 8.61 4.26 -39.34
C GLY A 326 8.23 3.26 -40.41
N VAL A 327 9.15 2.99 -41.33
CA VAL A 327 8.91 2.05 -42.42
C VAL A 327 8.80 0.62 -41.89
N PHE A 328 9.69 0.25 -40.96
CA PHE A 328 9.59 -1.06 -40.33
C PHE A 328 8.26 -1.22 -39.61
N ASN A 329 7.78 -0.16 -38.96
CA ASN A 329 6.50 -0.25 -38.27
C ASN A 329 5.37 -0.52 -39.26
N THR A 330 5.38 0.17 -40.40
CA THR A 330 4.40 -0.08 -41.45
C THR A 330 4.42 -1.54 -41.88
N PHE A 331 5.60 -2.07 -42.17
CA PHE A 331 5.75 -3.46 -42.59
C PHE A 331 5.08 -4.41 -41.59
N LEU A 332 5.43 -4.28 -40.31
CA LEU A 332 4.91 -5.19 -39.29
C LEU A 332 3.39 -5.06 -39.15
N ARG A 333 2.89 -3.84 -38.97
CA ARG A 333 1.44 -3.67 -38.80
C ARG A 333 0.68 -4.11 -40.05
N CYS A 334 1.25 -3.87 -41.23
CA CYS A 334 0.60 -4.21 -42.47
C CYS A 334 0.34 -5.70 -42.55
N LEU A 335 1.32 -6.50 -42.15
CA LEU A 335 1.21 -7.95 -42.18
C LEU A 335 0.41 -8.48 -41.00
N GLY A 336 0.15 -7.66 -39.99
CA GLY A 336 -0.65 -8.05 -38.85
C GLY A 336 0.13 -8.38 -37.59
N ILE A 337 1.43 -8.13 -37.55
CA ILE A 337 2.21 -8.30 -36.34
C ILE A 337 2.07 -7.00 -35.54
N PRO A 338 1.52 -7.06 -34.33
CA PRO A 338 1.40 -5.83 -33.53
C PRO A 338 2.78 -5.24 -33.29
N ALA A 339 2.89 -3.91 -33.43
CA ALA A 339 4.21 -3.29 -33.47
C ALA A 339 4.13 -1.86 -32.96
N ARG A 340 5.24 -1.40 -32.38
CA ARG A 340 5.30 -0.03 -31.92
C ARG A 340 6.74 0.47 -31.99
N ILE A 341 6.90 1.79 -32.00
CA ILE A 341 8.20 2.45 -32.08
C ILE A 341 8.60 2.97 -30.70
N VAL A 342 9.79 2.60 -30.25
CA VAL A 342 10.28 3.03 -28.94
C VAL A 342 11.53 3.88 -29.15
N THR A 343 11.69 4.88 -28.27
CA THR A 343 12.79 5.84 -28.34
C THR A 343 13.63 5.74 -27.08
N ASN A 344 14.95 5.59 -27.26
CA ASN A 344 15.92 5.44 -26.19
C ASN A 344 16.82 6.69 -26.15
N TYR A 345 16.71 7.47 -25.08
CA TYR A 345 17.52 8.68 -24.91
C TYR A 345 18.87 8.33 -24.30
N PHE A 346 19.95 8.85 -24.91
CA PHE A 346 21.33 8.47 -24.63
C PHE A 346 21.55 6.99 -24.94
N SER A 347 21.48 6.70 -26.25
CA SER A 347 21.51 5.33 -26.75
C SER A 347 22.92 4.97 -27.15
N ALA A 348 23.47 3.96 -26.49
CA ALA A 348 24.87 3.58 -26.68
C ALA A 348 25.04 2.70 -27.91
N HIS A 349 26.15 2.92 -28.61
CA HIS A 349 26.56 2.11 -29.76
C HIS A 349 27.86 1.40 -29.37
N ASP A 350 27.73 0.13 -29.03
CA ASP A 350 28.89 -0.68 -28.68
C ASP A 350 29.50 -1.22 -29.96
N ASN A 351 30.79 -0.95 -30.16
CA ASN A 351 31.46 -1.35 -31.39
C ASN A 351 32.24 -2.66 -31.25
N ASP A 352 32.56 -3.09 -30.03
CA ASP A 352 33.39 -4.26 -29.84
C ASP A 352 32.72 -5.32 -28.98
N ALA A 353 31.39 -5.23 -28.80
CA ALA A 353 30.58 -6.31 -28.21
C ALA A 353 31.11 -6.74 -26.84
N ASN A 354 31.59 -5.78 -26.06
CA ASN A 354 31.93 -6.05 -24.68
C ASN A 354 30.90 -5.47 -23.71
N LEU A 355 29.82 -4.90 -24.24
CA LEU A 355 28.65 -4.47 -23.47
C LEU A 355 28.99 -3.30 -22.54
N GLN A 356 29.97 -2.48 -22.92
CA GLN A 356 30.28 -1.26 -22.19
C GLN A 356 30.84 -0.25 -23.18
N MET A 357 30.76 1.02 -22.80
CA MET A 357 31.35 2.10 -23.58
C MET A 357 32.80 2.28 -23.17
N ASP A 358 33.72 2.01 -24.09
CA ASP A 358 35.16 2.18 -23.82
C ASP A 358 35.59 3.55 -24.32
N ILE A 359 35.82 4.47 -23.39
CA ILE A 359 36.18 5.84 -23.69
C ILE A 359 37.63 6.05 -23.27
N PHE A 360 38.52 6.18 -24.23
CA PHE A 360 39.95 6.33 -23.96
C PHE A 360 40.37 7.80 -23.86
N VAL A 367 39.72 13.53 -24.93
CA VAL A 367 39.34 12.23 -25.48
C VAL A 367 40.24 11.84 -26.65
N ASN A 368 40.81 10.63 -26.57
CA ASN A 368 41.56 10.05 -27.67
C ASN A 368 40.57 9.59 -28.73
N SER A 369 40.37 10.43 -29.76
CA SER A 369 39.39 10.14 -30.80
C SER A 369 39.84 9.03 -31.74
N LYS A 370 41.12 8.67 -31.75
CA LYS A 370 41.58 7.59 -32.60
C LYS A 370 41.37 6.23 -31.95
N LEU A 371 41.66 6.13 -30.65
CA LEU A 371 41.47 4.86 -29.94
C LEU A 371 40.00 4.61 -29.61
N THR A 372 39.21 5.66 -29.36
CA THR A 372 37.83 5.51 -28.93
C THR A 372 36.94 5.27 -30.16
N LYS A 373 36.24 4.15 -30.15
CA LYS A 373 35.32 3.80 -31.22
C LYS A 373 33.85 3.86 -30.81
N ASP A 374 33.54 3.47 -29.57
CA ASP A 374 32.16 3.49 -29.09
C ASP A 374 31.60 4.91 -29.07
N SER A 375 30.28 5.01 -29.14
CA SER A 375 29.64 6.32 -29.20
C SER A 375 28.25 6.25 -28.56
N VAL A 376 27.69 7.43 -28.29
CA VAL A 376 26.34 7.56 -27.76
C VAL A 376 25.56 8.57 -28.60
N TRP A 377 24.30 8.22 -28.91
CA TRP A 377 23.38 9.07 -29.64
C TRP A 377 22.52 9.85 -28.65
N ASN A 378 22.20 11.11 -29.01
CA ASN A 378 21.22 11.83 -28.20
C ASN A 378 19.94 11.01 -28.06
N TYR A 379 19.54 10.34 -29.13
CA TYR A 379 18.50 9.32 -29.03
C TYR A 379 18.68 8.37 -30.19
N HIS A 380 18.19 7.16 -30.02
CA HIS A 380 18.00 6.20 -31.09
C HIS A 380 16.61 5.61 -30.91
N CYS A 381 16.00 5.16 -32.02
CA CYS A 381 14.71 4.48 -31.88
C CYS A 381 14.65 3.23 -32.74
N TRP A 382 13.86 2.26 -32.25
CA TRP A 382 13.69 1.00 -32.93
C TRP A 382 12.25 0.54 -32.73
N ASN A 383 11.96 -0.68 -33.13
CA ASN A 383 10.62 -1.21 -33.08
C ASN A 383 10.53 -2.31 -32.05
N GLU A 384 9.32 -2.48 -31.52
CA GLU A 384 8.96 -3.70 -30.82
C GLU A 384 7.84 -4.39 -31.59
N ALA A 385 7.94 -5.70 -31.70
CA ALA A 385 6.94 -6.54 -32.33
C ALA A 385 6.49 -7.60 -31.31
N TRP A 386 5.20 -7.89 -31.29
CA TRP A 386 4.59 -8.73 -30.26
C TRP A 386 4.41 -10.16 -30.75
N MET A 387 4.90 -11.15 -29.99
CA MET A 387 4.81 -12.55 -30.40
C MET A 387 5.26 -13.49 -29.27
N THR A 388 4.77 -14.72 -29.32
CA THR A 388 5.33 -15.79 -28.51
C THR A 388 6.76 -16.05 -28.97
N ARG A 389 7.54 -16.69 -28.11
CA ARG A 389 8.89 -17.14 -28.45
C ARG A 389 9.00 -18.62 -28.13
N PRO A 390 8.43 -19.48 -28.97
CA PRO A 390 8.54 -20.93 -28.72
C PRO A 390 9.97 -21.45 -28.85
N ASP A 391 10.89 -20.66 -29.40
CA ASP A 391 12.29 -21.03 -29.40
C ASP A 391 13.02 -20.68 -28.11
N LEU A 392 12.40 -19.97 -27.18
CA LEU A 392 12.97 -19.57 -25.88
C LEU A 392 12.15 -20.20 -24.76
N PRO A 393 12.70 -20.35 -23.55
CA PRO A 393 11.89 -20.88 -22.45
C PRO A 393 10.66 -20.01 -22.20
N VAL A 394 9.66 -20.58 -21.53
CA VAL A 394 8.48 -19.80 -21.24
C VAL A 394 8.88 -18.60 -20.39
N GLY A 395 8.23 -17.47 -20.64
CA GLY A 395 8.48 -16.24 -19.93
C GLY A 395 9.08 -15.14 -20.77
N PHE A 396 9.58 -15.44 -21.96
CA PHE A 396 10.31 -14.49 -22.78
C PHE A 396 9.57 -14.09 -24.05
N GLY A 397 8.26 -14.41 -24.16
CA GLY A 397 7.46 -13.90 -25.26
C GLY A 397 7.10 -12.46 -25.00
N GLY A 398 6.06 -11.99 -25.70
CA GLY A 398 5.67 -10.60 -25.57
C GLY A 398 6.43 -9.65 -26.47
N TRP A 399 6.80 -8.47 -25.97
CA TRP A 399 7.46 -7.49 -26.82
C TRP A 399 8.90 -7.93 -27.12
N GLN A 400 9.25 -7.90 -28.40
CA GLN A 400 10.57 -8.25 -28.90
C GLN A 400 11.15 -7.02 -29.58
N ALA A 401 12.37 -6.64 -29.21
CA ALA A 401 13.03 -5.50 -29.87
C ALA A 401 13.57 -5.95 -31.22
N VAL A 402 13.22 -5.20 -32.26
CA VAL A 402 13.73 -5.41 -33.61
C VAL A 402 14.13 -4.06 -34.17
N ASP A 403 15.29 -4.00 -34.84
CA ASP A 403 15.89 -2.73 -35.24
C ASP A 403 16.42 -2.87 -36.66
N SER A 404 15.90 -2.05 -37.57
CA SER A 404 16.36 -2.06 -38.95
C SER A 404 17.39 -0.98 -39.26
N THR A 405 17.70 -0.09 -38.32
CA THR A 405 18.79 0.87 -38.53
C THR A 405 20.12 0.14 -38.54
N PRO A 406 20.95 0.29 -39.58
CA PRO A 406 22.23 -0.42 -39.59
C PRO A 406 23.18 0.16 -38.55
N GLN A 407 23.68 -0.70 -37.67
CA GLN A 407 24.72 -0.28 -36.75
C GLN A 407 25.80 -1.36 -36.68
N GLU A 408 25.44 -2.55 -36.19
CA GLU A 408 26.38 -3.65 -36.09
C GLU A 408 25.86 -4.87 -36.87
N ASN A 409 26.81 -5.65 -37.38
CA ASN A 409 26.45 -6.88 -38.07
C ASN A 409 25.97 -7.93 -37.07
N SER A 410 24.95 -8.67 -37.46
CA SER A 410 24.45 -9.81 -36.70
C SER A 410 24.51 -11.01 -37.65
N ASP A 411 25.41 -11.94 -37.38
CA ASP A 411 25.58 -13.12 -38.23
C ASP A 411 25.74 -12.70 -39.69
N GLY A 412 26.61 -11.73 -39.93
CA GLY A 412 27.01 -11.33 -41.27
C GLY A 412 26.14 -10.32 -41.98
N MET A 413 25.06 -9.83 -41.36
CA MET A 413 24.20 -8.85 -42.01
C MET A 413 23.82 -7.76 -41.02
N TYR A 414 23.58 -6.56 -41.54
CA TYR A 414 23.01 -5.47 -40.74
C TYR A 414 21.53 -5.75 -40.47
N ARG A 415 21.27 -6.27 -39.27
CA ARG A 415 19.94 -6.60 -38.78
C ARG A 415 20.06 -6.68 -37.26
N CYS A 416 18.92 -6.75 -36.58
CA CYS A 416 18.95 -6.78 -35.12
C CYS A 416 17.64 -7.32 -34.58
N GLY A 417 17.68 -8.44 -33.86
CA GLY A 417 16.47 -8.96 -33.25
C GLY A 417 15.80 -10.10 -34.02
N PRO A 418 14.66 -10.59 -33.53
CA PRO A 418 13.95 -10.14 -32.32
C PRO A 418 14.68 -10.51 -31.03
N ALA A 419 14.85 -9.52 -30.16
CA ALA A 419 15.45 -9.72 -28.85
C ALA A 419 14.36 -9.59 -27.80
N SER A 420 14.23 -10.60 -26.93
CA SER A 420 13.22 -10.56 -25.88
C SER A 420 13.53 -9.43 -24.89
N VAL A 421 12.63 -8.45 -24.81
CA VAL A 421 12.77 -7.35 -23.87
C VAL A 421 12.86 -7.86 -22.43
N GLN A 422 12.08 -8.91 -22.12
CA GLN A 422 12.12 -9.49 -20.79
C GLN A 422 13.46 -10.17 -20.51
N ALA A 423 14.07 -10.77 -21.53
CA ALA A 423 15.40 -11.33 -21.35
C ALA A 423 16.43 -10.23 -21.12
N ILE A 424 16.28 -9.11 -21.82
CA ILE A 424 17.20 -7.99 -21.67
C ILE A 424 17.16 -7.45 -20.25
N LYS A 425 15.95 -7.30 -19.71
CA LYS A 425 15.77 -6.70 -18.39
C LYS A 425 16.54 -7.48 -17.32
N HIS A 426 16.51 -8.80 -17.39
CA HIS A 426 17.17 -9.64 -16.41
C HIS A 426 18.58 -10.01 -16.83
N GLY A 427 19.05 -9.46 -17.95
CA GLY A 427 20.40 -9.74 -18.37
C GLY A 427 20.61 -11.12 -18.93
N HIS A 428 19.54 -11.84 -19.27
CA HIS A 428 19.66 -13.15 -19.87
C HIS A 428 19.84 -13.01 -21.38
N VAL A 429 20.95 -12.35 -21.75
CA VAL A 429 21.20 -11.95 -23.13
C VAL A 429 21.73 -13.09 -23.99
N CYS A 430 21.90 -14.27 -23.40
CA CYS A 430 22.20 -15.48 -24.16
C CYS A 430 21.09 -15.90 -25.11
N PHE A 431 19.83 -15.48 -24.87
CA PHE A 431 18.73 -15.92 -25.74
C PHE A 431 18.70 -15.09 -27.02
N GLN A 432 18.67 -15.77 -28.16
CA GLN A 432 18.68 -15.14 -29.48
C GLN A 432 17.46 -14.22 -29.63
N PHE A 433 17.55 -13.12 -30.40
CA PHE A 433 18.71 -12.70 -31.19
C PHE A 433 19.21 -11.29 -30.83
N ASP A 434 20.53 -11.12 -30.75
CA ASP A 434 21.17 -9.82 -30.61
C ASP A 434 20.80 -9.13 -29.30
N ALA A 435 20.40 -9.89 -28.28
CA ALA A 435 20.09 -9.29 -26.98
C ALA A 435 21.29 -8.61 -26.32
N PRO A 436 22.53 -9.10 -26.43
CA PRO A 436 23.65 -8.33 -25.84
C PRO A 436 23.79 -6.94 -26.43
N PHE A 437 23.59 -6.77 -27.75
CA PHE A 437 23.71 -5.44 -28.35
C PHE A 437 22.61 -4.51 -27.85
N VAL A 438 21.37 -4.98 -27.83
CA VAL A 438 20.26 -4.14 -27.35
C VAL A 438 20.45 -3.81 -25.88
N PHE A 439 20.96 -4.77 -25.09
CA PHE A 439 21.25 -4.47 -23.70
C PHE A 439 22.25 -3.32 -23.60
N ALA A 440 23.33 -3.38 -24.37
CA ALA A 440 24.34 -2.32 -24.35
C ALA A 440 23.73 -0.97 -24.72
N GLU A 441 22.78 -0.98 -25.65
CA GLU A 441 22.13 0.26 -26.06
C GLU A 441 21.39 0.92 -24.91
N VAL A 442 20.74 0.12 -24.05
CA VAL A 442 19.91 0.68 -23.00
C VAL A 442 20.61 0.76 -21.66
N ASN A 443 21.70 0.01 -21.44
CA ASN A 443 22.23 0.02 -20.08
C ASN A 443 23.72 -0.30 -19.98
N SER A 444 24.52 0.02 -20.98
CA SER A 444 25.95 -0.19 -20.82
C SER A 444 26.54 0.88 -19.92
N ASP A 445 27.56 0.50 -19.15
CA ASP A 445 28.31 1.47 -18.35
C ASP A 445 29.29 2.23 -19.22
N LEU A 446 29.61 3.46 -18.79
CA LEU A 446 30.70 4.23 -19.41
C LEU A 446 31.98 3.97 -18.63
N ILE A 447 33.01 3.47 -19.31
CA ILE A 447 34.30 3.17 -18.70
C ILE A 447 35.35 4.11 -19.31
N TYR A 448 35.84 5.06 -18.52
CA TYR A 448 36.89 5.97 -18.97
C TYR A 448 38.24 5.32 -18.66
N ILE A 449 38.98 4.95 -19.70
CA ILE A 449 40.17 4.13 -19.54
C ILE A 449 41.41 4.87 -20.03
N VAL A 458 44.53 2.04 -17.98
CA VAL A 458 44.09 2.18 -16.59
C VAL A 458 42.71 2.84 -16.52
N VAL A 459 41.84 2.28 -15.68
CA VAL A 459 40.45 2.71 -15.59
C VAL A 459 40.36 3.93 -14.68
N GLU A 460 40.04 5.09 -15.25
CA GLU A 460 39.97 6.33 -14.50
C GLU A 460 38.61 6.56 -13.83
N ASN A 461 37.51 6.16 -14.47
CA ASN A 461 36.19 6.54 -13.97
C ASN A 461 35.13 5.65 -14.61
N VAL A 462 34.03 5.46 -13.88
CA VAL A 462 32.90 4.67 -14.36
C VAL A 462 31.62 5.47 -14.15
N ASP A 463 30.82 5.64 -15.21
CA ASP A 463 29.50 6.23 -15.11
C ASP A 463 28.49 5.12 -15.38
N ALA A 464 27.76 4.74 -14.33
CA ALA A 464 26.83 3.63 -14.40
C ALA A 464 25.39 4.05 -14.68
N THR A 465 25.11 5.34 -14.87
CA THR A 465 23.75 5.82 -14.94
C THR A 465 23.43 6.63 -16.17
N HIS A 466 24.40 6.87 -17.06
CA HIS A 466 24.16 7.82 -18.14
C HIS A 466 23.34 7.21 -19.28
N ILE A 467 23.69 5.99 -19.69
CA ILE A 467 23.07 5.39 -20.87
C ILE A 467 21.64 5.01 -20.56
N GLY A 468 20.75 5.23 -21.54
CA GLY A 468 19.37 4.76 -21.43
C GLY A 468 18.62 5.45 -20.32
N LYS A 469 18.65 6.78 -20.34
CA LYS A 469 18.07 7.57 -19.26
C LYS A 469 16.55 7.46 -19.22
N LEU A 470 15.92 7.30 -20.39
CA LEU A 470 14.48 7.26 -20.52
C LEU A 470 14.15 6.56 -21.83
N ILE A 471 13.15 5.67 -21.80
CA ILE A 471 12.69 4.93 -22.97
C ILE A 471 11.18 5.09 -23.06
N VAL A 472 10.69 5.56 -24.22
CA VAL A 472 9.29 5.96 -24.35
C VAL A 472 8.69 5.44 -25.66
N THR A 473 7.36 5.37 -25.67
CA THR A 473 6.58 5.03 -26.85
C THR A 473 5.25 5.78 -26.73
N LYS A 474 4.58 5.95 -27.88
CA LYS A 474 3.29 6.66 -27.92
C LYS A 474 2.27 5.94 -27.05
N GLN A 475 1.48 6.71 -26.31
CA GLN A 475 0.45 6.12 -25.47
C GLN A 475 -0.71 5.61 -26.31
N ILE A 476 -1.45 4.66 -25.74
CA ILE A 476 -2.68 4.19 -26.36
C ILE A 476 -3.72 5.30 -26.30
N GLY A 477 -4.34 5.60 -27.44
CA GLY A 477 -5.46 6.55 -27.45
C GLY A 477 -5.10 8.00 -27.24
N GLY A 478 -3.88 8.40 -27.59
CA GLY A 478 -3.50 9.79 -27.52
C GLY A 478 -2.10 9.93 -28.05
N ASP A 479 -1.67 11.18 -28.19
CA ASP A 479 -0.34 11.47 -28.69
C ASP A 479 0.67 11.63 -27.57
N GLY A 480 0.28 11.36 -26.33
CA GLY A 480 1.17 11.49 -25.21
C GLY A 480 2.21 10.39 -25.14
N MET A 481 3.10 10.57 -24.19
CA MET A 481 4.31 9.77 -24.01
C MET A 481 4.10 8.72 -22.93
N MET A 482 4.45 7.47 -23.23
CA MET A 482 4.42 6.41 -22.22
C MET A 482 5.85 6.05 -21.85
N ASP A 483 6.18 6.19 -20.58
CA ASP A 483 7.48 5.78 -20.06
C ASP A 483 7.51 4.26 -19.95
N ILE A 484 8.34 3.59 -20.75
CA ILE A 484 8.50 2.14 -20.68
C ILE A 484 9.93 1.75 -20.27
N THR A 485 10.68 2.67 -19.64
CA THR A 485 12.05 2.37 -19.24
C THR A 485 12.09 1.10 -18.40
N ASP A 486 11.12 0.92 -17.49
CA ASP A 486 11.12 -0.21 -16.57
C ASP A 486 10.99 -1.55 -17.29
N THR A 487 10.50 -1.57 -18.54
CA THR A 487 10.40 -2.86 -19.22
C THR A 487 11.77 -3.34 -19.68
N TYR A 488 12.71 -2.42 -19.92
CA TYR A 488 14.04 -2.78 -20.39
C TYR A 488 15.06 -2.98 -19.28
N LYS A 489 14.90 -2.30 -18.14
CA LYS A 489 15.92 -2.39 -17.10
C LYS A 489 15.34 -2.00 -15.76
N PHE A 490 15.97 -2.51 -14.71
CA PHE A 490 15.66 -2.10 -13.35
C PHE A 490 16.09 -0.65 -13.13
N GLN A 491 15.54 -0.03 -12.09
CA GLN A 491 15.83 1.37 -11.81
C GLN A 491 17.31 1.59 -11.50
N GLU A 492 17.89 2.64 -12.08
CA GLU A 492 19.24 3.05 -11.71
C GLU A 492 19.34 3.26 -10.21
N GLY A 493 20.47 2.85 -9.64
CA GLY A 493 20.70 2.93 -8.22
C GLY A 493 20.30 1.69 -7.45
N GLN A 494 19.40 0.87 -7.99
CA GLN A 494 18.93 -0.33 -7.32
C GLN A 494 19.92 -1.48 -7.51
N GLU A 495 20.02 -2.34 -6.49
CA GLU A 495 20.96 -3.45 -6.56
C GLU A 495 20.65 -4.37 -7.75
N GLU A 496 19.37 -4.58 -8.06
CA GLU A 496 19.01 -5.47 -9.17
C GLU A 496 19.59 -4.97 -10.49
N GLU A 497 19.60 -3.65 -10.71
CA GLU A 497 20.18 -3.14 -11.94
C GLU A 497 21.66 -3.51 -12.04
N ARG A 498 22.40 -3.46 -10.93
CA ARG A 498 23.77 -3.97 -10.91
C ARG A 498 23.80 -5.46 -11.20
N LEU A 499 22.98 -6.24 -10.49
CA LEU A 499 23.02 -7.69 -10.65
C LEU A 499 22.61 -8.11 -12.06
N ALA A 500 21.60 -7.46 -12.62
CA ALA A 500 21.22 -7.79 -14.00
C ALA A 500 22.34 -7.44 -14.97
N LEU A 501 23.05 -6.33 -14.74
CA LEU A 501 24.12 -5.98 -15.66
C LEU A 501 25.28 -6.97 -15.59
N GLU A 502 25.66 -7.37 -14.38
CA GLU A 502 26.73 -8.36 -14.26
C GLU A 502 26.32 -9.71 -14.87
N THR A 503 25.04 -10.06 -14.80
CA THR A 503 24.56 -11.25 -15.49
C THR A 503 24.76 -11.12 -16.99
N ALA A 504 24.40 -9.96 -17.55
CA ALA A 504 24.53 -9.76 -18.98
C ALA A 504 25.98 -9.82 -19.42
N LEU A 505 26.88 -9.18 -18.66
CA LEU A 505 28.30 -9.24 -18.99
C LEU A 505 28.81 -10.67 -18.88
N MET A 506 28.28 -11.45 -17.93
CA MET A 506 28.70 -12.83 -17.79
C MET A 506 28.25 -13.66 -18.99
N TYR A 507 26.97 -13.57 -19.35
CA TYR A 507 26.50 -14.19 -20.58
C TYR A 507 27.15 -13.56 -21.80
N GLY A 508 27.63 -12.33 -21.69
CA GLY A 508 28.46 -11.72 -22.71
C GLY A 508 27.78 -11.57 -24.05
N SER A 523 34.57 -19.73 -7.91
CA SER A 523 34.48 -19.56 -6.47
C SER A 523 34.17 -20.88 -5.77
N ASN A 524 33.74 -21.87 -6.56
CA ASN A 524 33.35 -23.19 -6.07
C ASN A 524 32.04 -23.13 -5.31
N VAL A 525 31.15 -22.22 -5.70
CA VAL A 525 29.81 -22.09 -5.14
C VAL A 525 28.79 -22.49 -6.20
N ASP A 526 27.84 -23.34 -5.81
CA ASP A 526 26.72 -23.76 -6.65
C ASP A 526 25.43 -23.17 -6.09
N MET A 527 24.57 -22.67 -6.98
CA MET A 527 23.28 -22.14 -6.58
CA MET A 527 23.28 -22.14 -6.59
C MET A 527 22.18 -22.83 -7.38
N ASP A 528 21.15 -23.29 -6.68
CA ASP A 528 19.95 -23.78 -7.33
C ASP A 528 18.76 -23.28 -6.53
N PHE A 529 17.56 -23.44 -7.09
CA PHE A 529 16.37 -23.17 -6.32
C PHE A 529 15.25 -24.07 -6.81
N GLU A 530 14.32 -24.34 -5.91
CA GLU A 530 13.14 -25.12 -6.21
C GLU A 530 11.95 -24.43 -5.55
N VAL A 531 10.77 -24.70 -6.08
CA VAL A 531 9.54 -24.24 -5.46
C VAL A 531 8.94 -25.44 -4.76
N GLU A 532 8.82 -25.34 -3.43
CA GLU A 532 8.28 -26.44 -2.65
C GLU A 532 6.77 -26.48 -2.79
N ASN A 533 6.24 -27.68 -3.11
CA ASN A 533 4.83 -27.99 -3.23
C ASN A 533 3.93 -26.76 -3.37
N ALA A 534 3.78 -26.25 -4.57
CA ALA A 534 3.11 -24.97 -4.78
C ALA A 534 1.68 -25.24 -5.24
N VAL A 535 0.73 -24.88 -4.39
CA VAL A 535 -0.68 -25.10 -4.64
C VAL A 535 -1.38 -23.77 -4.84
N LEU A 536 -2.13 -23.67 -5.95
CA LEU A 536 -2.99 -22.53 -6.19
C LEU A 536 -3.88 -22.24 -4.99
N GLY A 537 -3.91 -20.98 -4.55
CA GLY A 537 -4.72 -20.56 -3.44
C GLY A 537 -4.03 -20.56 -2.08
N LYS A 538 -2.77 -20.98 -2.00
CA LYS A 538 -2.05 -21.07 -0.74
C LYS A 538 -0.71 -20.34 -0.85
N ASP A 539 -0.18 -19.91 0.29
CA ASP A 539 1.22 -19.48 0.30
C ASP A 539 2.10 -20.67 -0.05
N PHE A 540 3.32 -20.38 -0.49
CA PHE A 540 4.26 -21.44 -0.76
C PHE A 540 5.68 -20.89 -0.63
N LYS A 541 6.64 -21.81 -0.53
CA LYS A 541 8.02 -21.45 -0.31
C LYS A 541 8.81 -21.56 -1.61
N LEU A 542 9.68 -20.58 -1.84
CA LEU A 542 10.72 -20.65 -2.85
C LEU A 542 12.04 -20.89 -2.11
N SER A 543 12.64 -22.06 -2.34
CA SER A 543 13.82 -22.49 -1.61
C SER A 543 15.05 -22.32 -2.50
N ILE A 544 15.94 -21.41 -2.10
CA ILE A 544 17.19 -21.17 -2.82
C ILE A 544 18.31 -21.83 -2.01
N THR A 545 19.07 -22.73 -2.64
CA THR A 545 20.14 -23.43 -1.96
C THR A 545 21.49 -23.01 -2.53
N PHE A 546 22.44 -22.75 -1.63
CA PHE A 546 23.83 -22.49 -1.99
C PHE A 546 24.70 -23.61 -1.45
N ARG A 547 25.57 -24.14 -2.29
CA ARG A 547 26.53 -25.16 -1.87
C ARG A 547 27.94 -24.62 -2.08
N ASN A 548 28.67 -24.45 -0.97
CA ASN A 548 30.02 -23.93 -0.98
C ASN A 548 30.99 -25.09 -0.77
N ASN A 549 31.65 -25.51 -1.85
CA ASN A 549 32.62 -26.59 -1.81
C ASN A 549 34.04 -26.13 -1.51
N SER A 550 34.28 -24.82 -1.36
CA SER A 550 35.59 -24.30 -1.04
C SER A 550 35.79 -24.19 0.48
N HIS A 551 37.01 -23.84 0.87
CA HIS A 551 37.36 -23.53 2.25
C HIS A 551 37.19 -22.05 2.59
N ASN A 552 36.53 -21.26 1.73
CA ASN A 552 36.42 -19.82 1.91
C ASN A 552 35.06 -19.44 2.46
N ARG A 553 35.04 -18.44 3.34
CA ARG A 553 33.80 -17.80 3.72
C ARG A 553 33.49 -16.72 2.70
N TYR A 554 32.27 -16.74 2.16
CA TYR A 554 31.84 -15.82 1.13
C TYR A 554 30.64 -15.02 1.63
N THR A 555 30.46 -13.82 1.08
CA THR A 555 29.22 -13.08 1.22
C THR A 555 28.50 -13.04 -0.13
N ILE A 556 27.17 -13.05 -0.08
CA ILE A 556 26.37 -13.13 -1.30
C ILE A 556 25.34 -12.02 -1.29
N THR A 557 25.18 -11.35 -2.42
CA THR A 557 24.14 -10.36 -2.63
C THR A 557 23.34 -10.82 -3.85
N ALA A 558 22.02 -10.86 -3.71
CA ALA A 558 21.19 -11.53 -4.71
C ALA A 558 19.85 -10.84 -4.80
N TYR A 559 19.13 -11.09 -5.90
CA TYR A 559 17.73 -10.71 -5.99
C TYR A 559 16.88 -11.86 -6.51
N LEU A 560 15.59 -11.77 -6.20
CA LEU A 560 14.57 -12.70 -6.66
C LEU A 560 13.49 -11.92 -7.40
N SER A 561 13.13 -12.40 -8.58
CA SER A 561 12.01 -11.84 -9.34
C SER A 561 11.01 -12.95 -9.62
N ALA A 562 9.80 -12.79 -9.12
CA ALA A 562 8.70 -13.73 -9.32
C ALA A 562 7.65 -13.09 -10.21
N ASN A 563 7.23 -13.83 -11.24
CA ASN A 563 6.41 -13.28 -12.32
C ASN A 563 5.29 -14.25 -12.69
N ILE A 564 4.16 -13.71 -13.12
CA ILE A 564 3.09 -14.50 -13.73
C ILE A 564 3.25 -14.48 -15.24
N THR A 565 3.02 -15.63 -15.87
CA THR A 565 3.24 -15.83 -17.28
C THR A 565 2.00 -16.47 -17.88
N PHE A 566 1.63 -16.04 -19.09
CA PHE A 566 0.59 -16.71 -19.84
C PHE A 566 1.06 -18.10 -20.28
N TYR A 567 0.08 -19.00 -20.50
CA TYR A 567 0.38 -20.38 -20.90
C TYR A 567 1.31 -20.47 -22.11
N THR A 568 1.20 -19.51 -23.04
CA THR A 568 2.04 -19.48 -24.24
C THR A 568 3.45 -18.96 -23.98
N GLY A 569 3.79 -18.60 -22.74
CA GLY A 569 5.09 -18.06 -22.43
C GLY A 569 5.20 -16.56 -22.52
N VAL A 570 4.10 -15.86 -22.75
CA VAL A 570 4.12 -14.40 -22.76
C VAL A 570 4.12 -13.89 -21.32
N PRO A 571 5.04 -13.01 -20.94
CA PRO A 571 5.05 -12.52 -19.57
C PRO A 571 3.84 -11.61 -19.33
N LYS A 572 3.28 -11.71 -18.13
CA LYS A 572 2.18 -10.83 -17.73
C LYS A 572 2.58 -9.78 -16.70
N ALA A 573 3.17 -10.18 -15.56
CA ALA A 573 3.49 -9.18 -14.56
C ALA A 573 4.47 -9.75 -13.55
N GLU A 574 5.32 -8.86 -13.03
CA GLU A 574 6.11 -9.16 -11.85
C GLU A 574 5.23 -8.93 -10.63
N PHE A 575 5.12 -9.94 -9.76
CA PHE A 575 4.31 -9.81 -8.56
C PHE A 575 5.13 -9.82 -7.28
N LYS A 576 6.42 -10.13 -7.35
CA LYS A 576 7.28 -10.11 -6.17
C LYS A 576 8.71 -9.85 -6.62
N LYS A 577 9.39 -8.95 -5.91
CA LYS A 577 10.80 -8.66 -6.17
C LYS A 577 11.49 -8.42 -4.84
N GLU A 578 12.54 -9.19 -4.56
CA GLU A 578 13.29 -9.05 -3.31
C GLU A 578 14.77 -9.16 -3.59
N THR A 579 15.55 -8.32 -2.93
CA THR A 579 16.99 -8.50 -2.83
C THR A 579 17.32 -9.01 -1.43
N PHE A 580 18.42 -9.75 -1.30
CA PHE A 580 18.83 -10.25 0.00
C PHE A 580 20.32 -10.52 0.01
N ASP A 581 20.88 -10.57 1.22
CA ASP A 581 22.27 -10.86 1.47
C ASP A 581 22.37 -12.08 2.37
N VAL A 582 23.33 -12.95 2.09
CA VAL A 582 23.55 -14.14 2.89
C VAL A 582 25.05 -14.40 2.99
N THR A 583 25.48 -14.91 4.14
CA THR A 583 26.86 -15.32 4.35
C THR A 583 26.96 -16.82 4.17
N LEU A 584 28.04 -17.26 3.53
CA LEU A 584 28.24 -18.64 3.15
C LEU A 584 29.49 -19.18 3.86
N GLU A 585 29.29 -20.02 4.86
CA GLU A 585 30.41 -20.63 5.55
C GLU A 585 31.13 -21.61 4.64
N PRO A 586 32.39 -21.92 4.92
CA PRO A 586 33.09 -22.92 4.12
C PRO A 586 32.47 -24.30 4.28
N LEU A 587 32.66 -25.13 3.26
CA LEU A 587 32.32 -26.55 3.28
C LEU A 587 30.93 -26.80 3.86
N SER A 588 29.95 -26.11 3.29
CA SER A 588 28.62 -26.06 3.85
C SER A 588 27.60 -25.94 2.73
N PHE A 589 26.35 -26.25 3.06
CA PHE A 589 25.22 -25.94 2.18
C PHE A 589 24.22 -25.14 2.99
N LYS A 590 23.63 -24.11 2.37
CA LYS A 590 22.68 -23.24 3.06
C LYS A 590 21.44 -23.05 2.22
N LYS A 591 20.27 -23.28 2.82
CA LYS A 591 18.98 -23.07 2.16
C LYS A 591 18.35 -21.78 2.69
N GLU A 592 17.96 -20.90 1.77
CA GLU A 592 17.29 -19.63 2.08
C GLU A 592 15.86 -19.71 1.56
N ALA A 593 14.90 -19.86 2.49
CA ALA A 593 13.50 -20.03 2.15
C ALA A 593 12.82 -18.68 2.01
N VAL A 594 12.20 -18.43 0.87
CA VAL A 594 11.47 -17.20 0.61
C VAL A 594 9.99 -17.53 0.61
N LEU A 595 9.24 -16.91 1.51
CA LEU A 595 7.80 -17.10 1.58
C LEU A 595 7.11 -16.26 0.51
N ILE A 596 6.28 -16.92 -0.28
CA ILE A 596 5.46 -16.24 -1.28
C ILE A 596 4.02 -16.38 -0.84
N GLN A 597 3.46 -15.29 -0.33
CA GLN A 597 2.11 -15.33 0.22
C GLN A 597 1.07 -15.32 -0.90
N ALA A 598 -0.06 -15.99 -0.62
CA ALA A 598 -1.14 -16.09 -1.60
C ALA A 598 -1.58 -14.71 -2.08
N GLY A 599 -1.67 -13.74 -1.17
CA GLY A 599 -2.07 -12.39 -1.54
C GLY A 599 -1.19 -11.74 -2.59
N GLU A 600 0.07 -12.17 -2.66
CA GLU A 600 1.00 -11.50 -3.57
C GLU A 600 0.71 -11.86 -5.03
N TYR A 601 0.15 -13.03 -5.30
CA TYR A 601 -0.06 -13.45 -6.68
C TYR A 601 -1.52 -13.73 -7.05
N MET A 602 -2.39 -14.07 -6.10
CA MET A 602 -3.76 -14.50 -6.44
C MET A 602 -4.55 -13.45 -7.21
N GLY A 603 -4.22 -12.16 -7.05
CA GLY A 603 -4.93 -11.13 -7.78
C GLY A 603 -4.55 -11.01 -9.24
N GLN A 604 -3.48 -11.66 -9.69
CA GLN A 604 -3.01 -11.47 -11.05
C GLN A 604 -2.99 -12.76 -11.86
N LEU A 605 -3.67 -13.79 -11.40
CA LEU A 605 -3.68 -15.06 -12.13
C LEU A 605 -4.70 -15.04 -13.26
N LEU A 606 -4.55 -16.02 -14.16
CA LEU A 606 -5.51 -16.32 -15.23
C LEU A 606 -5.31 -17.77 -15.66
N GLU A 607 -6.22 -18.23 -16.51
CA GLU A 607 -6.27 -19.65 -16.84
C GLU A 607 -4.94 -20.13 -17.38
N GLN A 608 -4.51 -21.30 -16.90
CA GLN A 608 -3.27 -21.97 -17.30
C GLN A 608 -2.05 -21.08 -17.24
N ALA A 609 -2.08 -20.02 -16.43
CA ALA A 609 -0.88 -19.24 -16.20
C ALA A 609 0.15 -20.06 -15.43
N SER A 610 1.42 -19.79 -15.69
CA SER A 610 2.53 -20.33 -14.92
C SER A 610 3.22 -19.23 -14.14
N LEU A 611 4.18 -19.62 -13.30
CA LEU A 611 4.99 -18.69 -12.54
C LEU A 611 6.43 -18.77 -13.04
N HIS A 612 7.05 -17.61 -13.26
CA HIS A 612 8.41 -17.53 -13.78
C HIS A 612 9.28 -16.82 -12.74
N PHE A 613 10.33 -17.50 -12.28
CA PHE A 613 11.21 -16.99 -11.25
C PHE A 613 12.61 -16.74 -11.81
N PHE A 614 13.17 -15.57 -11.53
CA PHE A 614 14.58 -15.29 -11.74
C PHE A 614 15.27 -15.19 -10.38
N VAL A 615 16.43 -15.84 -10.24
CA VAL A 615 17.30 -15.63 -9.10
C VAL A 615 18.72 -15.39 -9.61
N THR A 616 19.33 -14.29 -9.16
CA THR A 616 20.68 -13.92 -9.55
C THR A 616 21.46 -13.55 -8.30
N ALA A 617 22.59 -14.23 -8.07
CA ALA A 617 23.39 -14.03 -6.88
C ALA A 617 24.82 -13.71 -7.30
N ARG A 618 25.40 -12.72 -6.64
CA ARG A 618 26.81 -12.37 -6.82
C ARG A 618 27.58 -12.84 -5.59
N ILE A 619 28.68 -13.53 -5.82
CA ILE A 619 29.65 -13.79 -4.75
C ILE A 619 30.55 -12.57 -4.67
N ASN A 620 30.46 -11.85 -3.55
CA ASN A 620 31.03 -10.50 -3.47
C ASN A 620 32.54 -10.51 -3.51
N GLU A 621 33.18 -11.49 -2.86
CA GLU A 621 34.63 -11.46 -2.74
C GLU A 621 35.29 -11.80 -4.07
N THR A 622 34.57 -12.43 -4.99
CA THR A 622 35.09 -12.80 -6.29
C THR A 622 34.34 -12.15 -7.45
N ARG A 623 33.20 -11.50 -7.20
CA ARG A 623 32.34 -10.91 -8.21
C ARG A 623 31.73 -11.93 -9.16
N ASP A 624 31.89 -13.23 -8.88
CA ASP A 624 31.25 -14.25 -9.69
C ASP A 624 29.74 -14.11 -9.62
N VAL A 625 29.09 -14.35 -10.75
CA VAL A 625 27.63 -14.27 -10.86
C VAL A 625 27.08 -15.66 -11.06
N LEU A 626 26.00 -15.98 -10.36
CA LEU A 626 25.24 -17.21 -10.58
C LEU A 626 23.81 -16.82 -10.87
N ALA A 627 23.31 -17.18 -12.04
CA ALA A 627 22.02 -16.72 -12.52
C ALA A 627 21.23 -17.89 -13.06
N LYS A 628 20.02 -18.10 -12.57
N LYS A 628 20.03 -18.08 -12.54
CA LYS A 628 19.18 -19.14 -13.14
CA LYS A 628 19.12 -19.14 -12.97
C LYS A 628 17.72 -18.67 -13.13
C LYS A 628 17.74 -18.55 -13.21
N GLN A 629 16.97 -19.21 -14.09
CA GLN A 629 15.57 -18.89 -14.29
C GLN A 629 14.80 -20.19 -14.52
N LYS A 630 13.63 -20.30 -13.91
CA LYS A 630 12.83 -21.50 -13.96
C LYS A 630 11.37 -21.12 -13.90
N SER A 631 10.53 -21.94 -14.52
CA SER A 631 9.09 -21.77 -14.44
CA SER A 631 9.09 -21.77 -14.44
C SER A 631 8.45 -23.00 -13.82
N THR A 632 7.31 -22.79 -13.16
CA THR A 632 6.56 -23.87 -12.53
C THR A 632 5.09 -23.61 -12.76
N VAL A 633 4.33 -24.69 -12.81
CA VAL A 633 2.87 -24.64 -12.88
C VAL A 633 2.34 -24.95 -11.49
N LEU A 634 1.39 -24.16 -11.03
CA LEU A 634 0.80 -24.38 -9.71
C LEU A 634 -0.09 -25.62 -9.74
N THR A 635 0.06 -26.47 -8.73
CA THR A 635 -0.90 -27.55 -8.53
C THR A 635 -2.27 -26.93 -8.26
N ILE A 636 -3.29 -27.42 -8.95
CA ILE A 636 -4.61 -26.79 -8.94
C ILE A 636 -5.59 -27.71 -8.21
N PRO A 637 -6.12 -27.29 -7.06
CA PRO A 637 -7.12 -28.11 -6.37
C PRO A 637 -8.38 -28.23 -7.22
N GLU A 638 -8.98 -29.42 -7.21
CA GLU A 638 -10.17 -29.68 -8.01
C GLU A 638 -11.42 -29.55 -7.15
N ILE A 639 -12.47 -29.00 -7.74
CA ILE A 639 -13.82 -29.03 -7.20
C ILE A 639 -14.72 -29.63 -8.26
N ILE A 640 -15.40 -30.72 -7.92
CA ILE A 640 -16.18 -31.48 -8.89
C ILE A 640 -17.66 -31.15 -8.67
N ILE A 641 -18.35 -30.82 -9.75
CA ILE A 641 -19.78 -30.57 -9.74
C ILE A 641 -20.44 -31.68 -10.55
N LYS A 642 -21.39 -32.38 -9.93
CA LYS A 642 -22.24 -33.33 -10.63
C LYS A 642 -23.69 -32.90 -10.43
N VAL A 643 -24.53 -33.35 -11.34
CA VAL A 643 -25.97 -33.11 -11.27
C VAL A 643 -26.66 -34.46 -11.34
N ARG A 644 -27.66 -34.66 -10.49
CA ARG A 644 -28.48 -35.86 -10.55
C ARG A 644 -29.93 -35.47 -10.76
N GLY A 645 -30.63 -36.27 -11.56
CA GLY A 645 -32.00 -36.02 -11.96
C GLY A 645 -32.08 -35.24 -13.25
N THR A 646 -33.31 -35.17 -13.78
CA THR A 646 -33.55 -34.47 -15.04
C THR A 646 -33.35 -32.97 -14.85
N GLN A 647 -32.82 -32.34 -15.88
CA GLN A 647 -32.48 -30.91 -15.86
C GLN A 647 -33.48 -30.15 -16.72
N VAL A 648 -34.72 -30.12 -16.26
CA VAL A 648 -35.83 -29.49 -16.98
C VAL A 648 -36.19 -28.18 -16.28
N VAL A 649 -36.52 -27.17 -17.09
CA VAL A 649 -36.82 -25.84 -16.56
C VAL A 649 -38.17 -25.87 -15.86
N GLY A 650 -38.18 -26.13 -14.56
CA GLY A 650 -39.43 -26.15 -13.82
C GLY A 650 -39.55 -27.35 -12.89
N SER A 651 -38.69 -28.35 -13.08
CA SER A 651 -38.59 -29.49 -12.19
C SER A 651 -37.31 -29.36 -11.35
N ASP A 652 -37.14 -30.28 -10.41
CA ASP A 652 -36.05 -30.20 -9.45
C ASP A 652 -34.88 -31.09 -9.86
N MET A 653 -33.67 -30.55 -9.67
CA MET A 653 -32.45 -31.30 -9.88
C MET A 653 -31.51 -31.07 -8.69
N THR A 654 -30.76 -32.10 -8.35
CA THR A 654 -29.82 -32.04 -7.25
C THR A 654 -28.42 -31.79 -7.79
N VAL A 655 -27.76 -30.77 -7.26
CA VAL A 655 -26.38 -30.45 -7.58
C VAL A 655 -25.50 -31.00 -6.48
N ILE A 656 -24.45 -31.72 -6.85
CA ILE A 656 -23.53 -32.32 -5.89
C ILE A 656 -22.17 -31.67 -6.09
N VAL A 657 -21.71 -30.96 -5.06
CA VAL A 657 -20.40 -30.31 -5.05
C VAL A 657 -19.49 -31.13 -4.15
N GLU A 658 -18.38 -31.59 -4.70
CA GLU A 658 -17.41 -32.42 -3.98
C GLU A 658 -16.07 -31.71 -3.95
N PHE A 659 -15.41 -31.74 -2.79
CA PHE A 659 -14.11 -31.13 -2.62
C PHE A 659 -13.24 -32.00 -1.74
N THR A 660 -12.01 -32.25 -2.18
CA THR A 660 -11.04 -33.02 -1.42
C THR A 660 -9.91 -32.09 -0.96
N ASN A 661 -9.58 -32.16 0.32
CA ASN A 661 -8.53 -31.33 0.86
C ASN A 661 -7.21 -31.79 0.27
N PRO A 662 -6.53 -30.98 -0.55
CA PRO A 662 -5.29 -31.43 -1.20
C PRO A 662 -4.04 -31.36 -0.32
N LEU A 663 -4.13 -30.80 0.89
CA LEU A 663 -2.96 -30.51 1.72
C LEU A 663 -2.77 -31.56 2.82
N LYS A 664 -1.56 -31.59 3.38
CA LYS A 664 -1.28 -32.37 4.57
C LYS A 664 -1.67 -31.65 5.85
N GLU A 665 -2.29 -30.47 5.74
CA GLU A 665 -2.76 -29.69 6.87
C GLU A 665 -4.29 -29.64 6.86
N THR A 666 -4.87 -29.35 8.01
CA THR A 666 -6.32 -29.29 8.15
C THR A 666 -6.85 -27.92 7.73
N LEU A 667 -7.88 -27.93 6.87
CA LEU A 667 -8.55 -26.69 6.46
C LEU A 667 -9.65 -26.37 7.48
N ARG A 668 -9.79 -25.09 7.80
CA ARG A 668 -10.71 -24.64 8.82
C ARG A 668 -11.57 -23.51 8.29
N ASN A 669 -12.84 -23.49 8.73
CA ASN A 669 -13.84 -22.51 8.30
C ASN A 669 -13.92 -22.44 6.78
N VAL A 670 -14.23 -23.59 6.21
CA VAL A 670 -14.33 -23.74 4.77
C VAL A 670 -15.71 -23.25 4.33
N TRP A 671 -15.73 -22.24 3.46
CA TRP A 671 -16.97 -21.79 2.83
C TRP A 671 -17.00 -22.24 1.38
N VAL A 672 -18.02 -23.03 1.03
CA VAL A 672 -18.28 -23.41 -0.36
C VAL A 672 -19.47 -22.62 -0.85
N HIS A 673 -19.34 -22.04 -2.05
CA HIS A 673 -20.42 -21.27 -2.66
C HIS A 673 -20.84 -21.94 -3.97
N LEU A 674 -22.13 -21.87 -4.28
CA LEU A 674 -22.63 -22.40 -5.55
C LEU A 674 -23.40 -21.30 -6.27
N ASP A 675 -23.04 -21.08 -7.52
CA ASP A 675 -23.56 -20.00 -8.32
C ASP A 675 -24.02 -20.60 -9.63
N GLY A 676 -25.10 -20.05 -10.19
CA GLY A 676 -25.62 -20.59 -11.43
C GLY A 676 -26.84 -19.84 -11.90
N PRO A 677 -26.62 -18.69 -12.54
CA PRO A 677 -27.74 -17.86 -12.99
C PRO A 677 -28.72 -18.64 -13.83
N GLY A 678 -30.01 -18.48 -13.52
CA GLY A 678 -31.05 -19.25 -14.15
C GLY A 678 -31.22 -20.67 -13.66
N VAL A 679 -30.22 -21.23 -12.99
CA VAL A 679 -30.27 -22.61 -12.50
C VAL A 679 -30.58 -22.65 -11.02
N THR A 680 -29.86 -21.87 -10.22
CA THR A 680 -30.09 -21.84 -8.78
C THR A 680 -29.88 -20.43 -8.27
N ARG A 681 -30.67 -20.06 -7.28
CA ARG A 681 -30.30 -18.92 -6.48
C ARG A 681 -28.97 -19.24 -5.80
N PRO A 682 -28.14 -18.24 -5.53
CA PRO A 682 -26.83 -18.49 -4.91
C PRO A 682 -26.98 -19.08 -3.51
N MET A 683 -26.15 -20.07 -3.22
CA MET A 683 -26.23 -20.81 -1.97
C MET A 683 -24.82 -20.99 -1.40
N LYS A 684 -24.76 -21.23 -0.08
CA LYS A 684 -23.49 -21.35 0.62
C LYS A 684 -23.54 -22.47 1.65
N LYS A 685 -22.43 -23.17 1.79
CA LYS A 685 -22.26 -24.23 2.75
C LYS A 685 -20.96 -24.01 3.51
N MET A 686 -21.02 -24.15 4.83
CA MET A 686 -19.84 -23.98 5.66
C MET A 686 -19.43 -25.33 6.26
N PHE A 687 -18.13 -25.62 6.22
CA PHE A 687 -17.53 -26.76 6.90
C PHE A 687 -16.51 -26.23 7.90
N ARG A 688 -16.66 -26.60 9.16
CA ARG A 688 -15.77 -26.07 10.19
C ARG A 688 -14.34 -26.60 10.03
N GLU A 689 -14.18 -27.84 9.56
CA GLU A 689 -12.88 -28.47 9.45
C GLU A 689 -12.96 -29.54 8.36
N ILE A 690 -11.93 -29.60 7.51
CA ILE A 690 -11.76 -30.70 6.56
C ILE A 690 -10.36 -31.24 6.78
N ARG A 691 -10.27 -32.48 7.24
CA ARG A 691 -9.03 -33.12 7.58
C ARG A 691 -8.18 -33.38 6.33
N PRO A 692 -6.90 -33.70 6.50
CA PRO A 692 -6.03 -33.95 5.34
C PRO A 692 -6.55 -35.06 4.44
N ASN A 693 -6.51 -34.79 3.12
CA ASN A 693 -6.92 -35.75 2.08
C ASN A 693 -8.35 -36.20 2.23
N SER A 694 -9.16 -35.49 3.00
CA SER A 694 -10.55 -35.85 3.19
C SER A 694 -11.45 -35.17 2.17
N THR A 695 -12.54 -35.84 1.83
CA THR A 695 -13.50 -35.38 0.84
C THR A 695 -14.79 -35.01 1.54
N VAL A 696 -15.34 -33.85 1.19
CA VAL A 696 -16.67 -33.47 1.63
C VAL A 696 -17.56 -33.40 0.41
N GLN A 697 -18.87 -33.52 0.65
CA GLN A 697 -19.82 -33.52 -0.43
C GLN A 697 -21.00 -32.67 0.00
N TRP A 698 -21.55 -31.89 -0.93
CA TRP A 698 -22.61 -30.94 -0.61
C TRP A 698 -23.70 -31.09 -1.67
N GLU A 699 -24.91 -31.41 -1.23
CA GLU A 699 -26.04 -31.60 -2.13
C GLU A 699 -27.00 -30.43 -1.98
N GLU A 700 -27.38 -29.84 -3.11
CA GLU A 700 -28.20 -28.64 -3.12
C GLU A 700 -29.29 -28.81 -4.16
N VAL A 701 -30.55 -28.73 -3.72
CA VAL A 701 -31.69 -28.88 -4.62
C VAL A 701 -32.01 -27.53 -5.24
N CYS A 702 -32.42 -27.54 -6.50
CA CYS A 702 -32.76 -26.30 -7.19
C CYS A 702 -33.64 -26.59 -8.39
N ARG A 703 -34.30 -25.54 -8.88
CA ARG A 703 -35.21 -25.61 -10.02
C ARG A 703 -34.87 -24.47 -10.97
N PRO A 704 -34.41 -24.76 -12.18
CA PRO A 704 -33.94 -23.68 -13.07
C PRO A 704 -35.06 -22.81 -13.62
N TRP A 705 -34.72 -21.54 -13.87
CA TRP A 705 -35.66 -20.56 -14.38
C TRP A 705 -35.36 -20.14 -15.82
N VAL A 706 -34.34 -20.72 -16.44
CA VAL A 706 -33.93 -20.40 -17.80
C VAL A 706 -33.52 -21.68 -18.50
N SER A 707 -34.13 -21.96 -19.66
CA SER A 707 -33.77 -23.12 -20.46
C SER A 707 -32.48 -22.86 -21.23
N GLY A 708 -31.86 -23.94 -21.70
CA GLY A 708 -30.72 -23.84 -22.60
C GLY A 708 -29.41 -24.24 -21.96
N HIS A 709 -28.32 -23.71 -22.54
CA HIS A 709 -26.99 -23.97 -22.02
C HIS A 709 -26.74 -23.04 -20.83
N ARG A 710 -26.74 -23.60 -19.63
CA ARG A 710 -26.45 -22.89 -18.39
C ARG A 710 -25.10 -23.34 -17.83
N LYS A 711 -24.71 -22.74 -16.71
CA LYS A 711 -23.42 -23.01 -16.10
C LYS A 711 -23.51 -22.94 -14.58
N LEU A 712 -22.87 -23.89 -13.93
CA LEU A 712 -22.72 -23.94 -12.48
C LEU A 712 -21.28 -23.61 -12.10
N ILE A 713 -21.10 -22.73 -11.13
CA ILE A 713 -19.78 -22.34 -10.68
C ILE A 713 -19.72 -22.48 -9.16
N ALA A 714 -18.71 -23.19 -8.69
CA ALA A 714 -18.53 -23.39 -7.27
C ALA A 714 -17.23 -22.71 -6.85
N SER A 715 -17.19 -22.28 -5.60
CA SER A 715 -15.99 -21.67 -5.04
C SER A 715 -15.78 -22.24 -3.64
N MET A 716 -14.51 -22.26 -3.23
CA MET A 716 -14.11 -22.70 -1.90
C MET A 716 -13.11 -21.69 -1.36
N SER A 717 -13.34 -21.23 -0.13
CA SER A 717 -12.37 -20.43 0.59
C SER A 717 -12.35 -20.86 2.04
N SER A 718 -11.15 -21.06 2.58
CA SER A 718 -10.96 -21.40 3.98
C SER A 718 -9.96 -20.42 4.61
N ASP A 719 -9.54 -20.67 5.85
CA ASP A 719 -8.61 -19.77 6.52
C ASP A 719 -7.22 -19.79 5.89
N SER A 720 -6.86 -20.87 5.20
CA SER A 720 -5.58 -20.92 4.49
C SER A 720 -5.82 -20.94 2.98
N LEU A 721 -6.25 -22.08 2.44
CA LEU A 721 -6.52 -22.21 1.01
C LEU A 721 -7.75 -21.38 0.65
N ARG A 722 -7.65 -20.57 -0.42
CA ARG A 722 -8.73 -19.67 -0.80
C ARG A 722 -8.88 -19.55 -2.32
N HIS A 723 -10.13 -19.28 -2.73
CA HIS A 723 -10.45 -18.87 -4.10
C HIS A 723 -10.02 -19.91 -5.12
N VAL A 724 -10.46 -21.14 -4.87
CA VAL A 724 -10.34 -22.28 -5.77
C VAL A 724 -11.73 -22.54 -6.35
N TYR A 725 -11.79 -22.90 -7.62
CA TYR A 725 -13.08 -22.93 -8.28
C TYR A 725 -13.28 -24.23 -9.05
N GLY A 726 -14.55 -24.51 -9.33
CA GLY A 726 -14.94 -25.55 -10.24
C GLY A 726 -16.12 -25.06 -11.05
N GLU A 727 -16.37 -25.73 -12.16
CA GLU A 727 -17.43 -25.29 -13.06
C GLU A 727 -18.02 -26.48 -13.79
N LEU A 728 -19.28 -26.35 -14.17
CA LEU A 728 -19.93 -27.39 -14.96
C LEU A 728 -20.94 -26.74 -15.91
N ASP A 729 -20.80 -26.99 -17.20
CA ASP A 729 -21.82 -26.59 -18.14
C ASP A 729 -23.00 -27.54 -18.03
N VAL A 730 -24.22 -27.00 -18.01
CA VAL A 730 -25.43 -27.81 -17.96
C VAL A 730 -26.42 -27.32 -19.02
N GLN A 731 -27.05 -28.27 -19.73
CA GLN A 731 -28.16 -27.96 -20.63
C GLN A 731 -29.47 -28.19 -19.90
N ILE A 732 -30.35 -27.19 -19.91
CA ILE A 732 -31.62 -27.23 -19.21
C ILE A 732 -32.71 -27.37 -20.26
N GLN A 733 -33.26 -28.57 -20.37
CA GLN A 733 -34.34 -28.87 -21.31
C GLN A 733 -35.64 -28.19 -20.89
N PRO B 22 9.33 -0.16 3.74
CA PRO B 22 9.17 1.27 3.44
C PRO B 22 8.27 1.96 4.45
N PRO B 23 8.78 3.00 5.11
CA PRO B 23 8.08 3.59 6.27
C PRO B 23 6.75 4.21 5.87
N ASN B 24 5.71 3.90 6.64
CA ASN B 24 4.40 4.53 6.44
C ASN B 24 4.33 5.77 7.33
N ASN B 25 4.98 6.85 6.88
CA ASN B 25 5.12 8.05 7.70
C ASN B 25 4.52 9.29 7.07
N SER B 26 3.58 9.15 6.16
CA SER B 26 2.94 10.29 5.51
C SER B 26 1.45 10.06 5.39
N ASN B 27 0.66 10.88 6.08
CA ASN B 27 -0.79 10.85 5.95
C ASN B 27 -1.22 11.26 4.54
N ALA B 28 -0.48 12.18 3.91
CA ALA B 28 -0.83 12.70 2.60
C ALA B 28 -0.69 11.63 1.52
N ALA B 29 0.29 10.76 1.64
CA ALA B 29 0.47 9.73 0.64
C ALA B 29 -0.66 8.72 0.73
N GLU B 30 -1.00 8.12 -0.41
CA GLU B 30 -2.11 7.18 -0.47
C GLU B 30 -1.72 5.99 -1.31
N ASP B 31 -2.26 4.83 -0.96
CA ASP B 31 -2.23 3.71 -1.86
C ASP B 31 -3.54 3.67 -2.65
N ASP B 32 -3.55 2.87 -3.71
CA ASP B 32 -4.69 2.75 -4.62
C ASP B 32 -5.30 1.37 -4.35
N LEU B 33 -6.50 1.34 -3.67
CA LEU B 33 -7.12 0.03 -3.41
C LEU B 33 -7.99 -0.38 -4.59
N PRO B 34 -7.85 -1.61 -5.07
CA PRO B 34 -8.63 -2.03 -6.23
C PRO B 34 -10.12 -2.11 -5.91
N THR B 35 -10.93 -1.82 -6.93
CA THR B 35 -12.38 -1.86 -6.79
C THR B 35 -12.98 -3.20 -7.18
N VAL B 36 -12.34 -3.92 -8.11
CA VAL B 36 -12.75 -5.26 -8.53
C VAL B 36 -11.57 -6.18 -8.23
N GLU B 37 -11.49 -6.64 -6.99
CA GLU B 37 -10.32 -7.36 -6.52
C GLU B 37 -10.51 -8.87 -6.66
N LEU B 38 -10.57 -9.33 -7.91
CA LEU B 38 -10.81 -10.75 -8.19
C LEU B 38 -9.60 -11.59 -7.79
N GLN B 39 -9.86 -12.85 -7.40
CA GLN B 39 -8.83 -13.73 -6.85
C GLN B 39 -8.83 -15.08 -7.56
N GLY B 40 -7.64 -15.57 -7.92
CA GLY B 40 -7.54 -16.85 -8.60
C GLY B 40 -7.97 -16.81 -10.07
N VAL B 41 -8.28 -17.99 -10.60
CA VAL B 41 -8.73 -18.13 -11.98
C VAL B 41 -10.25 -18.13 -11.95
N VAL B 42 -10.84 -16.94 -11.87
CA VAL B 42 -12.30 -16.85 -11.81
C VAL B 42 -12.90 -17.39 -13.09
N PRO B 43 -13.84 -18.34 -13.02
CA PRO B 43 -14.42 -18.91 -14.24
C PRO B 43 -15.21 -17.89 -15.04
N ARG B 44 -15.21 -18.08 -16.35
CA ARG B 44 -16.09 -17.32 -17.23
C ARG B 44 -17.54 -17.59 -16.86
N GLY B 45 -18.37 -16.54 -16.91
CA GLY B 45 -19.79 -16.68 -16.66
C GLY B 45 -20.28 -16.23 -15.30
N VAL B 46 -19.43 -15.65 -14.44
CA VAL B 46 -19.96 -15.06 -13.22
C VAL B 46 -20.85 -13.88 -13.58
N ASN B 47 -21.74 -13.53 -12.65
CA ASN B 47 -22.51 -12.30 -12.72
C ASN B 47 -22.30 -11.52 -11.43
N LEU B 48 -21.47 -10.48 -11.50
CA LEU B 48 -21.22 -9.71 -10.29
C LEU B 48 -22.40 -8.83 -9.89
N GLN B 49 -23.41 -8.66 -10.75
CA GLN B 49 -24.60 -7.91 -10.34
C GLN B 49 -25.35 -8.62 -9.22
N GLU B 50 -25.09 -9.91 -9.03
CA GLU B 50 -25.64 -10.69 -7.93
C GLU B 50 -25.25 -10.14 -6.57
N PHE B 51 -24.17 -9.36 -6.50
CA PHE B 51 -23.66 -8.89 -5.22
C PHE B 51 -23.97 -7.41 -5.06
N LEU B 52 -24.04 -6.98 -3.81
CA LEU B 52 -24.36 -5.59 -3.53
C LEU B 52 -23.31 -4.68 -4.16
N ASN B 53 -23.76 -3.56 -4.67
CA ASN B 53 -22.83 -2.46 -4.91
C ASN B 53 -23.39 -1.24 -4.22
N VAL B 54 -22.50 -0.33 -3.86
CA VAL B 54 -22.85 0.86 -3.10
C VAL B 54 -23.24 1.96 -4.06
N THR B 55 -24.44 2.52 -3.88
CA THR B 55 -24.86 3.64 -4.70
C THR B 55 -24.58 4.99 -4.06
N SER B 56 -24.42 5.05 -2.73
CA SER B 56 -24.19 6.33 -2.08
C SER B 56 -23.78 6.09 -0.63
N VAL B 57 -22.97 7.00 -0.10
CA VAL B 57 -22.53 6.94 1.29
C VAL B 57 -22.85 8.28 1.92
N HIS B 58 -23.58 8.26 3.03
CA HIS B 58 -23.93 9.47 3.75
C HIS B 58 -23.22 9.47 5.11
N LEU B 59 -22.50 10.55 5.40
CA LEU B 59 -21.79 10.66 6.66
C LEU B 59 -22.48 11.58 7.66
N PHE B 60 -23.61 12.18 7.29
CA PHE B 60 -24.33 13.11 8.18
C PHE B 60 -23.36 14.09 8.81
N LYS B 61 -22.58 14.75 7.96
CA LYS B 61 -21.41 15.51 8.39
C LYS B 61 -21.65 17.02 8.43
N GLU B 62 -22.88 17.48 8.33
CA GLU B 62 -23.10 18.92 8.47
C GLU B 62 -22.79 19.36 9.90
N ARG B 63 -22.40 20.62 10.04
CA ARG B 63 -21.92 21.11 11.32
C ARG B 63 -23.02 21.36 12.33
N TRP B 64 -24.30 21.34 11.91
CA TRP B 64 -25.42 21.38 12.85
C TRP B 64 -25.91 20.00 13.27
N ASP B 65 -25.43 18.91 12.66
CA ASP B 65 -25.95 17.57 12.88
C ASP B 65 -25.25 16.89 14.05
N THR B 66 -25.77 15.71 14.43
CA THR B 66 -25.42 15.13 15.73
C THR B 66 -24.00 14.57 15.75
N ASN B 67 -23.46 14.09 14.61
CA ASN B 67 -22.09 13.60 14.62
C ASN B 67 -21.13 14.69 15.09
N LYS B 68 -21.05 15.80 14.34
CA LYS B 68 -20.08 16.84 14.69
C LYS B 68 -20.44 17.53 16.00
N VAL B 69 -21.73 17.67 16.32
CA VAL B 69 -22.09 18.29 17.58
C VAL B 69 -21.71 17.41 18.75
N ASP B 70 -22.06 16.13 18.69
CA ASP B 70 -21.77 15.25 19.81
C ASP B 70 -20.29 14.96 19.93
N HIS B 71 -19.54 15.02 18.84
CA HIS B 71 -18.09 14.83 18.91
C HIS B 71 -17.33 16.13 19.20
N HIS B 72 -18.02 17.26 19.36
CA HIS B 72 -17.36 18.55 19.60
C HIS B 72 -16.36 18.87 18.49
N THR B 73 -16.79 18.69 17.24
CA THR B 73 -15.98 19.05 16.08
C THR B 73 -16.74 19.98 15.14
N ASP B 74 -17.87 20.53 15.59
CA ASP B 74 -18.69 21.40 14.77
C ASP B 74 -18.03 22.74 14.47
N LYS B 75 -16.99 23.12 15.21
CA LYS B 75 -16.41 24.45 14.98
C LYS B 75 -15.38 24.46 13.87
N TYR B 76 -14.85 23.29 13.48
CA TYR B 76 -13.86 23.26 12.41
C TYR B 76 -14.47 23.77 11.11
N GLU B 77 -13.73 24.65 10.45
CA GLU B 77 -14.07 25.14 9.10
C GLU B 77 -13.49 24.17 8.10
N ASN B 78 -14.23 23.09 7.89
CA ASN B 78 -13.81 21.92 7.13
C ASN B 78 -15.08 21.15 6.86
N ASN B 79 -15.34 20.84 5.59
CA ASN B 79 -16.61 20.21 5.25
C ASN B 79 -16.56 18.68 5.34
N LYS B 80 -15.41 18.09 5.64
CA LYS B 80 -15.38 16.64 5.79
C LYS B 80 -15.87 16.24 7.17
N LEU B 81 -16.21 14.95 7.31
CA LEU B 81 -16.51 14.42 8.63
C LEU B 81 -15.27 14.45 9.53
N ILE B 82 -15.46 14.95 10.73
CA ILE B 82 -14.44 14.98 11.78
C ILE B 82 -15.08 14.38 13.01
N VAL B 83 -14.47 13.31 13.53
CA VAL B 83 -14.97 12.63 14.72
C VAL B 83 -13.80 12.46 15.67
N ARG B 84 -14.13 12.10 16.91
CA ARG B 84 -13.13 11.84 17.94
C ARG B 84 -13.12 10.36 18.30
N ARG B 85 -11.94 9.83 18.55
CA ARG B 85 -11.77 8.40 18.70
C ARG B 85 -12.47 7.89 19.96
N GLY B 86 -12.78 6.59 19.96
CA GLY B 86 -13.42 5.92 21.08
C GLY B 86 -14.90 6.24 21.28
N GLN B 87 -15.55 6.85 20.28
CA GLN B 87 -16.92 7.33 20.40
C GLN B 87 -17.63 6.99 19.10
N SER B 88 -18.94 6.73 19.18
CA SER B 88 -19.68 6.26 18.03
CA SER B 88 -19.67 6.26 18.02
C SER B 88 -20.22 7.42 17.21
N PHE B 89 -20.37 7.18 15.90
CA PHE B 89 -20.97 8.13 14.97
C PHE B 89 -21.81 7.38 13.95
N TYR B 90 -22.75 8.10 13.34
CA TYR B 90 -23.70 7.51 12.41
C TYR B 90 -23.29 7.74 10.97
N VAL B 91 -23.41 6.70 10.15
CA VAL B 91 -23.35 6.83 8.70
C VAL B 91 -24.49 6.02 8.11
N GLN B 92 -24.72 6.20 6.82
CA GLN B 92 -25.75 5.48 6.09
C GLN B 92 -25.23 5.04 4.74
N ILE B 93 -25.40 3.77 4.41
CA ILE B 93 -24.96 3.21 3.14
C ILE B 93 -26.18 2.82 2.33
N ASP B 94 -26.25 3.31 1.08
CA ASP B 94 -27.28 2.93 0.13
C ASP B 94 -26.73 1.87 -0.81
N PHE B 95 -27.44 0.75 -0.93
CA PHE B 95 -27.05 -0.36 -1.78
C PHE B 95 -28.00 -0.48 -2.96
N SER B 96 -27.59 -1.30 -3.94
CA SER B 96 -28.38 -1.46 -5.15
C SER B 96 -29.68 -2.20 -4.87
N ARG B 97 -29.70 -3.08 -3.85
CA ARG B 97 -30.92 -3.72 -3.37
C ARG B 97 -30.76 -3.81 -1.84
N PRO B 98 -31.79 -4.17 -1.07
CA PRO B 98 -31.63 -4.19 0.39
C PRO B 98 -30.61 -5.22 0.87
N TYR B 99 -29.73 -4.77 1.77
CA TYR B 99 -28.81 -5.70 2.44
C TYR B 99 -29.61 -6.84 3.05
N ASP B 100 -29.16 -8.06 2.79
CA ASP B 100 -29.79 -9.25 3.33
C ASP B 100 -28.69 -10.07 4.00
N PRO B 101 -28.65 -10.10 5.34
CA PRO B 101 -27.53 -10.76 6.02
C PRO B 101 -27.46 -12.25 5.77
N ARG B 102 -28.56 -12.86 5.31
CA ARG B 102 -28.49 -14.27 4.92
C ARG B 102 -27.62 -14.47 3.68
N ARG B 103 -27.52 -13.48 2.80
CA ARG B 103 -26.80 -13.67 1.56
C ARG B 103 -25.66 -12.70 1.33
N ASP B 104 -25.59 -11.60 2.06
CA ASP B 104 -24.62 -10.54 1.83
C ASP B 104 -23.65 -10.41 3.00
N LEU B 105 -22.41 -10.01 2.69
CA LEU B 105 -21.37 -9.76 3.68
C LEU B 105 -20.52 -8.57 3.21
N PHE B 106 -20.42 -7.54 4.05
CA PHE B 106 -19.57 -6.39 3.76
C PHE B 106 -18.94 -5.88 5.05
N ARG B 107 -17.92 -5.05 4.90
CA ARG B 107 -17.27 -4.36 6.01
C ARG B 107 -16.89 -2.97 5.52
N VAL B 108 -16.79 -2.03 6.46
CA VAL B 108 -16.22 -0.71 6.19
C VAL B 108 -14.71 -0.82 6.40
N GLU B 109 -13.94 -0.03 5.67
CA GLU B 109 -12.49 0.03 5.85
C GLU B 109 -12.03 1.47 6.04
N TYR B 110 -11.13 1.70 6.99
CA TYR B 110 -10.46 3.00 7.12
C TYR B 110 -8.98 2.78 6.86
N VAL B 111 -8.39 3.62 6.00
CA VAL B 111 -7.06 3.38 5.47
C VAL B 111 -6.26 4.68 5.54
N ILE B 112 -4.98 4.59 5.90
CA ILE B 112 -4.17 5.80 6.04
C ILE B 112 -2.75 5.47 5.61
N GLY B 113 -2.17 6.35 4.80
CA GLY B 113 -0.80 6.20 4.33
C GLY B 113 -0.71 5.40 3.05
N ARG B 114 0.50 5.42 2.47
CA ARG B 114 0.78 4.72 1.22
C ARG B 114 1.03 3.24 1.45
N TYR B 115 1.41 2.83 2.65
CA TYR B 115 1.74 1.43 2.96
C TYR B 115 0.92 0.95 4.17
N PRO B 116 -0.42 0.98 4.07
CA PRO B 116 -1.23 0.61 5.25
C PRO B 116 -1.09 -0.86 5.59
N GLN B 117 -1.08 -1.15 6.89
CA GLN B 117 -0.99 -2.51 7.41
C GLN B 117 -1.92 -2.70 8.58
N GLU B 118 -2.66 -3.81 8.58
CA GLU B 118 -3.62 -4.04 9.66
C GLU B 118 -2.91 -4.20 11.00
N ASN B 119 -1.79 -4.92 11.04
CA ASN B 119 -1.10 -5.06 12.32
C ASN B 119 -0.37 -3.78 12.77
N LYS B 120 -0.37 -2.69 11.98
CA LYS B 120 0.14 -1.41 12.43
C LYS B 120 -0.98 -0.41 12.71
N GLY B 121 -2.25 -0.83 12.61
CA GLY B 121 -3.35 0.08 12.83
C GLY B 121 -3.66 1.02 11.69
N THR B 122 -3.00 0.87 10.53
CA THR B 122 -3.19 1.78 9.41
C THR B 122 -4.10 1.24 8.32
N TYR B 123 -4.43 -0.05 8.36
CA TYR B 123 -5.59 -0.60 7.65
C TYR B 123 -6.54 -1.13 8.72
N ILE B 124 -7.73 -0.57 8.77
CA ILE B 124 -8.69 -0.81 9.84
C ILE B 124 -9.94 -1.41 9.22
N PRO B 125 -10.10 -2.72 9.28
CA PRO B 125 -11.37 -3.36 8.88
C PRO B 125 -12.41 -3.14 9.98
N VAL B 126 -13.61 -2.75 9.60
CA VAL B 126 -14.69 -2.52 10.54
C VAL B 126 -15.80 -3.52 10.24
N PRO B 127 -15.85 -4.64 10.96
CA PRO B 127 -16.89 -5.63 10.68
C PRO B 127 -18.26 -5.12 11.11
N ILE B 128 -19.28 -5.62 10.44
CA ILE B 128 -20.66 -5.36 10.83
C ILE B 128 -21.04 -6.43 11.85
N VAL B 129 -21.31 -6.02 13.09
CA VAL B 129 -21.46 -6.91 14.23
C VAL B 129 -22.87 -6.80 14.82
N SER B 130 -23.28 -7.86 15.55
CA SER B 130 -24.54 -7.82 16.29
C SER B 130 -24.49 -6.80 17.43
N GLU B 131 -23.41 -6.77 18.18
CA GLU B 131 -23.29 -5.85 19.29
C GLU B 131 -21.90 -5.22 19.33
N LEU B 132 -21.86 -3.91 19.53
CA LEU B 132 -20.57 -3.22 19.67
C LEU B 132 -19.86 -3.72 20.92
N GLN B 133 -18.54 -3.90 20.81
CA GLN B 133 -17.71 -4.36 21.92
C GLN B 133 -16.88 -3.20 22.45
N SER B 134 -16.80 -3.10 23.77
CA SER B 134 -16.12 -2.00 24.42
C SER B 134 -14.69 -1.88 23.90
N GLY B 135 -14.34 -0.69 23.42
CA GLY B 135 -12.98 -0.42 22.97
C GLY B 135 -12.62 -0.93 21.59
N LYS B 136 -13.51 -1.63 20.89
CA LYS B 136 -13.16 -2.30 19.64
C LYS B 136 -13.84 -1.65 18.44
N TRP B 137 -13.13 -1.61 17.32
CA TRP B 137 -13.72 -1.14 16.08
C TRP B 137 -14.91 -2.03 15.70
N GLY B 138 -16.01 -1.41 15.33
CA GLY B 138 -17.16 -2.18 14.86
C GLY B 138 -18.26 -1.25 14.40
N ALA B 139 -19.19 -1.83 13.63
CA ALA B 139 -20.33 -1.11 13.09
C ALA B 139 -21.57 -1.96 13.31
N LYS B 140 -22.60 -1.37 13.91
CA LYS B 140 -23.85 -2.06 14.16
C LYS B 140 -24.94 -1.41 13.30
N ILE B 141 -25.73 -2.25 12.64
CA ILE B 141 -26.88 -1.75 11.90
C ILE B 141 -27.95 -1.33 12.89
N VAL B 142 -28.32 -0.07 12.88
CA VAL B 142 -29.37 0.43 13.78
C VAL B 142 -30.65 0.76 13.04
N MET B 143 -30.62 0.88 11.72
N MET B 143 -30.62 0.88 11.72
CA MET B 143 -31.82 1.13 10.93
CA MET B 143 -31.83 1.10 10.94
C MET B 143 -31.63 0.51 9.55
C MET B 143 -31.64 0.50 9.56
N ARG B 144 -32.70 -0.09 9.02
CA ARG B 144 -32.74 -0.50 7.62
C ARG B 144 -34.09 -0.09 7.07
N GLU B 145 -34.08 0.65 5.96
CA GLU B 145 -35.29 1.13 5.29
C GLU B 145 -35.03 1.17 3.79
N ASP B 146 -35.92 0.56 3.01
CA ASP B 146 -35.75 0.40 1.57
C ASP B 146 -34.38 -0.19 1.28
N ARG B 147 -33.52 0.53 0.54
CA ARG B 147 -32.21 0.02 0.17
C ARG B 147 -31.09 0.52 1.08
N SER B 148 -31.43 1.14 2.20
CA SER B 148 -30.43 1.81 3.04
C SER B 148 -30.21 1.09 4.35
N VAL B 149 -28.99 1.17 4.88
CA VAL B 149 -28.69 0.75 6.24
C VAL B 149 -28.02 1.91 6.96
N ARG B 150 -28.46 2.18 8.18
CA ARG B 150 -27.78 3.13 9.04
C ARG B 150 -26.91 2.37 10.02
N LEU B 151 -25.65 2.75 10.10
CA LEU B 151 -24.67 2.10 10.96
C LEU B 151 -24.33 3.05 12.09
N SER B 152 -24.20 2.50 13.29
CA SER B 152 -23.47 3.16 14.36
C SER B 152 -22.06 2.59 14.35
N ILE B 153 -21.08 3.42 14.05
CA ILE B 153 -19.70 2.99 13.93
C ILE B 153 -18.94 3.42 15.18
N GLN B 154 -18.25 2.47 15.82
CA GLN B 154 -17.44 2.74 17.00
C GLN B 154 -15.96 2.55 16.68
N SER B 155 -15.14 3.52 17.07
CA SER B 155 -13.70 3.44 16.85
C SER B 155 -12.99 3.11 18.16
N SER B 156 -11.77 2.56 18.03
CA SER B 156 -10.95 2.27 19.21
C SER B 156 -10.44 3.57 19.84
N PRO B 157 -10.45 3.66 21.18
CA PRO B 157 -9.93 4.87 21.84
C PRO B 157 -8.42 5.01 21.78
N LYS B 158 -7.72 4.03 21.20
CA LYS B 158 -6.30 4.10 20.90
C LYS B 158 -6.01 4.35 19.41
N CYS B 159 -7.03 4.74 18.64
CA CYS B 159 -6.87 4.86 17.20
C CYS B 159 -5.81 5.89 16.83
N ILE B 160 -5.09 5.61 15.74
CA ILE B 160 -4.22 6.60 15.12
C ILE B 160 -5.01 7.86 14.81
N VAL B 161 -4.40 9.02 15.03
CA VAL B 161 -5.03 10.30 14.76
C VAL B 161 -4.57 10.80 13.39
N GLY B 162 -5.53 11.17 12.55
CA GLY B 162 -5.22 11.59 11.19
C GLY B 162 -6.46 11.60 10.32
N LYS B 163 -6.22 11.75 9.01
CA LYS B 163 -7.27 11.82 7.99
C LYS B 163 -7.34 10.48 7.27
N PHE B 164 -8.42 9.74 7.47
CA PHE B 164 -8.52 8.40 6.90
C PHE B 164 -9.36 8.38 5.63
N ARG B 165 -8.99 7.48 4.71
CA ARG B 165 -9.85 7.16 3.58
C ARG B 165 -10.82 6.04 3.94
N MET B 166 -12.07 6.21 3.53
CA MET B 166 -13.16 5.30 3.83
C MET B 166 -13.50 4.50 2.58
N TYR B 167 -13.77 3.22 2.77
CA TYR B 167 -14.25 2.37 1.68
C TYR B 167 -15.33 1.48 2.24
N VAL B 168 -16.20 1.00 1.34
CA VAL B 168 -17.11 -0.10 1.64
C VAL B 168 -16.68 -1.25 0.74
N ALA B 169 -16.38 -2.38 1.37
CA ALA B 169 -15.87 -3.57 0.72
C ALA B 169 -16.92 -4.67 0.84
N VAL B 170 -17.41 -5.15 -0.30
CA VAL B 170 -18.40 -6.22 -0.33
C VAL B 170 -17.67 -7.53 -0.65
N TRP B 171 -17.88 -8.55 0.18
CA TRP B 171 -17.19 -9.83 0.01
C TRP B 171 -18.03 -10.76 -0.87
N THR B 172 -17.41 -11.34 -1.88
CA THR B 172 -18.06 -12.27 -2.81
C THR B 172 -17.23 -13.53 -2.87
N PRO B 173 -17.76 -14.61 -3.44
CA PRO B 173 -16.94 -15.82 -3.63
C PRO B 173 -15.71 -15.61 -4.51
N TYR B 174 -15.70 -14.56 -5.33
CA TYR B 174 -14.63 -14.33 -6.29
C TYR B 174 -13.62 -13.29 -5.83
N GLY B 175 -13.85 -12.68 -4.67
CA GLY B 175 -13.01 -11.63 -4.13
C GLY B 175 -13.83 -10.46 -3.69
N VAL B 176 -13.17 -9.34 -3.44
CA VAL B 176 -13.79 -8.16 -2.86
C VAL B 176 -14.19 -7.18 -3.95
N LEU B 177 -15.36 -6.60 -3.81
CA LEU B 177 -15.83 -5.51 -4.65
C LEU B 177 -15.88 -4.28 -3.76
N ARG B 178 -15.13 -3.25 -4.12
CA ARG B 178 -14.87 -2.15 -3.21
C ARG B 178 -15.26 -0.83 -3.87
N THR B 179 -15.72 0.13 -3.07
CA THR B 179 -16.04 1.44 -3.60
C THR B 179 -14.77 2.14 -4.11
N SER B 180 -14.98 3.07 -5.05
CA SER B 180 -13.90 3.87 -5.62
C SER B 180 -13.37 4.86 -4.59
N ARG B 181 -12.14 5.32 -4.85
CA ARG B 181 -11.60 6.45 -4.11
C ARG B 181 -12.60 7.59 -4.13
N ASN B 182 -12.91 8.14 -2.96
CA ASN B 182 -13.90 9.22 -2.84
C ASN B 182 -13.46 10.22 -1.78
N PRO B 183 -12.84 11.33 -2.18
CA PRO B 183 -12.38 12.30 -1.18
C PRO B 183 -13.49 12.86 -0.31
N GLU B 184 -14.73 12.82 -0.75
CA GLU B 184 -15.78 13.42 0.05
C GLU B 184 -16.11 12.60 1.29
N THR B 185 -15.68 11.35 1.37
CA THR B 185 -15.88 10.56 2.58
C THR B 185 -14.62 10.46 3.43
N ASP B 186 -13.53 11.13 3.05
CA ASP B 186 -12.36 11.15 3.91
C ASP B 186 -12.78 11.62 5.31
N THR B 187 -12.27 10.94 6.32
CA THR B 187 -12.77 11.11 7.68
C THR B 187 -11.59 11.37 8.62
N TYR B 188 -11.63 12.50 9.32
CA TYR B 188 -10.61 12.83 10.33
C TYR B 188 -11.00 12.20 11.65
N ILE B 189 -10.03 11.59 12.32
CA ILE B 189 -10.23 11.03 13.66
C ILE B 189 -9.24 11.72 14.60
N LEU B 190 -9.77 12.34 15.66
CA LEU B 190 -8.97 13.15 16.58
C LEU B 190 -8.90 12.51 17.97
N PHE B 191 -7.97 13.03 18.78
CA PHE B 191 -7.97 12.70 20.20
C PHE B 191 -9.30 13.11 20.83
N ASN B 192 -9.69 12.40 21.89
CA ASN B 192 -11.01 12.57 22.52
C ASN B 192 -10.90 12.82 24.03
N PRO B 193 -10.74 14.08 24.44
CA PRO B 193 -10.75 14.37 25.89
C PRO B 193 -12.08 14.07 26.57
N TRP B 194 -13.13 13.77 25.82
CA TRP B 194 -14.41 13.42 26.42
C TRP B 194 -14.58 11.93 26.66
N CYS B 195 -13.69 11.10 26.11
CA CYS B 195 -13.79 9.64 26.19
C CYS B 195 -12.99 9.15 27.39
N GLU B 196 -13.67 8.48 28.32
CA GLU B 196 -13.03 8.10 29.57
C GLU B 196 -11.91 7.09 29.36
N ASP B 197 -11.94 6.35 28.25
CA ASP B 197 -10.90 5.39 27.88
C ASP B 197 -9.77 6.02 27.07
N ASP B 198 -9.85 7.32 26.76
CA ASP B 198 -8.80 7.96 25.97
C ASP B 198 -7.66 8.40 26.87
N ALA B 199 -6.44 8.22 26.39
CA ALA B 199 -5.26 8.70 27.10
C ALA B 199 -5.35 10.18 27.47
N VAL B 200 -6.05 11.00 26.67
CA VAL B 200 -6.14 12.44 26.93
C VAL B 200 -7.44 12.79 27.68
N TYR B 201 -8.12 11.80 28.27
CA TYR B 201 -9.37 12.07 28.96
C TYR B 201 -9.20 13.14 30.03
N LEU B 202 -10.10 14.13 30.00
CA LEU B 202 -10.18 15.19 31.00
C LEU B 202 -11.61 15.24 31.53
N ASP B 203 -11.81 14.91 32.82
CA ASP B 203 -13.15 14.61 33.33
C ASP B 203 -13.98 15.85 33.67
N ASN B 204 -13.53 17.04 33.33
CA ASN B 204 -14.15 18.29 33.77
C ASN B 204 -14.55 19.08 32.53
N GLU B 205 -15.85 19.33 32.38
CA GLU B 205 -16.34 19.93 31.14
C GLU B 205 -15.81 21.34 30.94
N LYS B 206 -15.74 22.14 32.00
CA LYS B 206 -15.19 23.49 31.85
C LYS B 206 -13.72 23.46 31.44
N GLU B 207 -12.95 22.49 31.96
CA GLU B 207 -11.57 22.40 31.52
C GLU B 207 -11.47 21.96 30.07
N ARG B 208 -12.37 21.08 29.64
CA ARG B 208 -12.32 20.66 28.23
C ARG B 208 -12.64 21.84 27.33
N GLU B 209 -13.61 22.66 27.72
CA GLU B 209 -13.95 23.84 26.93
C GLU B 209 -12.77 24.80 26.81
N GLU B 210 -12.06 25.04 27.91
CA GLU B 210 -10.97 26.00 27.88
C GLU B 210 -9.74 25.44 27.16
N TYR B 211 -9.37 24.21 27.47
CA TYR B 211 -8.09 23.67 27.04
C TYR B 211 -8.18 22.92 25.70
N VAL B 212 -9.37 22.77 25.14
CA VAL B 212 -9.51 22.15 23.83
C VAL B 212 -10.27 23.08 22.89
N LEU B 213 -11.41 23.62 23.36
CA LEU B 213 -12.36 24.28 22.48
C LEU B 213 -12.16 25.80 22.37
N ASN B 214 -11.41 26.42 23.29
CA ASN B 214 -11.18 27.86 23.20
C ASN B 214 -10.08 28.14 22.18
N ASP B 215 -10.40 28.93 21.15
CA ASP B 215 -9.42 29.23 20.10
C ASP B 215 -8.78 30.62 20.26
N ILE B 216 -9.03 31.29 21.38
CA ILE B 216 -8.31 32.50 21.76
C ILE B 216 -7.81 32.36 23.20
N GLY B 217 -6.79 33.13 23.52
CA GLY B 217 -6.20 33.05 24.83
C GLY B 217 -5.33 34.26 25.16
N VAL B 218 -4.65 34.15 26.29
CA VAL B 218 -3.84 35.22 26.84
C VAL B 218 -2.51 34.61 27.19
N ILE B 219 -1.43 35.31 26.87
CA ILE B 219 -0.09 34.90 27.27
C ILE B 219 0.47 35.98 28.17
N PHE B 220 0.87 35.60 29.37
CA PHE B 220 1.41 36.57 30.32
C PHE B 220 2.90 36.73 30.08
N TYR B 221 3.37 37.96 30.25
CA TYR B 221 4.77 38.26 30.02
C TYR B 221 5.11 39.46 30.89
N GLY B 222 6.22 40.12 30.56
CA GLY B 222 6.68 41.25 31.34
C GLY B 222 7.65 40.79 32.39
N GLU B 223 7.42 41.21 33.63
CA GLU B 223 8.24 40.79 34.74
C GLU B 223 7.30 40.68 35.93
N VAL B 224 7.78 40.01 36.98
CA VAL B 224 6.90 39.59 38.07
C VAL B 224 6.22 40.79 38.72
N ASN B 225 6.85 41.97 38.64
CA ASN B 225 6.32 43.19 39.25
C ASN B 225 5.79 44.17 38.21
N ASP B 226 5.59 43.70 36.98
CA ASP B 226 4.94 44.45 35.91
C ASP B 226 4.38 43.45 34.92
N ILE B 227 3.25 42.84 35.27
CA ILE B 227 2.71 41.73 34.48
C ILE B 227 1.89 42.29 33.33
N LYS B 228 2.23 41.86 32.12
CA LYS B 228 1.55 42.29 30.91
C LYS B 228 0.92 41.09 30.23
N THR B 229 -0.06 41.37 29.39
CA THR B 229 -0.85 40.35 28.72
C THR B 229 -0.81 40.58 27.21
N ARG B 230 -0.56 39.51 26.47
CA ARG B 230 -0.66 39.51 25.02
C ARG B 230 -1.80 38.59 24.62
N SER B 231 -2.81 39.13 23.94
CA SER B 231 -3.85 38.27 23.39
C SER B 231 -3.27 37.38 22.28
N TRP B 232 -3.89 36.21 22.08
CA TRP B 232 -3.42 35.33 21.02
C TRP B 232 -4.58 34.54 20.43
N SER B 233 -4.65 34.49 19.10
CA SER B 233 -5.68 33.69 18.43
C SER B 233 -5.03 32.37 18.00
N TYR B 234 -5.32 31.32 18.77
CA TYR B 234 -4.86 29.98 18.38
C TYR B 234 -5.47 29.55 17.05
N GLY B 235 -6.74 29.86 16.84
CA GLY B 235 -7.37 29.59 15.56
C GLY B 235 -7.30 28.15 15.09
N GLN B 236 -7.36 27.17 16.01
CA GLN B 236 -7.23 25.77 15.61
C GLN B 236 -8.39 25.26 14.74
N PHE B 237 -9.50 25.99 14.68
CA PHE B 237 -10.64 25.56 13.88
C PHE B 237 -10.72 26.24 12.53
N GLU B 238 -9.81 27.17 12.24
CA GLU B 238 -9.87 27.91 10.99
C GLU B 238 -9.48 27.01 9.82
N ASP B 239 -10.00 27.35 8.64
CA ASP B 239 -9.81 26.55 7.45
C ASP B 239 -8.33 26.33 7.15
N GLY B 240 -7.97 25.08 6.91
CA GLY B 240 -6.62 24.71 6.56
C GLY B 240 -5.71 24.33 7.73
N ILE B 241 -6.06 24.68 8.97
CA ILE B 241 -5.14 24.52 10.10
C ILE B 241 -5.02 23.05 10.50
N LEU B 242 -6.14 22.34 10.58
CA LEU B 242 -6.08 20.92 10.89
C LEU B 242 -5.21 20.19 9.86
N ASP B 243 -5.42 20.49 8.57
CA ASP B 243 -4.59 19.87 7.54
C ASP B 243 -3.12 20.25 7.72
N THR B 244 -2.85 21.48 8.13
CA THR B 244 -1.46 21.86 8.38
C THR B 244 -0.84 21.04 9.51
N CYS B 245 -1.61 20.78 10.56
CA CYS B 245 -1.06 19.97 11.66
C CYS B 245 -0.68 18.57 11.18
N LEU B 246 -1.48 17.97 10.30
CA LEU B 246 -1.12 16.68 9.71
C LEU B 246 0.13 16.81 8.84
N TYR B 247 0.24 17.90 8.07
CA TYR B 247 1.43 18.14 7.25
C TYR B 247 2.70 18.26 8.10
N VAL B 248 2.59 18.93 9.25
CA VAL B 248 3.74 19.07 10.16
C VAL B 248 4.27 17.69 10.56
N MET B 249 3.38 16.77 10.95
CA MET B 249 3.81 15.43 11.30
C MET B 249 4.32 14.67 10.07
N ASP B 250 3.70 14.87 8.90
CA ASP B 250 4.26 14.26 7.70
C ASP B 250 5.67 14.77 7.44
N ARG B 251 5.88 16.08 7.55
CA ARG B 251 7.20 16.60 7.24
C ARG B 251 8.22 16.14 8.28
N ALA B 252 7.78 15.89 9.51
CA ALA B 252 8.69 15.34 10.50
C ALA B 252 9.02 13.89 10.24
N GLN B 253 8.39 13.26 9.25
CA GLN B 253 8.54 11.84 9.01
C GLN B 253 8.16 11.01 10.24
N MET B 254 7.08 11.40 10.89
CA MET B 254 6.56 10.67 12.05
C MET B 254 5.76 9.46 11.55
N ASP B 255 6.20 8.27 11.95
CA ASP B 255 5.48 7.04 11.63
C ASP B 255 4.01 7.13 12.05
N LEU B 256 3.12 6.81 11.11
CA LEU B 256 1.69 6.94 11.39
C LEU B 256 1.29 6.09 12.58
N SER B 257 1.91 4.93 12.75
CA SER B 257 1.45 4.01 13.77
C SER B 257 1.68 4.56 15.18
N GLY B 258 2.47 5.62 15.32
CA GLY B 258 2.66 6.29 16.58
C GLY B 258 1.78 7.49 16.82
N ARG B 259 0.97 7.89 15.84
CA ARG B 259 0.21 9.13 15.95
C ARG B 259 -1.06 8.98 16.81
N GLY B 260 -1.36 7.80 17.33
CA GLY B 260 -2.38 7.72 18.36
C GLY B 260 -1.85 7.91 19.77
N ASN B 261 -0.57 8.15 19.91
CA ASN B 261 0.06 8.24 21.22
C ASN B 261 0.39 9.70 21.53
N PRO B 262 -0.32 10.33 22.46
CA PRO B 262 -0.09 11.77 22.72
C PRO B 262 1.29 12.07 23.26
N ILE B 263 1.96 11.08 23.86
CA ILE B 263 3.35 11.27 24.25
C ILE B 263 4.20 11.52 23.02
N LYS B 264 4.01 10.72 21.96
CA LYS B 264 4.82 10.86 20.76
C LYS B 264 4.42 12.09 19.95
N VAL B 265 3.12 12.38 19.86
CA VAL B 265 2.67 13.55 19.10
C VAL B 265 3.20 14.83 19.73
N SER B 266 3.08 14.96 21.06
CA SER B 266 3.56 16.16 21.71
C SER B 266 5.09 16.28 21.65
N ARG B 267 5.82 15.16 21.72
CA ARG B 267 7.27 15.27 21.61
C ARG B 267 7.71 15.61 20.20
N VAL B 268 7.05 15.03 19.18
CA VAL B 268 7.32 15.42 17.80
C VAL B 268 6.96 16.89 17.60
N GLY B 269 5.84 17.32 18.19
CA GLY B 269 5.41 18.70 18.07
C GLY B 269 6.43 19.68 18.60
N SER B 270 7.04 19.37 19.75
CA SER B 270 8.02 20.28 20.32
C SER B 270 9.29 20.34 19.47
N ALA B 271 9.65 19.28 18.75
CA ALA B 271 10.72 19.40 17.77
C ALA B 271 10.27 20.21 16.57
N MET B 272 9.13 19.83 15.98
CA MET B 272 8.73 20.31 14.67
C MET B 272 8.21 21.74 14.66
N VAL B 273 7.71 22.26 15.77
CA VAL B 273 7.27 23.64 15.75
C VAL B 273 8.45 24.61 15.55
N ASN B 274 9.68 24.22 15.91
CA ASN B 274 10.84 25.05 15.64
C ASN B 274 11.58 24.54 14.40
N ALA B 275 12.28 25.46 13.73
CA ALA B 275 12.91 25.17 12.45
C ALA B 275 14.17 24.32 12.59
N LYS B 276 14.84 24.38 13.74
CA LYS B 276 16.11 23.66 13.90
C LYS B 276 15.96 22.17 13.59
N ASP B 277 16.98 21.60 12.95
CA ASP B 277 17.13 20.15 12.73
C ASP B 277 16.25 19.61 11.61
N ASP B 278 15.05 20.16 11.43
CA ASP B 278 14.03 19.45 10.68
C ASP B 278 13.25 20.35 9.74
N GLU B 279 13.66 21.62 9.53
CA GLU B 279 12.93 22.53 8.66
C GLU B 279 11.47 22.69 9.14
N GLY B 280 11.29 22.68 10.45
CA GLY B 280 10.01 22.86 11.09
C GLY B 280 9.46 24.28 10.94
N VAL B 281 8.42 24.57 11.73
CA VAL B 281 7.47 25.62 11.38
C VAL B 281 8.07 27.02 11.54
N LEU B 282 8.83 27.28 12.60
CA LEU B 282 9.07 28.65 13.00
C LEU B 282 10.54 28.88 13.33
N VAL B 283 11.14 29.91 12.72
CA VAL B 283 12.56 30.22 12.90
C VAL B 283 12.70 31.17 14.08
N GLY B 284 13.44 30.76 15.10
CA GLY B 284 13.70 31.65 16.22
C GLY B 284 14.76 32.68 15.85
N SER B 285 14.56 33.91 16.32
CA SER B 285 15.58 34.94 16.14
C SER B 285 15.49 35.98 17.24
N TRP B 286 16.67 36.43 17.68
CA TRP B 286 16.78 37.47 18.70
C TRP B 286 17.74 38.58 18.27
N ASP B 287 17.95 38.76 16.96
CA ASP B 287 19.08 39.54 16.45
C ASP B 287 18.76 41.01 16.20
N ASN B 288 17.56 41.47 16.53
CA ASN B 288 17.18 42.88 16.44
C ASN B 288 17.13 43.40 15.00
N ILE B 289 17.22 42.52 14.00
CA ILE B 289 17.18 42.92 12.59
C ILE B 289 16.05 42.21 11.83
N TYR B 290 15.97 40.89 11.94
CA TYR B 290 14.86 40.09 11.38
C TYR B 290 14.73 40.27 9.86
N ALA B 291 15.83 39.98 9.18
CA ALA B 291 15.93 40.13 7.74
C ALA B 291 14.97 39.18 7.03
N TYR B 292 14.25 39.70 6.04
CA TYR B 292 13.38 38.88 5.18
C TYR B 292 12.37 38.08 6.02
N GLY B 293 11.63 38.78 6.85
CA GLY B 293 10.65 38.09 7.68
C GLY B 293 9.85 39.08 8.51
N VAL B 294 9.07 38.51 9.42
CA VAL B 294 8.20 39.26 10.31
C VAL B 294 8.86 39.31 11.68
N PRO B 295 9.01 40.48 12.30
CA PRO B 295 9.58 40.55 13.65
C PRO B 295 8.70 39.81 14.65
N PRO B 296 9.31 39.12 15.61
CA PRO B 296 8.52 38.22 16.49
C PRO B 296 7.35 38.89 17.18
N SER B 297 7.48 40.15 17.55
CA SER B 297 6.42 40.86 18.24
C SER B 297 5.30 41.35 17.32
N ALA B 298 5.38 41.12 16.01
CA ALA B 298 4.29 41.54 15.14
C ALA B 298 3.16 40.52 15.09
N TRP B 299 3.42 39.25 15.38
CA TRP B 299 2.38 38.25 15.32
C TRP B 299 1.35 38.46 16.42
N THR B 300 0.09 38.18 16.11
CA THR B 300 -0.99 38.23 17.08
C THR B 300 -1.75 36.91 17.16
N GLY B 301 -1.26 35.87 16.50
CA GLY B 301 -1.94 34.58 16.49
C GLY B 301 -1.12 33.57 15.71
N SER B 302 -1.67 32.36 15.60
CA SER B 302 -0.96 31.24 15.00
C SER B 302 -1.33 31.00 13.54
N VAL B 303 -2.46 31.54 13.06
CA VAL B 303 -3.03 31.10 11.80
C VAL B 303 -2.13 31.53 10.63
N ASP B 304 -1.76 32.81 10.57
CA ASP B 304 -0.93 33.25 9.47
C ASP B 304 0.37 32.45 9.40
N ILE B 305 0.99 32.20 10.56
CA ILE B 305 2.24 31.43 10.58
C ILE B 305 2.01 30.03 10.01
N LEU B 306 1.01 29.32 10.52
CA LEU B 306 0.81 27.93 10.10
C LEU B 306 0.40 27.82 8.64
N LEU B 307 -0.54 28.68 8.21
CA LEU B 307 -0.94 28.64 6.81
C LEU B 307 0.20 29.06 5.87
N GLU B 308 1.08 29.98 6.30
CA GLU B 308 2.23 30.29 5.45
C GLU B 308 3.20 29.12 5.39
N TYR B 309 3.41 28.41 6.50
CA TYR B 309 4.28 27.23 6.46
C TYR B 309 3.76 26.21 5.47
N ARG B 310 2.45 25.92 5.52
CA ARG B 310 1.85 24.94 4.62
C ARG B 310 1.95 25.40 3.17
N SER B 311 1.71 26.69 2.93
CA SER B 311 1.64 27.22 1.57
C SER B 311 3.03 27.34 0.96
N SER B 312 3.97 27.92 1.70
CA SER B 312 5.33 28.12 1.19
C SER B 312 6.15 26.86 1.30
N GLU B 313 5.77 25.95 2.20
CA GLU B 313 6.60 24.81 2.59
C GLU B 313 8.00 25.24 3.02
N ASN B 314 8.12 26.44 3.56
CA ASN B 314 9.42 26.81 4.13
C ASN B 314 9.19 27.28 5.55
N PRO B 315 10.17 27.10 6.44
CA PRO B 315 10.06 27.66 7.79
C PRO B 315 9.70 29.14 7.73
N VAL B 316 8.91 29.56 8.70
CA VAL B 316 8.41 30.92 8.77
C VAL B 316 9.28 31.73 9.73
N ARG B 317 9.63 32.95 9.32
CA ARG B 317 10.48 33.87 10.09
C ARG B 317 9.70 35.09 10.58
N TYR B 318 9.73 35.42 11.87
CA TYR B 318 10.53 34.82 12.94
C TYR B 318 9.70 34.69 14.20
N GLY B 319 10.18 33.94 15.19
CA GLY B 319 9.49 33.86 16.46
C GLY B 319 10.43 33.91 17.64
N GLN B 320 9.83 34.13 18.82
CA GLN B 320 10.46 33.91 20.11
C GLN B 320 9.51 33.13 21.02
N CYS B 321 9.83 33.05 22.32
CA CYS B 321 9.23 32.06 23.22
C CYS B 321 7.69 32.06 23.13
N TRP B 322 7.04 33.21 23.24
CA TRP B 322 5.58 33.22 23.27
C TRP B 322 4.97 32.85 21.92
N VAL B 323 5.68 33.11 20.82
CA VAL B 323 5.18 32.74 19.51
C VAL B 323 5.25 31.24 19.31
N PHE B 324 6.37 30.62 19.70
CA PHE B 324 6.47 29.17 19.70
C PHE B 324 5.35 28.54 20.51
N ALA B 325 5.15 29.03 21.75
CA ALA B 325 4.11 28.50 22.61
C ALA B 325 2.75 28.65 21.98
N GLY B 326 2.48 29.83 21.41
CA GLY B 326 1.22 30.07 20.73
C GLY B 326 0.99 29.09 19.58
N VAL B 327 2.01 28.87 18.75
CA VAL B 327 1.85 27.96 17.61
C VAL B 327 1.74 26.52 18.10
N PHE B 328 2.55 26.14 19.07
CA PHE B 328 2.47 24.80 19.64
C PHE B 328 1.10 24.56 20.28
N ASN B 329 0.54 25.55 20.96
CA ASN B 329 -0.77 25.39 21.58
C ASN B 329 -1.86 25.11 20.54
N THR B 330 -1.83 25.83 19.42
CA THR B 330 -2.75 25.57 18.31
C THR B 330 -2.64 24.13 17.83
N PHE B 331 -1.41 23.68 17.60
CA PHE B 331 -1.15 22.30 17.18
C PHE B 331 -1.81 21.28 18.10
N LEU B 332 -1.54 21.41 19.41
CA LEU B 332 -2.08 20.44 20.38
C LEU B 332 -3.60 20.48 20.43
N ARG B 333 -4.18 21.68 20.60
CA ARG B 333 -5.63 21.80 20.69
C ARG B 333 -6.31 21.34 19.40
N CYS B 334 -5.69 21.61 18.25
CA CYS B 334 -6.26 21.22 16.97
C CYS B 334 -6.44 19.71 16.88
N LEU B 335 -5.43 18.96 17.34
CA LEU B 335 -5.46 17.52 17.30
C LEU B 335 -6.29 16.90 18.42
N GLY B 336 -6.65 17.69 19.42
CA GLY B 336 -7.50 17.23 20.49
C GLY B 336 -6.77 16.94 21.78
N ILE B 337 -5.50 17.31 21.89
CA ILE B 337 -4.75 17.17 23.13
C ILE B 337 -4.96 18.43 23.96
N PRO B 338 -5.58 18.34 25.14
CA PRO B 338 -5.76 19.54 25.96
C PRO B 338 -4.42 20.18 26.29
N ALA B 339 -4.38 21.51 26.16
CA ALA B 339 -3.12 22.24 26.17
C ALA B 339 -3.34 23.64 26.71
N ARG B 340 -2.32 24.17 27.36
CA ARG B 340 -2.36 25.53 27.86
C ARG B 340 -0.94 26.07 27.87
N ILE B 341 -0.82 27.39 27.90
CA ILE B 341 0.47 28.08 27.88
C ILE B 341 0.78 28.59 29.29
N VAL B 342 1.98 28.26 29.77
CA VAL B 342 2.39 28.69 31.11
C VAL B 342 3.58 29.63 30.97
N THR B 343 3.63 30.61 31.88
CA THR B 343 4.67 31.63 31.87
C THR B 343 5.47 31.57 33.17
N ASN B 344 6.79 31.44 33.03
CA ASN B 344 7.71 31.29 34.15
C ASN B 344 8.56 32.56 34.29
N TYR B 345 8.36 33.30 35.38
CA TYR B 345 9.10 34.54 35.63
C TYR B 345 10.45 34.25 36.30
N PHE B 346 11.51 34.84 35.75
CA PHE B 346 12.89 34.52 36.11
C PHE B 346 13.18 33.05 35.80
N SER B 347 13.19 32.76 34.51
CA SER B 347 13.31 31.41 33.99
C SER B 347 14.76 31.10 33.68
N ALA B 348 15.32 30.10 34.35
CA ALA B 348 16.73 29.76 34.23
C ALA B 348 17.02 28.97 32.95
N HIS B 349 18.16 29.28 32.32
CA HIS B 349 18.65 28.53 31.17
C HIS B 349 19.96 27.88 31.58
N ASP B 350 19.89 26.59 31.84
CA ASP B 350 21.04 25.79 32.24
C ASP B 350 21.78 25.34 30.98
N ASN B 351 23.07 25.67 30.88
CA ASN B 351 23.84 25.34 29.69
C ASN B 351 24.68 24.09 29.84
N ASP B 352 24.93 23.63 31.06
CA ASP B 352 25.82 22.50 31.27
C ASP B 352 25.17 21.36 32.05
N ALA B 353 23.84 21.34 32.11
CA ALA B 353 23.09 20.18 32.62
C ALA B 353 23.51 19.77 34.03
N ASN B 354 23.78 20.73 34.89
CA ASN B 354 24.00 20.41 36.29
C ASN B 354 22.91 20.96 37.20
N LEU B 355 21.82 21.49 36.63
CA LEU B 355 20.60 21.86 37.36
C LEU B 355 20.82 23.01 38.35
N GLN B 356 21.83 23.85 38.10
CA GLN B 356 22.09 25.07 38.88
C GLN B 356 22.62 26.15 37.95
N MET B 357 22.47 27.41 38.35
CA MET B 357 23.05 28.53 37.63
C MET B 357 24.47 28.77 38.18
N ASP B 358 25.46 28.57 37.32
CA ASP B 358 26.87 28.78 37.68
C ASP B 358 27.27 30.17 37.22
N ILE B 359 27.38 31.09 38.17
CA ILE B 359 27.69 32.49 37.88
C ILE B 359 29.08 32.78 38.40
N PHE B 360 30.03 32.92 37.49
CA PHE B 360 31.42 33.13 37.86
C PHE B 360 31.68 34.61 38.06
N LEU B 361 32.42 34.92 39.13
CA LEU B 361 32.80 36.29 39.43
C LEU B 361 34.30 36.48 39.23
N ASN B 366 32.59 41.36 40.54
CA ASN B 366 32.09 41.63 39.18
C ASN B 366 31.96 40.32 38.39
N VAL B 367 30.98 40.28 37.47
CA VAL B 367 30.66 39.04 36.78
C VAL B 367 31.65 38.82 35.64
N ASN B 368 32.27 37.65 35.63
CA ASN B 368 33.10 37.19 34.52
C ASN B 368 32.15 36.74 33.40
N SER B 369 31.93 37.63 32.42
CA SER B 369 30.99 37.34 31.35
C SER B 369 31.52 36.32 30.35
N LYS B 370 32.84 36.05 30.36
CA LYS B 370 33.37 35.04 29.45
C LYS B 370 33.21 33.63 30.00
N LEU B 371 33.49 33.45 31.30
CA LEU B 371 33.36 32.13 31.92
C LEU B 371 31.91 31.75 32.15
N THR B 372 31.04 32.73 32.38
CA THR B 372 29.64 32.48 32.72
C THR B 372 28.86 32.21 31.44
N LYS B 373 28.23 31.03 31.37
CA LYS B 373 27.40 30.64 30.23
C LYS B 373 25.92 30.58 30.58
N ASP B 374 25.56 30.12 31.79
CA ASP B 374 24.16 30.04 32.18
C ASP B 374 23.52 31.44 32.15
N SER B 375 22.20 31.48 32.02
CA SER B 375 21.52 32.77 31.97
C SER B 375 20.11 32.67 32.56
N VAL B 376 19.50 33.84 32.79
CA VAL B 376 18.12 33.94 33.25
C VAL B 376 17.34 34.91 32.37
N TRP B 377 16.12 34.53 32.02
CA TRP B 377 15.18 35.36 31.26
C TRP B 377 14.25 36.11 32.19
N ASN B 378 13.91 37.35 31.84
CA ASN B 378 12.83 38.03 32.56
C ASN B 378 11.57 37.15 32.60
N TYR B 379 11.26 36.47 31.49
CA TYR B 379 10.24 35.42 31.51
C TYR B 379 10.55 34.47 30.37
N HIS B 380 10.09 33.24 30.53
CA HIS B 380 10.00 32.27 29.45
C HIS B 380 8.64 31.62 29.55
N CYS B 381 8.12 31.13 28.43
CA CYS B 381 6.86 30.42 28.50
C CYS B 381 6.91 29.19 27.62
N TRP B 382 6.16 28.16 28.01
CA TRP B 382 6.10 26.90 27.30
C TRP B 382 4.68 26.36 27.38
N ASN B 383 4.49 25.11 26.99
CA ASN B 383 3.16 24.53 26.96
C ASN B 383 3.04 23.39 27.98
N GLU B 384 1.82 23.15 28.43
CA GLU B 384 1.47 21.92 29.10
C GLU B 384 0.44 21.17 28.27
N ALA B 385 0.62 19.86 28.16
CA ALA B 385 -0.30 18.99 27.45
C ALA B 385 -0.77 17.90 28.39
N TRP B 386 -2.06 17.57 28.33
CA TRP B 386 -2.72 16.69 29.29
C TRP B 386 -2.82 15.27 28.73
N MET B 387 -2.35 14.28 29.50
CA MET B 387 -2.30 12.91 29.05
C MET B 387 -1.87 11.99 30.19
N THR B 388 -2.31 10.74 30.12
CA THR B 388 -1.74 9.70 30.98
C THR B 388 -0.27 9.50 30.60
N ARG B 389 0.49 8.92 31.54
CA ARG B 389 1.88 8.54 31.28
C ARG B 389 2.05 7.06 31.60
N PRO B 390 1.56 6.17 30.72
CA PRO B 390 1.73 4.73 30.95
C PRO B 390 3.17 4.27 30.84
N ASP B 391 4.07 5.11 30.32
CA ASP B 391 5.49 4.79 30.33
C ASP B 391 6.15 5.13 31.66
N LEU B 392 5.46 5.81 32.57
CA LEU B 392 5.96 6.17 33.90
C LEU B 392 5.15 5.45 34.96
N PRO B 393 5.67 5.31 36.18
CA PRO B 393 4.88 4.71 37.27
C PRO B 393 3.60 5.50 37.51
N VAL B 394 2.65 4.87 38.22
CA VAL B 394 1.39 5.54 38.50
C VAL B 394 1.64 6.81 39.33
N GLY B 395 0.90 7.85 39.01
CA GLY B 395 1.00 9.11 39.71
C GLY B 395 1.58 10.23 38.89
N PHE B 396 2.16 9.96 37.72
CA PHE B 396 2.89 10.99 36.99
C PHE B 396 2.19 11.43 35.71
N GLY B 397 0.92 11.08 35.52
CA GLY B 397 0.15 11.61 34.40
C GLY B 397 -0.29 13.03 34.67
N GLY B 398 -1.33 13.46 33.94
CA GLY B 398 -1.84 14.82 34.05
C GLY B 398 -1.06 15.80 33.17
N TRP B 399 -0.75 16.99 33.69
CA TRP B 399 -0.08 17.99 32.87
C TRP B 399 1.38 17.62 32.64
N GLN B 400 1.82 17.69 31.38
CA GLN B 400 3.19 17.41 30.98
C GLN B 400 3.75 18.68 30.33
N ALA B 401 4.94 19.10 30.77
CA ALA B 401 5.58 20.26 30.16
C ALA B 401 6.20 19.88 28.82
N VAL B 402 5.86 20.65 27.80
CA VAL B 402 6.44 20.49 26.46
C VAL B 402 6.81 21.88 25.96
N ASP B 403 7.97 21.97 25.31
CA ASP B 403 8.58 23.27 24.98
C ASP B 403 9.19 23.17 23.58
N SER B 404 8.68 23.98 22.65
CA SER B 404 9.22 24.04 21.30
C SER B 404 10.21 25.18 21.07
N THR B 405 10.41 26.07 22.04
CA THR B 405 11.47 27.08 21.89
C THR B 405 12.82 26.38 21.94
N PRO B 406 13.69 26.55 20.95
CA PRO B 406 14.99 25.86 21.01
C PRO B 406 15.86 26.49 22.10
N GLN B 407 16.35 25.66 23.01
CA GLN B 407 17.32 26.12 23.99
C GLN B 407 18.44 25.10 24.10
N GLU B 408 18.12 23.88 24.54
CA GLU B 408 19.09 22.82 24.65
C GLU B 408 18.68 21.61 23.82
N ASN B 409 19.67 20.88 23.35
CA ASN B 409 19.42 19.63 22.65
C ASN B 409 18.94 18.54 23.60
N SER B 410 17.96 17.77 23.14
CA SER B 410 17.47 16.59 23.83
C SER B 410 17.64 15.43 22.87
N ASP B 411 18.57 14.54 23.17
CA ASP B 411 18.85 13.40 22.30
C ASP B 411 19.10 13.87 20.86
N GLY B 412 19.93 14.91 20.71
CA GLY B 412 20.38 15.33 19.41
C GLY B 412 19.47 16.28 18.66
N MET B 413 18.35 16.71 19.24
CA MET B 413 17.49 17.68 18.59
C MET B 413 17.00 18.72 19.58
N TYR B 414 16.73 19.93 19.06
CA TYR B 414 16.07 20.96 19.84
C TYR B 414 14.60 20.61 20.02
N ARG B 415 14.30 20.07 21.19
CA ARG B 415 12.98 19.64 21.62
C ARG B 415 13.05 19.53 23.13
N CYS B 416 11.88 19.41 23.75
CA CYS B 416 11.82 19.35 25.20
C CYS B 416 10.48 18.74 25.61
N GLY B 417 10.53 17.61 26.32
CA GLY B 417 9.32 17.02 26.85
C GLY B 417 8.72 15.88 26.02
N PRO B 418 7.61 15.30 26.49
CA PRO B 418 6.84 15.67 27.69
C PRO B 418 7.51 15.33 29.02
N ALA B 419 7.56 16.31 29.91
CA ALA B 419 8.08 16.11 31.27
C ALA B 419 6.92 16.21 32.24
N SER B 420 6.77 15.19 33.09
CA SER B 420 5.71 15.17 34.09
C SER B 420 5.91 16.30 35.11
N VAL B 421 4.97 17.24 35.17
CA VAL B 421 5.04 18.32 36.15
C VAL B 421 5.07 17.77 37.57
N GLN B 422 4.31 16.68 37.82
CA GLN B 422 4.31 16.09 39.15
C GLN B 422 5.67 15.48 39.50
N ALA B 423 6.35 14.90 38.50
CA ALA B 423 7.70 14.38 38.74
C ALA B 423 8.66 15.53 39.05
N ILE B 424 8.52 16.64 38.34
CA ILE B 424 9.37 17.80 38.60
C ILE B 424 9.12 18.33 40.00
N LYS B 425 7.85 18.37 40.43
CA LYS B 425 7.50 18.93 41.74
C LYS B 425 8.26 18.22 42.85
N HIS B 426 8.40 16.90 42.76
CA HIS B 426 9.08 16.12 43.78
C HIS B 426 10.53 15.84 43.44
N GLY B 427 11.05 16.44 42.37
CA GLY B 427 12.43 16.23 41.99
C GLY B 427 12.74 14.88 41.41
N HIS B 428 11.72 14.10 41.02
CA HIS B 428 11.95 12.79 40.40
C HIS B 428 12.21 12.96 38.91
N VAL B 429 13.29 13.68 38.61
CA VAL B 429 13.59 14.09 37.24
C VAL B 429 14.21 12.98 36.43
N CYS B 430 14.42 11.81 37.04
CA CYS B 430 14.87 10.63 36.29
C CYS B 430 13.83 10.16 35.28
N PHE B 431 12.56 10.54 35.42
CA PHE B 431 11.53 10.06 34.48
C PHE B 431 11.51 10.91 33.20
N GLN B 432 11.55 10.25 32.05
CA GLN B 432 11.58 10.93 30.74
C GLN B 432 10.32 11.81 30.55
N PHE B 433 10.37 12.88 29.76
CA PHE B 433 11.53 13.34 29.00
C PHE B 433 11.95 14.74 29.43
N ASP B 434 13.27 14.95 29.56
CA ASP B 434 13.85 16.29 29.78
C ASP B 434 13.38 16.93 31.08
N ALA B 435 12.93 16.14 32.05
CA ALA B 435 12.55 16.73 33.32
C ALA B 435 13.71 17.46 34.03
N PRO B 436 14.97 17.02 33.95
CA PRO B 436 16.01 17.81 34.63
C PRO B 436 16.12 19.24 34.10
N PHE B 437 15.99 19.44 32.78
CA PHE B 437 16.09 20.77 32.22
C PHE B 437 14.92 21.65 32.68
N VAL B 438 13.70 21.12 32.67
CA VAL B 438 12.55 21.92 33.08
C VAL B 438 12.64 22.24 34.57
N PHE B 439 13.09 21.28 35.39
CA PHE B 439 13.30 21.57 36.80
C PHE B 439 14.25 22.74 36.97
N ALA B 440 15.38 22.71 36.25
CA ALA B 440 16.35 23.77 36.32
C ALA B 440 15.72 25.11 35.95
N GLU B 441 14.84 25.11 34.94
CA GLU B 441 14.17 26.34 34.52
C GLU B 441 13.35 26.96 35.66
N VAL B 442 12.68 26.12 36.46
CA VAL B 442 11.74 26.64 37.44
C VAL B 442 12.34 26.75 38.85
N ASN B 443 13.44 26.04 39.16
CA ASN B 443 13.88 26.09 40.55
C ASN B 443 15.36 25.83 40.75
N SER B 444 16.22 26.17 39.81
CA SER B 444 17.64 26.01 40.08
C SER B 444 18.13 27.10 41.02
N ASP B 445 19.12 26.75 41.85
CA ASP B 445 19.79 27.71 42.72
C ASP B 445 20.79 28.54 41.92
N LEU B 446 21.04 29.76 42.39
CA LEU B 446 22.10 30.59 41.84
C LEU B 446 23.35 30.35 42.68
N ILE B 447 24.42 29.93 42.03
CA ILE B 447 25.69 29.69 42.69
C ILE B 447 26.67 30.74 42.18
N TYR B 448 27.06 31.66 43.05
CA TYR B 448 28.08 32.65 42.74
C TYR B 448 29.44 32.06 43.09
N ILE B 449 30.26 31.87 42.07
CA ILE B 449 31.54 31.16 42.18
C ILE B 449 32.65 32.11 41.75
N THR B 450 33.66 32.27 42.61
CA THR B 450 34.77 33.17 42.31
C THR B 450 35.86 32.45 41.52
N ALA B 451 36.37 33.12 40.49
CA ALA B 451 37.61 32.75 39.81
C ALA B 451 38.73 32.38 40.79
N HIS B 457 38.27 28.41 41.91
CA HIS B 457 36.82 28.34 42.04
C HIS B 457 36.41 28.14 43.49
N VAL B 458 35.65 29.10 44.04
CA VAL B 458 35.16 29.06 45.42
C VAL B 458 33.76 29.66 45.46
N VAL B 459 32.87 29.01 46.21
CA VAL B 459 31.46 29.42 46.24
C VAL B 459 31.31 30.58 47.21
N GLU B 460 30.99 31.76 46.68
CA GLU B 460 30.85 32.96 47.51
C GLU B 460 29.46 33.09 48.10
N ASN B 461 28.43 32.64 47.38
CA ASN B 461 27.06 32.97 47.73
C ASN B 461 26.11 32.03 47.01
N VAL B 462 24.97 31.76 47.62
CA VAL B 462 23.92 30.92 47.04
C VAL B 462 22.60 31.67 47.13
N ASP B 463 21.92 31.85 46.00
CA ASP B 463 20.57 32.43 46.01
C ASP B 463 19.61 31.30 45.70
N ALA B 464 18.84 30.90 46.71
CA ALA B 464 17.95 29.77 46.58
C ALA B 464 16.53 30.16 46.20
N THR B 465 16.25 31.46 46.02
CA THR B 465 14.87 31.91 45.86
C THR B 465 14.61 32.74 44.62
N HIS B 466 15.62 33.04 43.80
CA HIS B 466 15.40 33.97 42.71
C HIS B 466 14.65 33.32 41.54
N ILE B 467 15.08 32.11 41.15
CA ILE B 467 14.56 31.48 39.93
C ILE B 467 13.13 31.01 40.15
N GLY B 468 12.30 31.16 39.11
CA GLY B 468 10.95 30.62 39.12
C GLY B 468 10.08 31.26 40.18
N LYS B 469 10.06 32.60 40.19
CA LYS B 469 9.38 33.35 41.23
C LYS B 469 7.86 33.18 41.19
N LEU B 470 7.29 33.02 40.00
CA LEU B 470 5.86 32.94 39.80
C LEU B 470 5.63 32.25 38.47
N ILE B 471 4.67 31.33 38.41
CA ILE B 471 4.32 30.60 37.20
C ILE B 471 2.81 30.71 37.03
N VAL B 472 2.37 31.19 35.87
CA VAL B 472 0.98 31.55 35.66
C VAL B 472 0.47 31.01 34.34
N THR B 473 -0.85 30.89 34.25
CA THR B 473 -1.53 30.48 33.05
C THR B 473 -2.90 31.15 33.04
N LYS B 474 -3.51 31.24 31.86
CA LYS B 474 -4.81 31.90 31.74
C LYS B 474 -5.86 31.17 32.56
N GLN B 475 -6.70 31.92 33.26
CA GLN B 475 -7.75 31.30 34.06
C GLN B 475 -8.85 30.74 33.17
N ILE B 476 -9.58 29.77 33.71
CA ILE B 476 -10.76 29.25 33.04
C ILE B 476 -11.86 30.31 33.07
N GLY B 477 -12.46 30.59 31.91
CA GLY B 477 -13.61 31.48 31.85
C GLY B 477 -13.33 32.95 32.08
N GLY B 478 -12.11 33.40 31.79
CA GLY B 478 -11.81 34.82 31.90
C GLY B 478 -10.39 35.03 31.44
N ASP B 479 -10.01 36.31 31.36
CA ASP B 479 -8.66 36.69 30.96
C ASP B 479 -7.72 36.88 32.13
N GLY B 480 -8.16 36.59 33.36
CA GLY B 480 -7.32 36.74 34.52
C GLY B 480 -6.24 35.69 34.61
N MET B 481 -5.38 35.87 35.60
CA MET B 481 -4.17 35.10 35.78
C MET B 481 -4.37 34.03 36.85
N MET B 482 -4.00 32.79 36.55
CA MET B 482 -4.05 31.72 37.54
C MET B 482 -2.62 31.38 37.96
N ASP B 483 -2.33 31.52 39.25
CA ASP B 483 -1.03 31.17 39.83
C ASP B 483 -0.93 29.64 39.93
N ILE B 484 -0.02 29.04 39.17
CA ILE B 484 0.17 27.60 39.26
C ILE B 484 1.58 27.24 39.73
N THR B 485 2.27 28.17 40.39
CA THR B 485 3.63 27.92 40.87
C THR B 485 3.71 26.64 41.71
N ASP B 486 2.71 26.39 42.56
CA ASP B 486 2.74 25.26 43.48
C ASP B 486 2.71 23.91 42.75
N THR B 487 2.29 23.87 41.49
CA THR B 487 2.30 22.59 40.79
C THR B 487 3.70 22.16 40.39
N TYR B 488 4.61 23.13 40.21
CA TYR B 488 5.99 22.85 39.78
C TYR B 488 6.96 22.69 40.94
N LYS B 489 6.70 23.33 42.08
CA LYS B 489 7.67 23.25 43.15
C LYS B 489 6.97 23.56 44.46
N PHE B 490 7.56 23.05 45.55
CA PHE B 490 7.12 23.45 46.88
C PHE B 490 7.49 24.91 47.13
N GLN B 491 6.83 25.52 48.11
CA GLN B 491 7.06 26.94 48.40
C GLN B 491 8.49 27.21 48.83
N GLU B 492 9.06 28.30 48.31
CA GLU B 492 10.36 28.76 48.79
C GLU B 492 10.31 28.94 50.30
N GLY B 493 11.41 28.57 50.97
CA GLY B 493 11.50 28.64 52.40
C GLY B 493 11.08 27.38 53.13
N GLN B 494 10.25 26.55 52.51
CA GLN B 494 9.81 25.30 53.12
C GLN B 494 10.85 24.21 52.93
N GLU B 495 10.96 23.35 53.94
CA GLU B 495 11.99 22.31 53.92
C GLU B 495 11.83 21.38 52.71
N GLU B 496 10.60 21.08 52.32
CA GLU B 496 10.35 20.19 51.18
C GLU B 496 10.93 20.75 49.88
N GLU B 497 11.00 22.08 49.76
CA GLU B 497 11.57 22.66 48.55
C GLU B 497 13.05 22.33 48.44
N ARG B 498 13.77 22.39 49.58
CA ARG B 498 15.17 21.98 49.59
C ARG B 498 15.29 20.50 49.29
N LEU B 499 14.45 19.67 49.95
CA LEU B 499 14.55 18.23 49.79
C LEU B 499 14.21 17.79 48.36
N ALA B 500 13.19 18.40 47.75
CA ALA B 500 12.88 18.09 46.36
C ALA B 500 14.02 18.53 45.42
N LEU B 501 14.64 19.68 45.70
CA LEU B 501 15.74 20.11 44.84
C LEU B 501 16.95 19.19 45.00
N GLU B 502 17.27 18.82 46.25
CA GLU B 502 18.38 17.89 46.46
C GLU B 502 18.10 16.53 45.82
N THR B 503 16.83 16.10 45.81
CA THR B 503 16.47 14.90 45.06
C THR B 503 16.75 15.07 43.55
N ALA B 504 16.38 16.21 42.98
CA ALA B 504 16.60 16.44 41.56
C ALA B 504 18.09 16.46 41.23
N LEU B 505 18.89 17.10 42.07
CA LEU B 505 20.32 17.14 41.80
C LEU B 505 20.91 15.74 41.87
N MET B 506 20.42 14.93 42.80
CA MET B 506 20.92 13.57 42.97
C MET B 506 20.63 12.72 41.75
N TYR B 507 19.39 12.75 41.26
CA TYR B 507 19.10 12.05 40.02
C TYR B 507 19.86 12.65 38.85
N GLY B 508 20.20 13.95 38.94
CA GLY B 508 21.12 14.60 38.01
C GLY B 508 20.69 14.67 36.55
N SER B 523 26.90 7.63 53.04
CA SER B 523 26.81 7.67 54.50
C SER B 523 26.55 6.27 55.08
N ASN B 524 26.14 5.36 54.18
CA ASN B 524 25.81 3.97 54.49
C ASN B 524 24.46 3.82 55.20
N VAL B 525 23.49 4.66 54.84
CA VAL B 525 22.13 4.55 55.37
C VAL B 525 21.22 4.11 54.24
N ASP B 526 20.35 3.13 54.53
CA ASP B 526 19.31 2.69 53.61
C ASP B 526 17.95 3.14 54.12
N MET B 527 17.03 3.36 53.19
N MET B 527 17.01 3.35 53.19
CA MET B 527 15.67 3.73 53.55
CA MET B 527 15.66 3.78 53.54
C MET B 527 14.68 3.00 52.64
C MET B 527 14.64 3.12 52.62
N ASP B 528 13.54 2.67 53.22
CA ASP B 528 12.40 2.10 52.50
C ASP B 528 11.18 2.42 53.33
N PHE B 529 10.01 2.17 52.78
CA PHE B 529 8.78 2.29 53.54
C PHE B 529 7.74 1.31 53.01
N GLU B 530 6.79 0.97 53.88
CA GLU B 530 5.67 0.12 53.52
C GLU B 530 4.39 0.76 54.04
N VAL B 531 3.31 0.48 53.33
CA VAL B 531 1.97 0.94 53.69
C VAL B 531 1.13 -0.26 54.09
N GLU B 532 0.50 -0.18 55.26
CA GLU B 532 -0.41 -1.24 55.68
C GLU B 532 -1.63 -1.22 54.77
N ASN B 533 -2.17 -2.39 54.47
CA ASN B 533 -3.39 -2.52 53.68
C ASN B 533 -4.39 -1.44 54.04
N ALA B 534 -4.75 -0.61 53.06
CA ALA B 534 -5.57 0.56 53.31
C ALA B 534 -7.01 0.27 52.92
N VAL B 535 -7.91 0.30 53.89
CA VAL B 535 -9.34 0.10 53.66
C VAL B 535 -10.03 1.43 53.90
N LEU B 536 -10.80 1.87 52.91
CA LEU B 536 -11.57 3.11 53.01
C LEU B 536 -12.38 3.16 54.29
N GLY B 537 -12.30 4.30 54.98
CA GLY B 537 -13.02 4.54 56.21
C GLY B 537 -12.22 4.24 57.45
N LYS B 538 -11.01 3.71 57.31
CA LYS B 538 -10.16 3.35 58.45
C LYS B 538 -8.82 4.06 58.31
N ASP B 539 -8.19 4.31 59.47
CA ASP B 539 -6.81 4.75 59.49
C ASP B 539 -5.89 3.66 58.93
N PHE B 540 -4.68 4.05 58.58
CA PHE B 540 -3.66 3.08 58.23
C PHE B 540 -2.29 3.67 58.52
N LYS B 541 -1.30 2.79 58.66
CA LYS B 541 0.05 3.18 59.04
C LYS B 541 0.96 3.13 57.83
N LEU B 542 1.78 4.16 57.68
CA LEU B 542 2.91 4.17 56.76
C LEU B 542 4.18 4.07 57.61
N SER B 543 4.91 2.99 57.43
CA SER B 543 6.10 2.71 58.23
C SER B 543 7.33 3.01 57.39
N ILE B 544 8.12 3.98 57.82
CA ILE B 544 9.37 4.31 57.14
C ILE B 544 10.50 3.71 57.96
N THR B 545 11.29 2.84 57.31
CA THR B 545 12.39 2.16 57.95
C THR B 545 13.71 2.69 57.43
N PHE B 546 14.60 3.04 58.35
CA PHE B 546 15.97 3.44 58.07
C PHE B 546 16.91 2.39 58.64
N ARG B 547 17.93 2.02 57.87
CA ARG B 547 18.98 1.15 58.37
C ARG B 547 20.30 1.91 58.34
N ASN B 548 20.98 1.98 59.47
CA ASN B 548 22.28 2.64 59.57
C ASN B 548 23.33 1.55 59.72
N ASN B 549 24.06 1.29 58.65
CA ASN B 549 25.12 0.29 58.65
C ASN B 549 26.47 0.85 59.09
N SER B 550 26.55 2.15 59.37
CA SER B 550 27.81 2.76 59.81
C SER B 550 27.93 2.75 61.33
N HIS B 551 29.11 3.14 61.81
CA HIS B 551 29.32 3.35 63.24
C HIS B 551 29.04 4.78 63.66
N ASN B 552 28.41 5.58 62.79
CA ASN B 552 28.18 6.99 63.00
C ASN B 552 26.74 7.25 63.44
N ARG B 553 26.58 8.23 64.32
CA ARG B 553 25.28 8.78 64.65
C ARG B 553 24.91 9.85 63.62
N TYR B 554 23.69 9.81 63.10
CA TYR B 554 23.24 10.72 62.08
C TYR B 554 21.95 11.40 62.50
N THR B 555 21.74 12.60 61.97
CA THR B 555 20.41 13.21 62.02
C THR B 555 19.84 13.24 60.61
N ILE B 556 18.54 13.10 60.52
CA ILE B 556 17.84 12.97 59.25
C ILE B 556 16.71 13.97 59.22
N THR B 557 16.54 14.64 58.08
CA THR B 557 15.39 15.48 57.84
C THR B 557 14.67 14.97 56.60
N ALA B 558 13.36 14.82 56.68
CA ALA B 558 12.61 14.13 55.65
C ALA B 558 11.22 14.73 55.50
N TYR B 559 10.60 14.49 54.35
CA TYR B 559 9.18 14.79 54.20
C TYR B 559 8.45 13.61 53.61
N LEU B 560 7.15 13.60 53.86
CA LEU B 560 6.21 12.61 53.32
C LEU B 560 5.14 13.36 52.56
N SER B 561 4.86 12.93 51.34
CA SER B 561 3.74 13.46 50.58
C SER B 561 2.85 12.29 50.19
N ALA B 562 1.60 12.34 50.65
CA ALA B 562 0.57 11.34 50.36
C ALA B 562 -0.48 11.95 49.45
N ASN B 563 -0.80 11.23 48.38
CA ASN B 563 -1.59 11.77 47.29
C ASN B 563 -2.70 10.82 46.84
N ILE B 564 -3.80 11.40 46.39
CA ILE B 564 -4.84 10.62 45.74
C ILE B 564 -4.55 10.63 44.24
N THR B 565 -4.68 9.48 43.59
N THR B 565 -4.74 9.48 43.58
CA THR B 565 -4.51 9.37 42.15
CA THR B 565 -4.45 9.31 42.16
C THR B 565 -5.70 8.63 41.54
C THR B 565 -5.59 8.53 41.50
N PHE B 566 -5.92 8.89 40.25
CA PHE B 566 -6.87 8.13 39.46
C PHE B 566 -6.25 6.78 39.09
N TYR B 567 -7.12 5.78 38.84
CA TYR B 567 -6.62 4.46 38.46
C TYR B 567 -5.73 4.52 37.21
N THR B 568 -5.92 5.51 36.33
CA THR B 568 -5.07 5.65 35.14
C THR B 568 -3.70 6.25 35.44
N GLY B 569 -3.41 6.59 36.69
CA GLY B 569 -2.13 7.18 37.03
C GLY B 569 -2.09 8.70 36.98
N VAL B 570 -3.21 9.35 36.73
CA VAL B 570 -3.30 10.81 36.74
C VAL B 570 -3.39 11.29 38.19
N PRO B 571 -2.56 12.23 38.61
CA PRO B 571 -2.64 12.73 39.99
C PRO B 571 -3.91 13.54 40.23
N LYS B 572 -4.48 13.40 41.42
CA LYS B 572 -5.61 14.24 41.81
C LYS B 572 -5.20 15.30 42.83
N ALA B 573 -4.73 14.92 44.02
CA ALA B 573 -4.41 15.92 45.04
C ALA B 573 -3.58 15.28 46.13
N GLU B 574 -2.78 16.12 46.77
CA GLU B 574 -2.07 15.79 47.98
C GLU B 574 -3.04 15.89 49.16
N PHE B 575 -3.10 14.86 50.00
CA PHE B 575 -4.00 14.92 51.15
C PHE B 575 -3.27 14.95 52.49
N LYS B 576 -1.95 14.74 52.49
CA LYS B 576 -1.15 14.78 53.70
C LYS B 576 0.27 15.14 53.34
N LYS B 577 0.86 16.05 54.10
CA LYS B 577 2.26 16.43 53.91
C LYS B 577 2.83 16.69 55.29
N GLU B 578 3.90 15.97 55.63
CA GLU B 578 4.58 16.12 56.91
C GLU B 578 6.08 16.14 56.67
N THR B 579 6.79 16.99 57.42
CA THR B 579 8.24 16.90 57.52
C THR B 579 8.58 16.40 58.91
N PHE B 580 9.71 15.71 59.05
CA PHE B 580 10.08 15.25 60.37
C PHE B 580 11.60 15.08 60.46
N ASP B 581 12.08 15.07 61.70
CA ASP B 581 13.50 14.86 62.02
C ASP B 581 13.68 13.67 62.95
N VAL B 582 14.69 12.86 62.69
CA VAL B 582 14.97 11.68 63.48
C VAL B 582 16.48 11.52 63.61
N THR B 583 16.90 11.00 64.75
CA THR B 583 18.30 10.65 64.96
C THR B 583 18.47 9.17 64.68
N LEU B 584 19.56 8.82 64.04
CA LEU B 584 19.80 7.46 63.60
C LEU B 584 21.06 6.97 64.29
N GLU B 585 20.87 6.09 65.28
CA GLU B 585 21.99 5.54 66.01
C GLU B 585 22.84 4.64 65.10
N PRO B 586 24.11 4.42 65.46
CA PRO B 586 24.93 3.51 64.66
C PRO B 586 24.39 2.09 64.71
N LEU B 587 24.64 1.35 63.62
CA LEU B 587 24.32 -0.07 63.53
C LEU B 587 22.89 -0.35 64.01
N SER B 588 21.95 0.39 63.43
CA SER B 588 20.58 0.41 63.94
C SER B 588 19.56 0.41 62.82
N PHE B 589 18.46 -0.30 63.04
CA PHE B 589 17.21 -0.05 62.36
C PHE B 589 16.42 0.98 63.14
N LYS B 590 15.77 1.91 62.44
CA LYS B 590 14.82 2.79 63.09
C LYS B 590 13.57 2.86 62.24
N LYS B 591 12.43 2.59 62.85
CA LYS B 591 11.13 2.62 62.19
C LYS B 591 10.42 3.91 62.58
N GLU B 592 9.92 4.63 61.58
CA GLU B 592 9.16 5.84 61.81
C GLU B 592 7.74 5.57 61.31
N ALA B 593 6.82 5.32 62.25
CA ALA B 593 5.45 4.94 61.91
C ALA B 593 4.60 6.19 61.80
N VAL B 594 3.99 6.41 60.64
CA VAL B 594 3.18 7.58 60.40
C VAL B 594 1.73 7.13 60.29
N LEU B 595 0.89 7.64 61.19
CA LEU B 595 -0.52 7.32 61.20
C LEU B 595 -1.23 8.26 60.24
N ILE B 596 -1.88 7.68 59.22
CA ILE B 596 -2.75 8.44 58.34
C ILE B 596 -4.17 8.16 58.78
N GLN B 597 -4.85 9.21 59.23
CA GLN B 597 -6.20 9.05 59.74
C GLN B 597 -7.21 9.18 58.62
N ALA B 598 -8.34 8.48 58.79
CA ALA B 598 -9.38 8.47 57.78
C ALA B 598 -9.78 9.88 57.38
N GLY B 599 -9.91 10.79 58.37
CA GLY B 599 -10.32 12.15 58.05
C GLY B 599 -9.40 12.84 57.05
N GLU B 600 -8.14 12.41 56.99
CA GLU B 600 -7.18 13.11 56.15
C GLU B 600 -7.43 12.88 54.66
N TYR B 601 -8.02 11.75 54.29
CA TYR B 601 -8.22 11.44 52.88
C TYR B 601 -9.68 11.27 52.48
N MET B 602 -10.56 10.91 53.41
CA MET B 602 -11.95 10.57 53.09
C MET B 602 -12.68 11.70 52.38
N GLY B 603 -12.25 12.96 52.57
CA GLY B 603 -12.86 14.07 51.87
C GLY B 603 -12.42 14.25 50.42
N GLN B 604 -11.39 13.53 49.97
CA GLN B 604 -10.78 13.75 48.66
C GLN B 604 -10.78 12.50 47.79
N LEU B 605 -11.60 11.52 48.12
CA LEU B 605 -11.57 10.26 47.40
C LEU B 605 -12.30 10.34 46.07
N LEU B 606 -12.15 9.29 45.28
CA LEU B 606 -12.89 9.09 44.04
C LEU B 606 -12.88 7.61 43.72
N GLU B 607 -13.69 7.23 42.73
CA GLU B 607 -13.81 5.84 42.32
C GLU B 607 -12.46 5.26 41.92
N GLN B 608 -12.22 4.00 42.33
CA GLN B 608 -11.00 3.27 41.98
C GLN B 608 -9.73 4.08 42.27
N ALA B 609 -9.80 4.97 43.26
CA ALA B 609 -8.64 5.77 43.61
C ALA B 609 -7.46 4.89 44.05
N SER B 610 -6.26 5.35 43.72
CA SER B 610 -5.02 4.81 44.25
C SER B 610 -4.41 5.88 45.15
N LEU B 611 -3.43 5.43 45.92
CA LEU B 611 -2.70 6.30 46.84
C LEU B 611 -1.27 6.33 46.38
N HIS B 612 -0.69 7.52 46.26
CA HIS B 612 0.69 7.70 45.82
C HIS B 612 1.46 8.44 46.91
N PHE B 613 2.55 7.82 47.37
CA PHE B 613 3.35 8.31 48.49
C PHE B 613 4.76 8.64 48.01
N PHE B 614 5.23 9.84 48.33
CA PHE B 614 6.62 10.22 48.22
C PHE B 614 7.22 10.28 49.62
N VAL B 615 8.40 9.70 49.78
CA VAL B 615 9.21 9.89 50.98
C VAL B 615 10.61 10.27 50.54
N THR B 616 11.10 11.41 51.03
CA THR B 616 12.46 11.90 50.73
C THR B 616 13.14 12.26 52.04
N ALA B 617 14.33 11.73 52.26
CA ALA B 617 15.05 11.91 53.52
C ALA B 617 16.50 12.32 53.22
N ARG B 618 16.99 13.34 53.93
CA ARG B 618 18.37 13.77 53.84
C ARG B 618 19.12 13.37 55.11
N ILE B 619 20.29 12.77 54.95
CA ILE B 619 21.21 12.62 56.08
C ILE B 619 21.92 13.97 56.22
N ASN B 620 21.63 14.68 57.30
CA ASN B 620 22.07 16.06 57.41
C ASN B 620 23.58 16.18 57.47
N GLU B 621 24.27 15.22 58.10
CA GLU B 621 25.72 15.35 58.22
C GLU B 621 26.43 15.18 56.89
N THR B 622 25.93 14.30 56.02
CA THR B 622 26.65 14.03 54.78
C THR B 622 26.00 14.61 53.53
N ARG B 623 24.77 15.11 53.62
CA ARG B 623 23.98 15.66 52.51
C ARG B 623 23.46 14.57 51.56
N ASP B 624 23.59 13.30 51.92
CA ASP B 624 23.04 12.22 51.12
C ASP B 624 21.52 12.28 51.10
N VAL B 625 20.94 12.05 49.94
CA VAL B 625 19.50 12.06 49.76
C VAL B 625 19.03 10.64 49.45
N LEU B 626 17.89 10.28 50.04
CA LEU B 626 17.23 9.00 49.79
C LEU B 626 15.79 9.30 49.41
N ALA B 627 15.41 8.94 48.19
CA ALA B 627 14.09 9.23 47.66
C ALA B 627 13.46 7.94 47.18
N LYS B 628 12.22 7.71 47.60
CA LYS B 628 11.41 6.58 47.14
C LYS B 628 10.00 7.07 46.88
N GLN B 629 9.31 6.41 45.97
CA GLN B 629 7.90 6.68 45.70
C GLN B 629 7.22 5.36 45.41
N LYS B 630 5.99 5.21 45.93
CA LYS B 630 5.22 3.98 45.81
C LYS B 630 3.74 4.33 45.73
N SER B 631 2.99 3.46 45.06
CA SER B 631 1.54 3.49 44.99
C SER B 631 0.95 2.24 45.62
N THR B 632 -0.26 2.40 46.18
CA THR B 632 -1.10 1.28 46.62
C THR B 632 -2.53 1.57 46.24
N VAL B 633 -3.29 0.53 45.98
CA VAL B 633 -4.70 0.67 45.63
C VAL B 633 -5.52 0.62 46.92
N LEU B 634 -6.43 1.56 47.06
CA LEU B 634 -7.31 1.63 48.23
C LEU B 634 -8.45 0.63 48.06
N THR B 635 -8.63 -0.22 49.08
CA THR B 635 -9.79 -1.11 49.12
C THR B 635 -11.04 -0.30 49.42
N ILE B 636 -12.03 -0.37 48.52
CA ILE B 636 -13.25 0.40 48.70
C ILE B 636 -14.42 -0.55 48.98
N PRO B 637 -14.80 -0.75 50.25
CA PRO B 637 -15.98 -1.56 50.54
C PRO B 637 -17.23 -0.96 49.91
N GLU B 638 -18.22 -1.84 49.67
CA GLU B 638 -19.45 -1.45 49.00
C GLU B 638 -20.60 -2.26 49.56
N ILE B 639 -21.78 -1.66 49.53
CA ILE B 639 -23.04 -2.35 49.82
C ILE B 639 -23.62 -2.85 48.49
N ILE B 640 -24.10 -4.09 48.48
CA ILE B 640 -24.69 -4.67 47.29
C ILE B 640 -26.20 -4.54 47.37
N ILE B 641 -26.82 -4.02 46.31
CA ILE B 641 -28.26 -3.89 46.18
C ILE B 641 -28.69 -4.77 45.02
N LYS B 642 -29.63 -5.68 45.27
CA LYS B 642 -30.26 -6.46 44.21
C LYS B 642 -31.77 -6.26 44.26
N VAL B 643 -32.43 -6.58 43.16
CA VAL B 643 -33.87 -6.52 43.02
C VAL B 643 -34.38 -7.87 42.52
N ARG B 644 -35.48 -8.35 43.13
CA ARG B 644 -36.18 -9.57 42.71
C ARG B 644 -37.59 -9.24 42.25
N GLY B 645 -38.11 -10.06 41.34
CA GLY B 645 -39.50 -9.92 40.92
C GLY B 645 -39.68 -8.80 39.91
N THR B 646 -40.91 -8.72 39.39
CA THR B 646 -41.22 -7.71 38.38
C THR B 646 -41.11 -6.31 38.97
N GLN B 647 -40.92 -5.34 38.09
CA GLN B 647 -40.66 -3.97 38.49
C GLN B 647 -41.67 -2.99 37.89
N MET B 653 -42.05 -5.07 44.15
CA MET B 653 -40.77 -5.76 43.98
C MET B 653 -39.97 -5.81 45.26
N THR B 654 -39.14 -6.83 45.40
CA THR B 654 -38.30 -6.98 46.58
C THR B 654 -36.92 -6.40 46.31
N VAL B 655 -36.45 -5.56 47.23
CA VAL B 655 -35.09 -5.02 47.19
C VAL B 655 -34.29 -5.76 48.26
N ILE B 656 -33.12 -6.26 47.89
CA ILE B 656 -32.25 -6.99 48.79
C ILE B 656 -30.96 -6.19 48.97
N VAL B 657 -30.62 -5.88 50.21
CA VAL B 657 -29.44 -5.10 50.57
C VAL B 657 -28.50 -6.01 51.34
N GLU B 658 -27.27 -6.14 50.86
CA GLU B 658 -26.29 -7.03 51.49
C GLU B 658 -25.02 -6.26 51.83
N PHE B 659 -24.45 -6.53 53.01
CA PHE B 659 -23.19 -5.90 53.40
C PHE B 659 -22.30 -6.90 54.12
N THR B 660 -21.09 -7.09 53.61
CA THR B 660 -20.08 -7.94 54.23
C THR B 660 -19.09 -7.07 55.01
N ASN B 661 -18.87 -7.41 56.29
CA ASN B 661 -17.86 -6.70 57.07
C ASN B 661 -16.47 -6.86 56.45
N PRO B 662 -15.82 -5.77 56.03
CA PRO B 662 -14.51 -5.88 55.38
C PRO B 662 -13.32 -5.75 56.32
N LEU B 663 -13.51 -5.77 57.63
CA LEU B 663 -12.43 -5.63 58.60
C LEU B 663 -12.24 -6.93 59.37
N LYS B 664 -11.06 -7.05 59.98
CA LYS B 664 -10.78 -8.13 60.91
C LYS B 664 -11.34 -7.87 62.30
N GLU B 665 -12.07 -6.77 62.47
CA GLU B 665 -12.71 -6.40 63.73
C GLU B 665 -14.21 -6.48 63.59
N THR B 666 -14.88 -6.66 64.73
CA THR B 666 -16.33 -6.75 64.77
C THR B 666 -16.94 -5.36 64.64
N LEU B 667 -17.92 -5.21 63.76
CA LEU B 667 -18.68 -3.98 63.66
C LEU B 667 -19.88 -4.04 64.59
N ARG B 668 -20.15 -2.94 65.30
CA ARG B 668 -21.23 -2.89 66.26
C ARG B 668 -22.15 -1.70 65.98
N ASN B 669 -23.43 -1.90 66.31
CA ASN B 669 -24.46 -0.87 66.13
CA ASN B 669 -24.47 -0.88 66.13
C ASN B 669 -24.46 -0.37 64.69
N VAL B 670 -24.56 -1.31 63.76
CA VAL B 670 -24.53 -1.01 62.34
C VAL B 670 -25.91 -0.57 61.89
N TRP B 671 -25.99 0.57 61.22
CA TRP B 671 -27.22 1.05 60.60
C TRP B 671 -27.04 1.06 59.09
N VAL B 672 -27.96 0.41 58.38
CA VAL B 672 -27.95 0.39 56.91
C VAL B 672 -29.14 1.20 56.44
N HIS B 673 -28.89 2.13 55.53
CA HIS B 673 -29.92 2.98 54.95
C HIS B 673 -30.19 2.55 53.52
N LEU B 674 -31.41 2.81 53.07
CA LEU B 674 -31.84 2.55 51.70
C LEU B 674 -32.72 3.69 51.25
N ASP B 675 -32.43 4.23 50.06
CA ASP B 675 -33.11 5.38 49.47
C ASP B 675 -33.41 5.07 48.01
N GLY B 676 -34.49 5.67 47.49
CA GLY B 676 -34.93 5.41 46.15
C GLY B 676 -36.22 6.15 45.81
N PRO B 677 -36.10 7.43 45.46
CA PRO B 677 -37.29 8.23 45.11
C PRO B 677 -38.11 7.58 44.00
N GLY B 678 -39.43 7.57 44.20
CA GLY B 678 -40.33 6.88 43.30
C GLY B 678 -40.40 5.38 43.50
N VAL B 679 -39.41 4.78 44.18
CA VAL B 679 -39.39 3.35 44.45
C VAL B 679 -39.72 3.07 45.91
N THR B 680 -39.03 3.73 46.85
CA THR B 680 -39.28 3.51 48.26
C THR B 680 -39.08 4.81 49.03
N ARG B 681 -39.90 4.99 50.06
CA ARG B 681 -39.59 5.97 51.08
C ARG B 681 -38.27 5.59 51.76
N PRO B 682 -37.52 6.56 52.28
CA PRO B 682 -36.24 6.22 52.91
C PRO B 682 -36.46 5.30 54.10
N MET B 683 -35.63 4.26 54.19
CA MET B 683 -35.75 3.26 55.25
C MET B 683 -34.38 2.95 55.82
N LYS B 684 -34.37 2.38 57.02
CA LYS B 684 -33.12 1.92 57.60
C LYS B 684 -33.32 0.68 58.45
N LYS B 685 -32.24 -0.11 58.59
CA LYS B 685 -32.24 -1.33 59.37
C LYS B 685 -31.01 -1.37 60.26
N MET B 686 -31.19 -1.70 61.53
CA MET B 686 -30.08 -1.80 62.47
C MET B 686 -29.65 -3.25 62.64
N PHE B 687 -28.35 -3.46 62.79
CA PHE B 687 -27.77 -4.75 63.15
C PHE B 687 -26.81 -4.51 64.30
N ARG B 688 -27.04 -5.21 65.42
CA ARG B 688 -26.22 -4.90 66.60
C ARG B 688 -24.77 -5.33 66.42
N GLU B 689 -24.52 -6.35 65.61
CA GLU B 689 -23.18 -6.92 65.51
C GLU B 689 -22.99 -7.55 64.14
N ILE B 690 -21.85 -7.27 63.50
CA ILE B 690 -21.43 -8.02 62.31
C ILE B 690 -19.99 -8.47 62.54
N ARG B 691 -19.79 -9.79 62.66
CA ARG B 691 -18.48 -10.37 62.92
C ARG B 691 -17.58 -10.18 61.69
N PRO B 692 -16.27 -10.35 61.85
CA PRO B 692 -15.37 -10.16 60.70
C PRO B 692 -15.72 -11.07 59.53
N ASN B 693 -15.77 -10.47 58.34
CA ASN B 693 -16.09 -11.11 57.06
C ASN B 693 -17.47 -11.77 57.05
N SER B 694 -18.37 -11.38 57.96
CA SER B 694 -19.73 -11.90 57.95
C SER B 694 -20.60 -11.00 57.09
N THR B 695 -21.62 -11.58 56.49
CA THR B 695 -22.53 -10.86 55.61
C THR B 695 -23.89 -10.76 56.27
N VAL B 696 -24.49 -9.58 56.23
CA VAL B 696 -25.88 -9.42 56.64
C VAL B 696 -26.69 -9.13 55.39
N GLN B 697 -27.98 -9.43 55.48
CA GLN B 697 -28.92 -9.28 54.39
C GLN B 697 -30.18 -8.63 54.91
N TRP B 698 -30.74 -7.74 54.12
CA TRP B 698 -31.92 -6.99 54.53
C TRP B 698 -32.88 -6.94 53.34
N GLU B 699 -34.08 -7.50 53.53
CA GLU B 699 -35.10 -7.60 52.48
C GLU B 699 -36.28 -6.66 52.77
N GLU B 700 -36.70 -5.91 51.76
CA GLU B 700 -37.75 -4.92 51.90
C GLU B 700 -38.63 -4.93 50.66
N VAL B 701 -39.92 -5.10 50.87
CA VAL B 701 -40.88 -5.14 49.77
C VAL B 701 -41.45 -3.74 49.57
N CYS B 702 -41.42 -3.26 48.33
CA CYS B 702 -42.07 -2.00 47.98
C CYS B 702 -42.74 -2.13 46.62
N ARG B 703 -43.76 -1.28 46.42
CA ARG B 703 -44.39 -1.12 45.12
C ARG B 703 -44.03 0.27 44.63
N PRO B 704 -43.26 0.40 43.54
CA PRO B 704 -42.80 1.73 43.14
C PRO B 704 -43.95 2.58 42.65
N TRP B 705 -43.81 3.90 42.82
CA TRP B 705 -44.86 4.84 42.49
C TRP B 705 -44.53 5.73 41.30
N VAL B 706 -43.37 5.57 40.67
CA VAL B 706 -42.93 6.43 39.57
C VAL B 706 -42.29 5.56 38.49
N SER B 707 -42.79 5.65 37.26
CA SER B 707 -42.24 4.88 36.16
C SER B 707 -40.90 5.46 35.69
N GLY B 708 -40.13 4.63 35.00
CA GLY B 708 -38.92 5.05 34.33
C GLY B 708 -37.64 4.56 35.00
N HIS B 709 -36.54 5.25 34.69
CA HIS B 709 -35.22 4.94 35.22
C HIS B 709 -35.06 5.53 36.63
N ARG B 710 -35.12 4.69 37.64
CA ARG B 710 -34.93 5.11 39.03
C ARG B 710 -33.59 4.61 39.55
N LYS B 711 -33.26 4.99 40.78
CA LYS B 711 -31.96 4.66 41.32
C LYS B 711 -32.08 4.41 42.81
N LEU B 712 -31.47 3.33 43.28
CA LEU B 712 -31.42 2.97 44.68
C LEU B 712 -30.02 3.25 45.20
N ILE B 713 -29.92 3.92 46.34
CA ILE B 713 -28.65 4.23 46.98
C ILE B 713 -28.72 3.77 48.43
N ALA B 714 -27.68 3.07 48.89
CA ALA B 714 -27.57 2.61 50.27
C ALA B 714 -26.33 3.20 50.94
N SER B 715 -26.39 3.34 52.26
CA SER B 715 -25.25 3.77 53.08
C SER B 715 -25.24 2.98 54.38
N MET B 716 -24.06 2.88 55.00
CA MET B 716 -23.97 2.23 56.31
C MET B 716 -23.13 3.05 57.28
N SER B 717 -23.47 2.93 58.55
CA SER B 717 -22.64 3.46 59.62
C SER B 717 -22.62 2.46 60.77
N SER B 718 -21.59 2.58 61.59
CA SER B 718 -21.40 1.72 62.74
C SER B 718 -20.50 2.46 63.71
N ASP B 719 -20.16 1.80 64.82
CA ASP B 719 -19.32 2.44 65.82
C ASP B 719 -17.89 2.69 65.32
N SER B 720 -17.42 1.94 64.32
CA SER B 720 -16.12 2.24 63.73
C SER B 720 -16.24 2.65 62.25
N LEU B 721 -16.49 1.70 61.36
CA LEU B 721 -16.59 1.95 59.92
C LEU B 721 -17.85 2.69 59.52
N ARG B 722 -17.70 3.70 58.67
CA ARG B 722 -18.85 4.42 58.13
C ARG B 722 -18.48 5.03 56.79
N HIS B 723 -19.46 5.71 56.19
CA HIS B 723 -19.35 6.31 54.86
C HIS B 723 -18.99 5.26 53.81
N VAL B 724 -19.65 4.11 53.89
CA VAL B 724 -19.59 3.06 52.88
C VAL B 724 -20.96 3.00 52.21
N TYR B 725 -20.99 2.82 50.89
CA TYR B 725 -22.21 3.04 50.14
C TYR B 725 -22.48 1.93 49.14
N GLY B 726 -23.72 1.92 48.62
CA GLY B 726 -24.06 1.09 47.48
C GLY B 726 -25.01 1.83 46.56
N GLU B 727 -25.18 1.28 45.35
CA GLU B 727 -26.06 1.93 44.39
C GLU B 727 -26.53 0.90 43.36
N LEU B 728 -27.72 1.13 42.84
CA LEU B 728 -28.25 0.28 41.76
C LEU B 728 -29.26 1.07 40.95
N ASP B 729 -29.03 1.18 39.66
CA ASP B 729 -30.03 1.75 38.76
C ASP B 729 -31.09 0.72 38.43
N VAL B 730 -32.36 1.11 38.53
CA VAL B 730 -33.47 0.24 38.18
C VAL B 730 -34.40 0.99 37.26
N GLN B 731 -34.82 0.33 36.19
CA GLN B 731 -35.90 0.81 35.34
C GLN B 731 -37.16 0.03 35.70
N ILE B 732 -38.24 0.74 35.99
CA ILE B 732 -39.47 0.04 36.34
C ILE B 732 -40.57 0.22 35.27
N ILE C 4 25.26 12.12 -32.85
CA ILE C 4 26.26 11.57 -31.94
C ILE C 4 26.71 12.67 -30.98
N LEU C 5 26.58 12.42 -29.67
CA LEU C 5 27.07 13.37 -28.68
C LEU C 5 28.50 12.98 -28.28
N PRO C 6 29.49 13.85 -28.56
CA PRO C 6 30.88 13.52 -28.23
C PRO C 6 31.06 13.36 -26.71
N TRP C 7 31.98 12.45 -26.34
CA TRP C 7 32.16 12.12 -24.94
C TRP C 7 32.75 13.33 -24.22
N ILE D 4 17.15 38.55 28.16
CA ILE D 4 18.06 38.02 29.14
C ILE D 4 18.42 39.12 30.15
N LEU D 5 18.31 38.81 31.45
CA LEU D 5 18.69 39.75 32.49
C LEU D 5 20.13 39.45 32.92
N PRO D 6 21.05 40.40 32.75
CA PRO D 6 22.45 40.18 33.14
C PRO D 6 22.57 39.93 34.64
N TRP D 7 23.49 39.03 35.01
CA TRP D 7 23.61 38.55 36.37
C TRP D 7 24.04 39.65 37.33
#